data_7K4K
#
_entry.id   7K4K
#
_cell.length_a   53.550
_cell.length_b   287.100
_cell.length_c   67.000
_cell.angle_alpha   90.000
_cell.angle_beta   90.260
_cell.angle_gamma   90.000
#
_symmetry.space_group_name_H-M   'P 1 21 1'
#
loop_
_entity.id
_entity.type
_entity.pdbx_description
1 polymer Arginase-1
2 non-polymer 'MANGANESE (II) ION'
3 non-polymer 3-[(3~{a}~{S},4~{S},6~{a}~{R})-4-carboxy-2,3,4,5,6,6~{a}-hexahydro-1~{H}-pyrrolo[2,3-c]pyrrol-3~{a}-yl]propyl-$l^{3}-oxidanyl-bis(oxidanyl)boranuide
4 water water
#
_entity_poly.entity_id   1
_entity_poly.type   'polypeptide(L)'
_entity_poly.pdbx_seq_one_letter_code
;MSAKSRTIGIIGAPFSKGQPRGGVEEGPTVLRKAGLLEKLKEQECDVKDYGDLPFADIPNDSPFQIVKNPRSVGKASEQL
AGKVAEVKKNGRISLVLGGDHSLAIGSISGHARVHPDLGVIWVDAHTDINTPLTTTSGNLHGQPVSFLLKELKGKIPDVP
GFSWVTPCISAKDIVYIGLRDVDPGEHYILKTLGIKYFSMTEVDRLGIGKVMEETLSYLLGRKKRPIHLSFDVDGLDPSF
TPATGTPVVGGLTYREGLYITEEIYKTGLLSGLDIMEVNPSLGKTPEEVTRTVNTAVAITLACFGLAREGNHKPIDYLNP
PK
;
_entity_poly.pdbx_strand_id   A,B,C,D,E,F
#
loop_
_chem_comp.id
_chem_comp.type
_chem_comp.name
_chem_comp.formula
MN non-polymer 'MANGANESE (II) ION' 'Mn 2'
VUS non-polymer 3-[(3~{a}~{S},4~{S},6~{a}~{R})-4-carboxy-2,3,4,5,6,6~{a}-hexahydro-1~{H}-pyrrolo[2,3-c]pyrrol-3~{a}-yl]propyl-$l^{3}-oxidanyl-bis(oxidanyl)boranuide 'C10 H20 B N2 O5 -1'
#
# COMPACT_ATOMS: atom_id res chain seq x y z
N ALA A 3 25.12 40.14 14.61
CA ALA A 3 24.81 38.72 14.32
C ALA A 3 23.70 38.64 13.28
N LYS A 4 23.88 37.78 12.25
CA LYS A 4 22.90 37.59 11.16
C LYS A 4 21.46 37.36 11.69
N SER A 5 21.32 36.50 12.73
CA SER A 5 20.06 36.15 13.38
C SER A 5 19.32 37.34 14.06
N ARG A 6 20.06 38.44 14.30
CA ARG A 6 19.59 39.69 14.94
C ARG A 6 19.79 40.95 14.04
N THR A 7 19.80 40.75 12.70
CA THR A 7 20.00 41.83 11.70
C THR A 7 18.73 41.90 10.89
N ILE A 8 17.91 42.93 11.18
CA ILE A 8 16.54 43.11 10.70
C ILE A 8 16.27 44.31 9.77
N GLY A 9 15.43 44.07 8.78
CA GLY A 9 14.91 45.06 7.86
C GLY A 9 13.39 45.13 8.03
N ILE A 10 12.90 46.19 8.71
CA ILE A 10 11.47 46.43 9.00
C ILE A 10 10.72 46.96 7.78
N ILE A 11 9.65 46.28 7.37
CA ILE A 11 8.77 46.70 6.27
C ILE A 11 7.31 46.75 6.80
N GLY A 12 6.77 47.95 6.86
CA GLY A 12 5.38 48.17 7.24
C GLY A 12 4.50 47.95 6.02
N ALA A 13 3.46 47.14 6.16
CA ALA A 13 2.55 46.88 5.04
C ALA A 13 1.07 47.15 5.45
N PRO A 14 0.68 48.46 5.56
CA PRO A 14 -0.71 48.80 5.94
C PRO A 14 -1.72 48.49 4.82
N PHE A 15 -2.05 47.21 4.64
CA PHE A 15 -2.96 46.78 3.57
C PHE A 15 -4.07 45.92 4.11
N SER A 16 -5.31 46.16 3.65
CA SER A 16 -6.48 45.46 4.17
C SER A 16 -7.39 44.84 3.12
N LYS A 17 -7.20 45.15 1.84
CA LYS A 17 -8.13 44.73 0.79
C LYS A 17 -8.14 43.21 0.46
N GLY A 18 -7.29 42.41 1.11
CA GLY A 18 -7.33 40.96 0.98
C GLY A 18 -8.47 40.34 1.80
N GLN A 19 -9.17 41.18 2.58
CA GLN A 19 -10.28 40.76 3.44
C GLN A 19 -11.32 41.90 3.65
N PRO A 20 -12.57 41.63 4.13
CA PRO A 20 -13.56 42.72 4.22
C PRO A 20 -13.61 43.54 5.53
N ARG A 21 -12.76 43.25 6.53
CA ARG A 21 -12.83 44.00 7.79
C ARG A 21 -11.79 45.14 7.92
N GLY A 22 -12.29 46.36 8.09
CA GLY A 22 -11.46 47.55 8.25
C GLY A 22 -10.65 47.55 9.54
N GLY A 23 -9.43 48.08 9.47
CA GLY A 23 -8.54 48.20 10.61
C GLY A 23 -7.23 47.43 10.54
N VAL A 24 -7.17 46.33 9.75
CA VAL A 24 -5.96 45.52 9.65
C VAL A 24 -4.80 46.36 9.03
N GLU A 25 -5.14 47.45 8.31
CA GLU A 25 -4.14 48.40 7.78
C GLU A 25 -3.42 49.19 8.93
N GLU A 26 -4.00 49.25 10.13
CA GLU A 26 -3.37 49.94 11.27
C GLU A 26 -2.45 49.01 12.08
N GLY A 27 -2.32 47.76 11.63
CA GLY A 27 -1.43 46.76 12.23
C GLY A 27 0.02 47.25 12.35
N PRO A 28 0.66 47.75 11.27
CA PRO A 28 2.04 48.29 11.42
C PRO A 28 2.15 49.46 12.43
N THR A 29 1.12 50.32 12.46
CA THR A 29 1.04 51.49 13.33
C THR A 29 1.01 51.12 14.81
N VAL A 30 0.12 50.21 15.19
CA VAL A 30 -0.05 49.83 16.59
C VAL A 30 1.15 49.00 17.10
N LEU A 31 1.76 48.13 16.25
CA LEU A 31 2.95 47.37 16.63
C LEU A 31 4.14 48.31 16.89
N ARG A 32 4.28 49.36 16.05
CA ARG A 32 5.29 50.41 16.18
C ARG A 32 5.02 51.26 17.44
N LYS A 33 3.75 51.69 17.65
CA LYS A 33 3.33 52.52 18.80
C LYS A 33 3.74 51.85 20.10
N ALA A 34 3.56 50.50 20.18
CA ALA A 34 3.89 49.66 21.32
C ALA A 34 5.41 49.50 21.54
N GLY A 35 6.20 50.12 20.66
CA GLY A 35 7.66 50.19 20.75
C GLY A 35 8.44 48.95 20.35
N LEU A 36 8.07 48.32 19.23
CA LEU A 36 8.72 47.13 18.70
C LEU A 36 10.20 47.35 18.33
N LEU A 37 10.46 48.41 17.57
CA LEU A 37 11.80 48.73 17.08
C LEU A 37 12.79 48.98 18.23
N GLU A 38 12.37 49.79 19.20
CA GLU A 38 13.08 50.14 20.43
C GLU A 38 13.38 48.85 21.23
N LYS A 39 12.38 47.93 21.30
CA LYS A 39 12.48 46.65 22.01
C LYS A 39 13.48 45.70 21.35
N LEU A 40 13.53 45.67 20.00
CA LEU A 40 14.50 44.88 19.22
C LEU A 40 15.91 45.42 19.40
N LYS A 41 16.09 46.77 19.32
CA LYS A 41 17.37 47.43 19.55
C LYS A 41 17.95 47.13 20.95
N GLU A 42 17.06 47.02 21.97
CA GLU A 42 17.41 46.70 23.37
C GLU A 42 17.95 45.28 23.59
N GLN A 43 17.64 44.36 22.67
CA GLN A 43 18.10 42.97 22.76
C GLN A 43 19.19 42.65 21.70
N GLU A 44 20.05 43.66 21.46
CA GLU A 44 21.23 43.69 20.59
C GLU A 44 20.95 43.42 19.09
N CYS A 45 19.77 43.83 18.60
CA CYS A 45 19.44 43.70 17.17
C CYS A 45 19.87 44.93 16.37
N ASP A 46 20.44 44.71 15.15
CA ASP A 46 20.81 45.75 14.16
C ASP A 46 19.53 45.95 13.35
N VAL A 47 18.84 47.08 13.59
CA VAL A 47 17.54 47.37 13.00
C VAL A 47 17.58 48.51 11.99
N LYS A 48 17.17 48.24 10.76
CA LYS A 48 16.99 49.24 9.70
C LYS A 48 15.49 49.26 9.39
N ASP A 49 14.93 50.44 9.39
CA ASP A 49 13.52 50.69 9.12
C ASP A 49 13.35 51.13 7.67
N TYR A 50 12.76 50.23 6.86
CA TYR A 50 12.51 50.47 5.43
C TYR A 50 11.18 51.22 5.21
N GLY A 51 10.52 51.59 6.32
CA GLY A 51 9.26 52.35 6.35
C GLY A 51 8.00 51.56 6.07
N ASP A 52 6.86 52.27 6.03
CA ASP A 52 5.56 51.67 5.73
C ASP A 52 5.31 51.91 4.24
N LEU A 53 5.10 50.82 3.45
CA LEU A 53 4.89 50.91 2.00
C LEU A 53 3.66 51.71 1.63
N PRO A 54 3.74 52.57 0.58
CA PRO A 54 2.55 53.32 0.18
C PRO A 54 1.70 52.49 -0.79
N PHE A 55 0.44 52.24 -0.45
CA PHE A 55 -0.40 51.45 -1.34
C PHE A 55 -1.42 52.32 -2.06
N ALA A 56 -1.07 52.70 -3.30
CA ALA A 56 -1.89 53.53 -4.19
C ALA A 56 -3.27 52.91 -4.39
N ASP A 57 -4.30 53.77 -4.39
CA ASP A 57 -5.66 53.30 -4.59
C ASP A 57 -5.85 52.93 -6.04
N ILE A 58 -6.62 51.86 -6.28
CA ILE A 58 -6.93 51.40 -7.62
C ILE A 58 -8.42 51.54 -7.82
N PRO A 59 -8.84 52.58 -8.55
CA PRO A 59 -10.27 52.73 -8.87
C PRO A 59 -10.65 51.73 -9.96
N ASN A 60 -11.94 51.37 -10.03
CA ASN A 60 -12.46 50.39 -10.99
C ASN A 60 -11.78 49.02 -10.79
N ASP A 61 -11.56 48.66 -9.53
CA ASP A 61 -10.97 47.35 -9.26
C ASP A 61 -12.08 46.30 -9.19
N SER A 62 -12.60 45.96 -10.38
CA SER A 62 -13.67 45.00 -10.63
C SER A 62 -13.27 43.60 -10.13
N PRO A 63 -14.20 42.79 -9.60
CA PRO A 63 -13.80 41.47 -9.09
C PRO A 63 -13.43 40.47 -10.19
N PHE A 64 -12.59 39.48 -9.85
CA PHE A 64 -12.31 38.40 -10.80
C PHE A 64 -13.28 37.33 -10.35
N GLN A 65 -14.38 37.15 -11.11
CA GLN A 65 -15.47 36.23 -10.76
C GLN A 65 -16.06 36.69 -9.39
N ILE A 66 -15.76 35.96 -8.32
CA ILE A 66 -16.21 36.27 -6.96
C ILE A 66 -15.08 36.89 -6.11
N VAL A 67 -13.84 36.88 -6.64
CA VAL A 67 -12.61 37.32 -5.98
C VAL A 67 -12.54 38.84 -5.92
N LYS A 68 -12.54 39.41 -4.71
CA LYS A 68 -12.58 40.86 -4.46
C LYS A 68 -11.23 41.54 -4.52
N ASN A 69 -11.24 42.80 -5.04
CA ASN A 69 -10.08 43.73 -5.26
C ASN A 69 -8.83 43.01 -5.77
N PRO A 70 -8.88 42.32 -6.93
CA PRO A 70 -7.69 41.54 -7.38
C PRO A 70 -6.45 42.39 -7.75
N ARG A 71 -6.68 43.55 -8.41
CA ARG A 71 -5.62 44.47 -8.82
C ARG A 71 -4.94 45.12 -7.59
N SER A 72 -5.73 45.51 -6.57
CA SER A 72 -5.22 46.10 -5.31
C SER A 72 -4.31 45.12 -4.53
N VAL A 73 -4.79 43.89 -4.33
CA VAL A 73 -4.10 42.79 -3.63
C VAL A 73 -2.88 42.36 -4.43
N GLY A 74 -3.04 42.23 -5.75
CA GLY A 74 -1.98 41.86 -6.66
C GLY A 74 -0.85 42.84 -6.68
N LYS A 75 -1.16 44.17 -6.75
CA LYS A 75 -0.16 45.26 -6.76
C LYS A 75 0.50 45.44 -5.41
N ALA A 76 -0.25 45.28 -4.32
CA ALA A 76 0.32 45.42 -2.98
C ALA A 76 1.36 44.36 -2.74
N SER A 77 1.09 43.10 -3.16
CA SER A 77 2.03 41.99 -3.00
C SER A 77 3.25 42.20 -3.89
N GLU A 78 3.03 42.60 -5.16
CA GLU A 78 4.07 42.91 -6.15
C GLU A 78 5.00 43.99 -5.58
N GLN A 79 4.44 45.02 -4.93
CA GLN A 79 5.23 46.07 -4.31
C GLN A 79 6.08 45.44 -3.18
N LEU A 80 5.44 44.69 -2.24
CA LEU A 80 6.10 44.04 -1.10
C LEU A 80 7.21 43.07 -1.52
N ALA A 81 7.05 42.37 -2.66
CA ALA A 81 8.06 41.45 -3.21
C ALA A 81 9.35 42.20 -3.52
N GLY A 82 9.21 43.38 -4.15
CA GLY A 82 10.34 44.25 -4.49
C GLY A 82 11.07 44.75 -3.25
N LYS A 83 10.33 45.16 -2.22
CA LYS A 83 10.89 45.65 -0.97
C LYS A 83 11.55 44.52 -0.12
N VAL A 84 10.95 43.31 -0.11
CA VAL A 84 11.51 42.15 0.62
C VAL A 84 12.82 41.71 -0.02
N ALA A 85 12.87 41.67 -1.38
CA ALA A 85 14.09 41.27 -2.12
C ALA A 85 15.24 42.28 -1.93
N GLU A 86 14.91 43.58 -1.81
CA GLU A 86 15.86 44.66 -1.55
C GLU A 86 16.51 44.47 -0.16
N VAL A 87 15.70 44.11 0.84
CA VAL A 87 16.12 43.89 2.23
C VAL A 87 16.98 42.66 2.34
N LYS A 88 16.59 41.58 1.64
CA LYS A 88 17.34 40.33 1.61
C LYS A 88 18.71 40.56 0.97
N LYS A 89 18.78 41.37 -0.10
CA LYS A 89 20.02 41.74 -0.78
C LYS A 89 20.95 42.58 0.12
N ASN A 90 20.39 43.20 1.17
CA ASN A 90 21.15 43.94 2.19
C ASN A 90 21.71 43.04 3.29
N GLY A 91 21.45 41.73 3.21
CA GLY A 91 21.91 40.73 4.16
C GLY A 91 21.18 40.81 5.49
N ARG A 92 19.92 41.24 5.46
CA ARG A 92 19.06 41.40 6.62
C ARG A 92 17.89 40.47 6.52
N ILE A 93 17.33 40.05 7.67
CA ILE A 93 16.12 39.21 7.76
C ILE A 93 14.98 40.23 7.52
N SER A 94 14.01 39.90 6.64
CA SER A 94 12.88 40.80 6.41
C SER A 94 11.81 40.53 7.46
N LEU A 95 11.28 41.62 8.04
CA LEU A 95 10.23 41.60 9.05
C LEU A 95 9.10 42.47 8.51
N VAL A 96 8.02 41.79 8.08
CA VAL A 96 6.82 42.37 7.51
C VAL A 96 5.77 42.54 8.61
N LEU A 97 5.30 43.78 8.79
CA LEU A 97 4.27 44.16 9.74
C LEU A 97 2.99 44.39 8.95
N GLY A 98 2.06 43.44 9.05
CA GLY A 98 0.80 43.48 8.33
C GLY A 98 -0.35 44.13 9.06
N GLY A 99 -1.49 44.30 8.40
CA GLY A 99 -1.73 43.86 7.02
C GLY A 99 -2.30 42.45 6.96
N ASP A 100 -3.21 42.18 6.01
CA ASP A 100 -3.80 40.83 5.91
C ASP A 100 -2.79 39.84 5.31
N HIS A 101 -3.07 38.53 5.46
CA HIS A 101 -2.20 37.45 5.02
C HIS A 101 -2.00 37.28 3.49
N SER A 102 -2.76 37.98 2.65
CA SER A 102 -2.58 37.86 1.19
C SER A 102 -1.22 38.40 0.79
N LEU A 103 -0.66 39.30 1.63
CA LEU A 103 0.66 39.92 1.43
C LEU A 103 1.78 38.85 1.49
N ALA A 104 1.47 37.64 1.97
CA ALA A 104 2.42 36.54 2.01
C ALA A 104 2.81 36.11 0.56
N ILE A 105 1.99 36.52 -0.44
CA ILE A 105 2.31 36.27 -1.86
C ILE A 105 3.59 37.05 -2.13
N GLY A 106 3.59 38.35 -1.79
CA GLY A 106 4.70 39.26 -1.98
C GLY A 106 5.90 38.97 -1.10
N SER A 107 5.62 38.68 0.18
CA SER A 107 6.65 38.41 1.16
C SER A 107 7.49 37.16 0.84
N ILE A 108 6.83 36.03 0.56
CA ILE A 108 7.56 34.79 0.25
C ILE A 108 8.20 34.90 -1.15
N SER A 109 7.47 35.44 -2.17
CA SER A 109 7.98 35.63 -3.53
C SER A 109 9.28 36.45 -3.54
N GLY A 110 9.28 37.58 -2.85
CA GLY A 110 10.43 38.48 -2.74
C GLY A 110 11.60 37.82 -2.07
N HIS A 111 11.32 37.04 -1.01
CA HIS A 111 12.33 36.31 -0.25
C HIS A 111 12.97 35.19 -1.11
N ALA A 112 12.14 34.38 -1.81
CA ALA A 112 12.62 33.31 -2.70
C ALA A 112 13.44 33.82 -3.91
N ARG A 113 13.29 35.10 -4.25
CA ARG A 113 14.07 35.71 -5.33
C ARG A 113 15.59 35.71 -4.99
N VAL A 114 15.91 35.90 -3.71
CA VAL A 114 17.29 35.95 -3.21
C VAL A 114 17.66 34.61 -2.57
N HIS A 115 16.66 33.88 -2.08
CA HIS A 115 16.86 32.61 -1.41
C HIS A 115 15.89 31.54 -1.98
N PRO A 116 16.12 31.04 -3.23
CA PRO A 116 15.22 30.03 -3.81
C PRO A 116 15.05 28.71 -3.06
N ASP A 117 16.01 28.39 -2.19
CA ASP A 117 16.02 27.16 -1.37
C ASP A 117 15.28 27.33 -0.02
N LEU A 118 14.48 28.40 0.14
CA LEU A 118 13.79 28.62 1.42
C LEU A 118 12.69 27.56 1.80
N GLY A 119 12.50 27.43 3.11
CA GLY A 119 11.50 26.57 3.72
C GLY A 119 10.55 27.43 4.52
N VAL A 120 9.24 27.20 4.35
CA VAL A 120 8.21 28.01 5.00
C VAL A 120 7.55 27.31 6.19
N ILE A 121 7.45 28.04 7.32
CA ILE A 121 6.68 27.64 8.50
C ILE A 121 5.48 28.60 8.54
N TRP A 122 4.28 28.05 8.37
CA TRP A 122 3.02 28.79 8.34
C TRP A 122 2.25 28.58 9.65
N VAL A 123 2.27 29.58 10.57
CA VAL A 123 1.54 29.49 11.86
C VAL A 123 0.19 30.21 11.73
N ASP A 124 -0.90 29.42 11.68
CA ASP A 124 -2.22 29.95 11.41
C ASP A 124 -3.29 29.00 11.89
N ALA A 125 -4.53 29.50 12.01
CA ALA A 125 -5.71 28.67 12.29
C ALA A 125 -6.21 28.09 10.95
N HIS A 126 -5.69 28.67 9.84
CA HIS A 126 -6.09 28.43 8.45
C HIS A 126 -4.96 28.06 7.51
N THR A 127 -5.27 27.33 6.42
CA THR A 127 -4.28 26.96 5.43
C THR A 127 -4.04 28.06 4.42
N ASP A 128 -5.04 28.96 4.19
CA ASP A 128 -4.97 30.07 3.21
C ASP A 128 -4.50 29.58 1.86
N ILE A 129 -4.99 28.39 1.45
CA ILE A 129 -4.57 27.68 0.24
C ILE A 129 -5.71 27.52 -0.77
N ASN A 130 -6.84 28.23 -0.55
CA ASN A 130 -7.95 28.23 -1.49
C ASN A 130 -7.47 28.85 -2.81
N THR A 131 -7.97 28.36 -3.96
CA THR A 131 -7.55 28.97 -5.23
C THR A 131 -8.61 30.01 -5.61
N PRO A 132 -8.41 30.90 -6.62
CA PRO A 132 -9.49 31.81 -7.02
C PRO A 132 -10.77 31.09 -7.47
N LEU A 133 -10.69 29.75 -7.67
CA LEU A 133 -11.80 28.90 -8.09
C LEU A 133 -12.40 28.04 -6.97
N THR A 134 -11.63 27.72 -5.89
CA THR A 134 -12.16 26.92 -4.76
C THR A 134 -12.79 27.83 -3.68
N THR A 135 -12.33 29.10 -3.60
CA THR A 135 -12.80 30.10 -2.64
C THR A 135 -14.33 30.26 -2.69
N THR A 136 -14.96 30.45 -1.51
CA THR A 136 -16.41 30.66 -1.42
C THR A 136 -16.73 32.11 -0.96
N SER A 137 -15.75 32.80 -0.36
CA SER A 137 -15.84 34.18 0.11
C SER A 137 -15.26 35.15 -0.92
N GLY A 138 -14.31 34.67 -1.71
CA GLY A 138 -13.59 35.47 -2.70
C GLY A 138 -12.54 36.39 -2.09
N ASN A 139 -12.21 36.20 -0.78
CA ASN A 139 -11.22 37.00 -0.03
C ASN A 139 -9.83 36.48 -0.24
N LEU A 140 -8.95 37.31 -0.84
CA LEU A 140 -7.61 36.85 -1.21
C LEU A 140 -6.68 36.50 -0.03
N HIS A 141 -6.94 36.99 1.22
CA HIS A 141 -6.15 36.60 2.39
C HIS A 141 -6.25 35.07 2.69
N GLY A 142 -7.29 34.40 2.16
CA GLY A 142 -7.52 32.97 2.32
C GLY A 142 -7.02 32.18 1.12
N GLN A 143 -6.21 32.83 0.25
CA GLN A 143 -5.67 32.24 -0.99
C GLN A 143 -4.13 32.35 -1.23
N PRO A 144 -3.28 32.98 -0.37
CA PRO A 144 -1.88 33.20 -0.79
C PRO A 144 -1.07 31.96 -1.17
N VAL A 145 -1.11 30.87 -0.37
CA VAL A 145 -0.35 29.63 -0.61
C VAL A 145 -0.60 29.07 -2.04
N SER A 146 -1.85 29.08 -2.52
CA SER A 146 -2.22 28.61 -3.87
C SER A 146 -1.43 29.32 -4.99
N PHE A 147 -1.09 30.61 -4.80
CA PHE A 147 -0.34 31.38 -5.80
C PHE A 147 1.15 31.06 -5.75
N LEU A 148 1.64 30.64 -4.56
CA LEU A 148 3.04 30.34 -4.27
C LEU A 148 3.46 28.91 -4.66
N LEU A 149 2.51 27.94 -4.57
CA LEU A 149 2.75 26.52 -4.82
C LEU A 149 2.97 26.14 -6.27
N LYS A 150 4.16 25.57 -6.55
CA LYS A 150 4.57 25.12 -7.87
C LYS A 150 3.61 24.08 -8.41
N GLU A 151 3.18 23.11 -7.56
CA GLU A 151 2.27 22.01 -7.89
C GLU A 151 0.85 22.47 -8.21
N LEU A 152 0.52 23.75 -7.99
CA LEU A 152 -0.80 24.25 -8.32
C LEU A 152 -0.77 25.08 -9.61
N LYS A 153 0.33 25.00 -10.37
CA LYS A 153 0.46 25.68 -11.68
C LYS A 153 -0.48 24.93 -12.64
N GLY A 154 -1.36 25.68 -13.28
CA GLY A 154 -2.37 25.11 -14.16
C GLY A 154 -3.73 25.13 -13.48
N LYS A 155 -3.72 25.23 -12.14
CA LYS A 155 -4.93 25.30 -11.32
C LYS A 155 -5.29 26.74 -11.00
N ILE A 156 -4.33 27.66 -11.16
CA ILE A 156 -4.57 29.07 -10.88
C ILE A 156 -4.81 29.78 -12.22
N PRO A 157 -5.98 30.41 -12.43
CA PRO A 157 -6.21 31.09 -13.72
C PRO A 157 -5.52 32.46 -13.79
N ASP A 158 -5.58 33.13 -14.97
CA ASP A 158 -5.03 34.47 -15.17
C ASP A 158 -5.91 35.48 -14.42
N VAL A 159 -5.55 35.75 -13.15
CA VAL A 159 -6.28 36.71 -12.32
C VAL A 159 -5.60 38.08 -12.50
N PRO A 160 -6.38 39.16 -12.84
CA PRO A 160 -5.76 40.49 -12.96
C PRO A 160 -5.03 40.87 -11.67
N GLY A 161 -3.83 41.44 -11.86
CA GLY A 161 -2.92 41.88 -10.80
C GLY A 161 -1.85 40.87 -10.40
N PHE A 162 -1.93 39.64 -10.93
CA PHE A 162 -1.02 38.54 -10.55
C PHE A 162 -0.17 37.93 -11.68
N SER A 163 -0.13 38.56 -12.85
CA SER A 163 0.64 38.14 -14.02
C SER A 163 2.16 38.07 -13.72
N TRP A 164 2.64 38.90 -12.75
CA TRP A 164 4.04 38.99 -12.29
C TRP A 164 4.48 37.77 -11.45
N VAL A 165 3.52 37.05 -10.85
CA VAL A 165 3.74 35.90 -9.95
C VAL A 165 4.29 34.68 -10.68
N THR A 166 5.31 34.08 -10.09
CA THR A 166 5.93 32.83 -10.52
C THR A 166 5.87 31.90 -9.29
N PRO A 167 5.18 30.73 -9.37
CA PRO A 167 5.17 29.80 -8.21
C PRO A 167 6.61 29.51 -7.77
N CYS A 168 6.93 29.72 -6.48
CA CYS A 168 8.32 29.60 -6.01
C CYS A 168 8.56 28.54 -4.92
N ILE A 169 7.51 27.93 -4.36
CA ILE A 169 7.74 26.93 -3.33
C ILE A 169 7.05 25.60 -3.71
N SER A 170 7.67 24.47 -3.35
CA SER A 170 7.07 23.17 -3.59
C SER A 170 6.22 22.82 -2.38
N ALA A 171 5.22 21.96 -2.60
CA ALA A 171 4.30 21.50 -1.56
C ALA A 171 5.04 20.82 -0.40
N LYS A 172 6.28 20.35 -0.66
CA LYS A 172 7.19 19.69 0.27
C LYS A 172 8.04 20.67 1.09
N ASP A 173 8.01 21.96 0.74
CA ASP A 173 8.83 22.99 1.37
C ASP A 173 8.11 23.83 2.42
N ILE A 174 6.86 23.50 2.76
CA ILE A 174 6.02 24.24 3.72
C ILE A 174 5.52 23.33 4.83
N VAL A 175 5.44 23.88 6.07
CA VAL A 175 4.90 23.19 7.24
C VAL A 175 3.88 24.13 7.94
N TYR A 176 2.63 23.66 8.12
CA TYR A 176 1.57 24.41 8.82
C TYR A 176 1.54 24.04 10.30
N ILE A 177 1.30 25.05 11.17
CA ILE A 177 1.15 24.83 12.61
C ILE A 177 -0.07 25.59 13.13
N GLY A 178 -0.98 24.87 13.79
CA GLY A 178 -2.12 25.46 14.46
C GLY A 178 -3.47 25.38 13.78
N LEU A 179 -3.56 24.71 12.62
CA LEU A 179 -4.78 24.57 11.83
C LEU A 179 -5.98 24.03 12.59
N ARG A 180 -7.13 24.66 12.41
CA ARG A 180 -8.38 24.23 13.06
C ARG A 180 -9.64 24.66 12.29
N ASP A 181 -9.48 25.42 11.18
CA ASP A 181 -10.58 25.90 10.32
C ASP A 181 -10.17 25.80 8.84
N VAL A 182 -10.24 24.58 8.29
CA VAL A 182 -9.83 24.22 6.94
C VAL A 182 -11.02 23.89 6.06
N ASP A 183 -11.23 24.67 4.97
CA ASP A 183 -12.32 24.48 4.01
C ASP A 183 -12.18 23.15 3.23
N PRO A 184 -13.28 22.56 2.71
CA PRO A 184 -13.16 21.27 1.99
C PRO A 184 -12.14 21.22 0.86
N GLY A 185 -12.18 22.23 -0.01
CA GLY A 185 -11.25 22.38 -1.13
C GLY A 185 -9.80 22.45 -0.65
N GLU A 186 -9.56 23.17 0.49
CA GLU A 186 -8.25 23.33 1.10
C GLU A 186 -7.76 21.96 1.66
N HIS A 187 -8.65 21.27 2.41
CA HIS A 187 -8.36 19.95 2.98
C HIS A 187 -8.05 18.94 1.88
N TYR A 188 -8.78 19.03 0.75
CA TYR A 188 -8.54 18.20 -0.43
C TYR A 188 -7.15 18.49 -1.02
N ILE A 189 -6.76 19.79 -1.16
CA ILE A 189 -5.44 20.19 -1.70
C ILE A 189 -4.31 19.64 -0.80
N LEU A 190 -4.51 19.72 0.53
CA LEU A 190 -3.62 19.24 1.59
C LEU A 190 -3.29 17.74 1.44
N LYS A 191 -4.30 16.90 1.13
CA LYS A 191 -4.18 15.45 0.96
C LYS A 191 -3.60 15.01 -0.38
N THR A 192 -4.08 15.62 -1.50
CA THR A 192 -3.63 15.30 -2.87
C THR A 192 -2.21 15.80 -3.17
N LEU A 193 -1.74 16.83 -2.42
CA LEU A 193 -0.40 17.39 -2.63
C LEU A 193 0.61 16.93 -1.60
N GLY A 194 0.13 16.16 -0.63
CA GLY A 194 0.95 15.58 0.46
C GLY A 194 1.70 16.61 1.28
N ILE A 195 0.98 17.68 1.67
CA ILE A 195 1.54 18.79 2.45
C ILE A 195 1.61 18.39 3.92
N LYS A 196 2.75 18.69 4.53
CA LYS A 196 3.02 18.43 5.95
C LYS A 196 2.36 19.56 6.79
N TYR A 197 1.52 19.16 7.73
CA TYR A 197 0.82 20.07 8.63
C TYR A 197 0.73 19.46 10.01
N PHE A 198 0.56 20.32 11.02
CA PHE A 198 0.30 19.96 12.40
C PHE A 198 -0.92 20.78 12.76
N SER A 199 -2.12 20.19 12.60
CA SER A 199 -3.35 20.89 12.98
C SER A 199 -3.41 20.88 14.52
N MET A 200 -4.36 21.58 15.15
CA MET A 200 -4.46 21.56 16.62
C MET A 200 -4.49 20.13 17.17
N THR A 201 -5.01 19.18 16.37
CA THR A 201 -5.15 17.75 16.67
C THR A 201 -3.78 17.11 16.90
N GLU A 202 -2.79 17.43 16.03
CA GLU A 202 -1.40 16.93 16.13
C GLU A 202 -0.68 17.60 17.29
N VAL A 203 -0.86 18.91 17.49
CA VAL A 203 -0.27 19.67 18.61
C VAL A 203 -0.76 19.05 19.93
N ASP A 204 -2.05 18.66 19.96
CA ASP A 204 -2.71 18.00 21.09
C ASP A 204 -2.13 16.61 21.36
N ARG A 205 -1.98 15.79 20.29
CA ARG A 205 -1.46 14.43 20.36
C ARG A 205 0.01 14.36 20.76
N LEU A 206 0.83 15.23 20.16
CA LEU A 206 2.28 15.22 20.25
C LEU A 206 2.93 16.14 21.27
N GLY A 207 2.32 17.30 21.50
CA GLY A 207 2.91 18.35 22.34
C GLY A 207 3.73 19.28 21.48
N ILE A 208 3.80 20.60 21.85
CA ILE A 208 4.55 21.60 21.05
C ILE A 208 6.07 21.26 20.87
N GLY A 209 6.62 20.43 21.76
CA GLY A 209 8.01 20.00 21.74
C GLY A 209 8.31 19.12 20.54
N LYS A 210 7.51 18.05 20.39
CA LYS A 210 7.56 17.09 19.29
C LYS A 210 7.24 17.75 17.97
N VAL A 211 6.24 18.67 17.97
CA VAL A 211 5.84 19.41 16.78
C VAL A 211 7.05 20.14 16.21
N MET A 212 7.78 20.88 17.06
CA MET A 212 8.95 21.66 16.69
C MET A 212 10.16 20.82 16.29
N GLU A 213 10.36 19.65 16.97
CA GLU A 213 11.43 18.73 16.60
C GLU A 213 11.16 18.25 15.17
N GLU A 214 9.92 17.79 14.92
CA GLU A 214 9.46 17.27 13.63
C GLU A 214 9.41 18.30 12.52
N THR A 215 8.98 19.56 12.83
CA THR A 215 8.89 20.67 11.87
C THR A 215 10.27 21.01 11.36
N LEU A 216 11.23 21.18 12.30
CA LEU A 216 12.61 21.53 11.97
C LEU A 216 13.34 20.42 11.25
N SER A 217 13.17 19.17 11.68
CA SER A 217 13.85 18.06 10.98
C SER A 217 13.29 17.80 9.55
N TYR A 218 11.97 18.08 9.31
CA TYR A 218 11.32 17.91 8.00
C TYR A 218 11.90 18.90 6.98
N LEU A 219 12.08 20.16 7.40
CA LEU A 219 12.62 21.23 6.55
C LEU A 219 14.13 21.24 6.44
N LEU A 220 14.85 20.88 7.51
CA LEU A 220 16.30 20.99 7.61
C LEU A 220 17.12 19.69 7.66
N GLY A 221 16.47 18.53 7.65
CA GLY A 221 17.13 17.23 7.76
C GLY A 221 18.29 16.97 6.81
N ARG A 222 18.07 17.24 5.51
CA ARG A 222 19.00 17.07 4.39
C ARG A 222 20.27 17.95 4.53
N LYS A 223 20.08 19.19 5.03
CA LYS A 223 21.09 20.22 5.26
C LYS A 223 20.37 21.49 5.68
N LYS A 224 21.12 22.47 6.21
CA LYS A 224 20.60 23.78 6.58
C LYS A 224 20.11 24.50 5.33
N ARG A 225 19.06 25.33 5.50
CA ARG A 225 18.41 26.13 4.45
C ARG A 225 17.69 27.30 5.09
N PRO A 226 17.49 28.46 4.39
CA PRO A 226 16.80 29.59 5.05
C PRO A 226 15.35 29.25 5.40
N ILE A 227 14.86 29.78 6.54
CA ILE A 227 13.47 29.60 7.00
C ILE A 227 12.71 30.94 6.90
N HIS A 228 11.48 30.87 6.38
CA HIS A 228 10.52 31.96 6.30
C HIS A 228 9.38 31.54 7.22
N LEU A 229 9.17 32.30 8.31
CA LEU A 229 8.07 32.07 9.23
C LEU A 229 6.93 33.06 8.91
N SER A 230 5.79 32.55 8.46
CA SER A 230 4.63 33.42 8.20
C SER A 230 3.70 33.19 9.36
N PHE A 231 3.58 34.19 10.23
CA PHE A 231 2.81 34.12 11.47
C PHE A 231 1.51 34.92 11.46
N ASP A 232 0.37 34.21 11.42
CA ASP A 232 -0.94 34.84 11.50
C ASP A 232 -1.31 34.80 12.97
N VAL A 233 -1.59 35.97 13.60
CA VAL A 233 -1.88 36.01 15.04
C VAL A 233 -3.08 35.14 15.45
N ASP A 234 -3.98 34.80 14.49
CA ASP A 234 -5.16 33.98 14.77
C ASP A 234 -4.79 32.49 14.91
N GLY A 235 -3.51 32.14 14.70
CA GLY A 235 -2.97 30.81 14.93
C GLY A 235 -3.00 30.56 16.43
N LEU A 236 -2.87 31.64 17.20
CA LEU A 236 -2.95 31.67 18.65
C LEU A 236 -4.42 31.81 19.04
N ASP A 237 -4.74 31.34 20.23
CA ASP A 237 -6.11 31.38 20.73
C ASP A 237 -6.64 32.80 20.93
N PRO A 238 -7.93 33.06 20.57
CA PRO A 238 -8.54 34.40 20.79
C PRO A 238 -8.48 34.96 22.23
N SER A 239 -8.12 34.15 23.24
CA SER A 239 -7.95 34.61 24.61
C SER A 239 -6.62 35.42 24.74
N PHE A 240 -5.64 35.21 23.81
CA PHE A 240 -4.37 35.96 23.76
C PHE A 240 -4.34 37.00 22.63
N THR A 241 -4.91 36.66 21.46
CA THR A 241 -4.98 37.56 20.30
C THR A 241 -6.46 37.80 19.84
N PRO A 242 -7.33 38.46 20.65
CA PRO A 242 -8.72 38.67 20.20
C PRO A 242 -8.91 39.68 19.06
N ALA A 243 -8.05 40.73 18.98
CA ALA A 243 -8.16 41.76 17.95
C ALA A 243 -7.64 41.31 16.56
N THR A 244 -8.35 40.35 15.95
CA THR A 244 -8.03 39.74 14.64
C THR A 244 -9.36 39.45 13.92
N GLY A 245 -9.31 39.38 12.59
CA GLY A 245 -10.49 39.22 11.75
C GLY A 245 -11.23 37.91 11.73
N THR A 246 -10.49 36.78 11.77
CA THR A 246 -11.08 35.45 11.67
C THR A 246 -10.64 34.58 12.87
N PRO A 247 -11.17 34.87 14.09
CA PRO A 247 -10.76 34.11 15.27
C PRO A 247 -11.43 32.75 15.48
N VAL A 248 -10.62 31.71 15.83
CA VAL A 248 -11.12 30.34 16.08
C VAL A 248 -10.70 29.87 17.47
N VAL A 249 -11.68 29.41 18.27
CA VAL A 249 -11.46 28.83 19.63
C VAL A 249 -10.53 27.60 19.61
N GLY A 250 -9.91 27.29 20.75
CA GLY A 250 -9.01 26.13 20.90
C GLY A 250 -7.67 26.27 20.18
N GLY A 251 -7.14 27.48 20.15
CA GLY A 251 -5.88 27.76 19.46
C GLY A 251 -4.63 27.55 20.27
N LEU A 252 -3.48 27.84 19.65
CA LEU A 252 -2.19 27.74 20.33
C LEU A 252 -2.16 28.71 21.51
N THR A 253 -1.52 28.31 22.60
CA THR A 253 -1.44 29.12 23.82
C THR A 253 -0.34 30.18 23.63
N TYR A 254 -0.20 31.10 24.60
CA TYR A 254 0.80 32.16 24.59
C TYR A 254 2.15 31.49 24.66
N ARG A 255 2.27 30.45 25.53
CA ARG A 255 3.46 29.64 25.71
C ARG A 255 3.87 28.95 24.41
N GLU A 256 2.93 28.25 23.75
CA GLU A 256 3.21 27.54 22.50
C GLU A 256 3.76 28.45 21.43
N GLY A 257 3.18 29.65 21.30
CA GLY A 257 3.60 30.69 20.37
C GLY A 257 5.06 31.04 20.56
N LEU A 258 5.46 31.33 21.82
CA LEU A 258 6.84 31.62 22.20
C LEU A 258 7.73 30.42 21.98
N TYR A 259 7.26 29.20 22.32
CA TYR A 259 8.08 28.01 22.12
C TYR A 259 8.44 27.83 20.65
N ILE A 260 7.46 27.96 19.74
CA ILE A 260 7.70 27.89 18.29
C ILE A 260 8.78 28.93 17.88
N THR A 261 8.62 30.18 18.31
CA THR A 261 9.49 31.27 17.85
C THR A 261 10.86 31.22 18.52
N GLU A 262 10.95 30.76 19.79
CA GLU A 262 12.24 30.53 20.49
C GLU A 262 13.02 29.40 19.80
N GLU A 263 12.31 28.34 19.40
CA GLU A 263 12.94 27.21 18.71
C GLU A 263 13.47 27.62 17.35
N ILE A 264 12.74 28.49 16.66
CA ILE A 264 13.15 28.97 15.33
C ILE A 264 14.37 29.88 15.44
N TYR A 265 14.44 30.72 16.52
CA TYR A 265 15.59 31.59 16.74
C TYR A 265 16.85 30.77 16.90
N LYS A 266 16.79 29.72 17.73
CA LYS A 266 17.90 28.82 18.10
C LYS A 266 18.59 28.18 16.91
N THR A 267 17.85 27.86 15.83
CA THR A 267 18.44 27.32 14.60
C THR A 267 19.38 28.34 13.97
N GLY A 268 19.07 29.63 14.13
CA GLY A 268 19.81 30.72 13.52
C GLY A 268 19.55 30.84 12.03
N LEU A 269 18.51 30.14 11.52
CA LEU A 269 18.13 30.10 10.11
C LEU A 269 16.93 30.98 9.74
N LEU A 270 16.40 31.79 10.69
CA LEU A 270 15.30 32.70 10.34
C LEU A 270 15.83 33.72 9.33
N SER A 271 15.17 33.78 8.16
CA SER A 271 15.56 34.61 7.02
C SER A 271 14.42 35.57 6.62
N GLY A 272 13.18 35.17 6.90
CA GLY A 272 12.00 35.98 6.61
C GLY A 272 10.93 35.79 7.67
N LEU A 273 10.21 36.88 7.99
CA LEU A 273 9.16 36.88 9.02
C LEU A 273 8.03 37.82 8.65
N ASP A 274 6.79 37.34 8.84
CA ASP A 274 5.54 38.08 8.67
C ASP A 274 4.79 38.04 10.00
N ILE A 275 4.24 39.19 10.44
CA ILE A 275 3.40 39.37 11.62
C ILE A 275 2.11 39.88 11.01
N MET A 276 1.16 38.96 10.83
CA MET A 276 -0.06 39.25 10.10
C MET A 276 -1.36 39.18 10.88
N GLU A 277 -2.37 39.90 10.33
CA GLU A 277 -3.78 39.91 10.73
C GLU A 277 -4.06 40.57 12.08
N VAL A 278 -3.17 41.46 12.58
CA VAL A 278 -3.50 42.20 13.81
C VAL A 278 -4.46 43.30 13.38
N ASN A 279 -5.67 43.31 13.93
CA ASN A 279 -6.63 44.35 13.59
C ASN A 279 -7.06 45.08 14.87
N PRO A 280 -6.46 46.30 15.10
CA PRO A 280 -6.76 47.06 16.32
C PRO A 280 -8.18 47.64 16.44
N SER A 281 -8.97 47.61 15.35
CA SER A 281 -10.34 48.12 15.42
C SER A 281 -11.33 47.00 15.69
N LEU A 282 -10.79 45.78 15.95
CA LEU A 282 -11.56 44.58 16.25
C LEU A 282 -11.46 44.11 17.71
N GLY A 283 -11.01 44.98 18.58
CA GLY A 283 -11.04 44.69 20.01
C GLY A 283 -12.42 45.01 20.57
N LYS A 284 -12.89 44.24 21.58
CA LYS A 284 -14.17 44.52 22.25
C LYS A 284 -13.95 45.67 23.25
N THR A 285 -12.76 45.67 23.88
CA THR A 285 -12.32 46.66 24.87
C THR A 285 -10.92 47.17 24.47
N PRO A 286 -10.47 48.38 24.87
CA PRO A 286 -9.08 48.78 24.55
C PRO A 286 -8.03 47.77 25.05
N GLU A 287 -8.32 47.07 26.17
CA GLU A 287 -7.44 46.04 26.74
C GLU A 287 -7.29 44.82 25.77
N GLU A 288 -8.37 44.47 25.01
CA GLU A 288 -8.30 43.38 24.03
C GLU A 288 -7.26 43.69 22.98
N VAL A 289 -7.25 44.96 22.51
CA VAL A 289 -6.29 45.49 21.54
C VAL A 289 -4.87 45.39 22.11
N THR A 290 -4.61 46.01 23.30
CA THR A 290 -3.27 45.94 23.93
C THR A 290 -2.83 44.49 24.18
N ARG A 291 -3.78 43.56 24.42
CA ARG A 291 -3.45 42.16 24.63
C ARG A 291 -3.01 41.53 23.32
N THR A 292 -3.62 41.92 22.20
CA THR A 292 -3.25 41.34 20.90
C THR A 292 -1.88 41.85 20.50
N VAL A 293 -1.66 43.15 20.62
CA VAL A 293 -0.42 43.84 20.28
C VAL A 293 0.74 43.33 21.10
N ASN A 294 0.62 43.33 22.44
CA ASN A 294 1.63 42.80 23.36
C ASN A 294 1.98 41.35 23.03
N THR A 295 0.97 40.52 22.69
CA THR A 295 1.24 39.12 22.32
C THR A 295 2.05 39.08 21.01
N ALA A 296 1.63 39.89 20.01
CA ALA A 296 2.29 39.98 18.70
C ALA A 296 3.74 40.47 18.81
N VAL A 297 4.01 41.38 19.79
CA VAL A 297 5.36 41.91 20.06
C VAL A 297 6.23 40.83 20.69
N ALA A 298 5.69 40.17 21.71
CA ALA A 298 6.33 39.06 22.44
C ALA A 298 6.83 37.98 21.49
N ILE A 299 5.99 37.55 20.53
CA ILE A 299 6.30 36.58 19.46
C ILE A 299 7.46 37.08 18.58
N THR A 300 7.40 38.37 18.15
CA THR A 300 8.42 39.03 17.31
C THR A 300 9.79 39.05 18.02
N LEU A 301 9.82 39.45 19.31
CA LEU A 301 11.06 39.51 20.09
C LEU A 301 11.71 38.13 20.28
N ALA A 302 10.87 37.07 20.43
CA ALA A 302 11.36 35.69 20.57
C ALA A 302 12.00 35.20 19.25
N CYS A 303 11.57 35.76 18.09
CA CYS A 303 12.14 35.41 16.79
C CYS A 303 13.55 35.96 16.65
N PHE A 304 13.91 36.92 17.53
CA PHE A 304 15.20 37.60 17.48
C PHE A 304 16.01 37.49 18.79
N GLY A 305 15.76 36.43 19.55
CA GLY A 305 16.58 36.12 20.72
C GLY A 305 16.05 36.19 22.12
N LEU A 306 14.97 37.00 22.37
CA LEU A 306 14.40 37.10 23.71
C LEU A 306 13.98 35.71 24.17
N ALA A 307 14.60 35.22 25.27
CA ALA A 307 14.39 33.89 25.81
C ALA A 307 13.80 33.96 27.21
N ARG A 308 12.76 33.13 27.46
CA ARG A 308 12.08 33.09 28.75
C ARG A 308 13.00 32.73 29.91
N GLU A 309 14.03 31.87 29.62
CA GLU A 309 15.03 31.45 30.60
C GLU A 309 15.97 32.61 31.00
N GLY A 310 15.96 33.68 30.18
CA GLY A 310 16.78 34.86 30.39
C GLY A 310 17.78 35.07 29.26
N ASN A 311 18.37 36.26 29.24
CA ASN A 311 19.36 36.71 28.27
C ASN A 311 20.46 37.52 28.97
N HIS A 312 21.73 37.34 28.57
CA HIS A 312 22.83 38.15 29.10
C HIS A 312 23.88 38.48 28.01
N LYS A 313 24.47 39.69 28.13
CA LYS A 313 25.52 40.21 27.24
C LYS A 313 26.83 39.45 27.50
N PRO A 314 27.73 39.28 26.50
CA PRO A 314 28.96 38.48 26.74
C PRO A 314 30.06 39.12 27.63
N ILE A 315 29.68 39.59 28.82
CA ILE A 315 30.53 40.18 29.85
C ILE A 315 30.42 39.41 31.21
N ASP A 316 31.20 39.83 32.24
CA ASP A 316 31.19 39.22 33.58
C ASP A 316 30.34 40.07 34.49
N TYR A 317 29.17 39.55 34.88
CA TYR A 317 28.23 40.26 35.73
C TYR A 317 28.60 40.22 37.20
N LEU A 318 29.40 39.22 37.63
CA LEU A 318 29.85 39.06 39.02
C LEU A 318 31.10 39.94 39.34
N ASN A 319 31.44 40.85 38.42
CA ASN A 319 32.56 41.81 38.49
C ASN A 319 32.03 43.25 38.35
N ALA B 3 -23.25 6.45 6.31
CA ALA B 3 -22.22 5.61 6.90
C ALA B 3 -22.50 5.37 8.38
N LYS B 4 -22.25 4.15 8.89
CA LYS B 4 -22.55 3.72 10.27
C LYS B 4 -22.10 4.70 11.36
N SER B 5 -20.86 5.23 11.26
CA SER B 5 -20.33 6.20 12.25
C SER B 5 -21.04 7.57 12.16
N ARG B 6 -21.86 7.79 11.12
CA ARG B 6 -22.58 9.06 10.93
C ARG B 6 -24.10 8.86 10.86
N THR B 7 -24.58 7.67 11.22
CA THR B 7 -26.02 7.35 11.28
C THR B 7 -26.46 7.54 12.75
N ILE B 8 -27.42 8.46 13.01
CA ILE B 8 -27.78 8.86 14.38
C ILE B 8 -29.28 8.90 14.67
N GLY B 9 -29.62 8.50 15.91
CA GLY B 9 -30.94 8.57 16.50
C GLY B 9 -30.87 9.47 17.71
N ILE B 10 -31.46 10.66 17.63
CA ILE B 10 -31.39 11.61 18.73
C ILE B 10 -32.52 11.36 19.74
N ILE B 11 -32.16 11.23 21.03
CA ILE B 11 -33.11 11.05 22.11
C ILE B 11 -32.99 12.24 23.08
N GLY B 12 -34.06 13.00 23.22
CA GLY B 12 -34.12 14.07 24.19
C GLY B 12 -34.56 13.49 25.52
N ALA B 13 -33.76 13.69 26.59
CA ALA B 13 -34.09 13.15 27.92
C ALA B 13 -34.15 14.32 28.92
N PRO B 14 -35.30 15.07 28.92
CA PRO B 14 -35.42 16.25 29.80
C PRO B 14 -35.80 15.85 31.23
N PHE B 15 -34.78 15.48 32.00
CA PHE B 15 -34.98 15.01 33.37
C PHE B 15 -34.01 15.68 34.33
N SER B 16 -34.49 16.07 35.50
CA SER B 16 -33.69 16.78 36.49
C SER B 16 -33.65 16.19 37.90
N LYS B 17 -34.52 15.20 38.19
CA LYS B 17 -34.69 14.67 39.53
C LYS B 17 -33.55 13.76 40.05
N GLY B 18 -32.44 13.66 39.32
CA GLY B 18 -31.27 12.92 39.80
C GLY B 18 -30.36 13.83 40.61
N GLN B 19 -30.64 15.14 40.58
CA GLN B 19 -29.87 16.16 41.30
C GLN B 19 -30.79 17.31 41.84
N PRO B 20 -30.29 18.23 42.72
CA PRO B 20 -31.20 19.24 43.28
C PRO B 20 -31.50 20.50 42.45
N ARG B 21 -30.61 20.90 41.54
CA ARG B 21 -30.78 22.15 40.80
C ARG B 21 -31.70 22.06 39.58
N GLY B 22 -32.70 22.93 39.55
CA GLY B 22 -33.66 23.05 38.45
C GLY B 22 -33.04 23.65 37.19
N GLY B 23 -33.52 23.18 36.03
CA GLY B 23 -33.05 23.66 34.74
C GLY B 23 -32.32 22.67 33.85
N VAL B 24 -31.70 21.60 34.43
CA VAL B 24 -30.97 20.59 33.64
C VAL B 24 -31.90 19.91 32.64
N GLU B 25 -33.23 19.94 32.94
CA GLU B 25 -34.29 19.41 32.07
C GLU B 25 -34.40 20.23 30.76
N GLU B 26 -33.89 21.47 30.72
CA GLU B 26 -33.89 22.32 29.53
C GLU B 26 -32.69 22.08 28.56
N GLY B 27 -31.74 21.22 28.93
CA GLY B 27 -30.60 20.85 28.11
C GLY B 27 -30.97 20.43 26.70
N PRO B 28 -31.92 19.46 26.51
CA PRO B 28 -32.30 19.06 25.13
C PRO B 28 -32.90 20.18 24.27
N THR B 29 -33.58 21.16 24.90
CA THR B 29 -34.18 22.29 24.21
C THR B 29 -33.08 23.17 23.62
N VAL B 30 -32.21 23.66 24.49
CA VAL B 30 -31.12 24.59 24.22
C VAL B 30 -30.12 24.03 23.18
N LEU B 31 -29.71 22.73 23.28
CA LEU B 31 -28.84 22.03 22.33
C LEU B 31 -29.45 21.98 20.91
N ARG B 32 -30.77 21.73 20.81
CA ARG B 32 -31.53 21.72 19.55
C ARG B 32 -31.60 23.13 19.00
N LYS B 33 -31.99 24.09 19.87
CA LYS B 33 -32.12 25.52 19.59
C LYS B 33 -30.81 26.09 19.05
N ALA B 34 -29.66 25.49 19.47
CA ALA B 34 -28.31 25.86 19.04
C ALA B 34 -28.00 25.39 17.61
N GLY B 35 -28.83 24.50 17.05
CA GLY B 35 -28.70 24.00 15.69
C GLY B 35 -27.95 22.69 15.50
N LEU B 36 -27.92 21.83 16.55
CA LEU B 36 -27.27 20.53 16.56
C LEU B 36 -27.69 19.61 15.41
N LEU B 37 -29.01 19.51 15.12
CA LEU B 37 -29.55 18.65 14.07
C LEU B 37 -29.06 19.10 12.71
N GLU B 38 -29.23 20.40 12.42
CA GLU B 38 -28.81 21.05 11.16
C GLU B 38 -27.32 20.91 10.99
N LYS B 39 -26.54 21.16 12.07
CA LYS B 39 -25.07 21.05 12.08
C LYS B 39 -24.57 19.64 11.74
N LEU B 40 -25.23 18.59 12.28
CA LEU B 40 -24.88 17.21 11.99
C LEU B 40 -25.21 16.85 10.53
N LYS B 41 -26.31 17.40 9.98
CA LYS B 41 -26.71 17.15 8.59
C LYS B 41 -25.80 17.82 7.58
N GLU B 42 -25.14 18.94 7.98
CA GLU B 42 -24.15 19.66 7.16
C GLU B 42 -22.88 18.84 7.07
N GLN B 43 -22.66 18.01 8.09
CA GLN B 43 -21.53 17.13 8.32
C GLN B 43 -21.70 15.73 7.65
N GLU B 44 -22.70 15.56 6.77
CA GLU B 44 -22.95 14.29 6.04
C GLU B 44 -23.53 13.18 6.95
N CYS B 45 -24.29 13.55 7.98
CA CYS B 45 -24.89 12.59 8.91
C CYS B 45 -26.33 12.25 8.53
N ASP B 46 -26.79 11.01 8.82
CA ASP B 46 -28.18 10.61 8.63
C ASP B 46 -28.78 10.72 10.03
N VAL B 47 -29.63 11.75 10.24
CA VAL B 47 -30.18 12.05 11.55
C VAL B 47 -31.69 11.86 11.61
N LYS B 48 -32.12 11.11 12.64
CA LYS B 48 -33.51 10.87 12.97
C LYS B 48 -33.71 11.39 14.38
N ASP B 49 -34.71 12.28 14.57
CA ASP B 49 -35.06 12.82 15.86
C ASP B 49 -36.22 12.01 16.42
N TYR B 50 -35.99 11.31 17.55
CA TYR B 50 -36.95 10.48 18.29
C TYR B 50 -37.75 11.29 19.34
N GLY B 51 -37.51 12.60 19.34
CA GLY B 51 -38.18 13.57 20.20
C GLY B 51 -37.71 13.50 21.63
N ASP B 52 -38.39 14.25 22.50
CA ASP B 52 -38.11 14.26 23.93
C ASP B 52 -39.02 13.25 24.61
N LEU B 53 -38.47 12.55 25.60
CA LEU B 53 -39.24 11.60 26.35
C LEU B 53 -40.16 12.33 27.32
N PRO B 54 -41.44 11.89 27.40
CA PRO B 54 -42.33 12.48 28.39
C PRO B 54 -42.02 11.76 29.71
N PHE B 55 -41.66 12.51 30.72
CA PHE B 55 -41.36 11.84 31.97
C PHE B 55 -42.49 12.20 32.89
N ALA B 56 -43.64 11.54 32.68
CA ALA B 56 -44.88 11.81 33.41
C ALA B 56 -44.60 11.86 34.89
N ASP B 57 -45.20 12.85 35.55
CA ASP B 57 -44.99 13.08 36.96
C ASP B 57 -45.20 11.83 37.77
N ILE B 58 -44.25 11.59 38.72
CA ILE B 58 -44.35 10.51 39.69
C ILE B 58 -44.36 11.25 41.03
N PRO B 59 -45.55 11.78 41.43
CA PRO B 59 -45.63 12.44 42.74
C PRO B 59 -45.64 11.31 43.76
N ASN B 60 -45.43 11.59 45.05
CA ASN B 60 -45.41 10.51 46.05
C ASN B 60 -44.28 9.53 45.67
N ASP B 61 -43.09 10.03 45.94
CA ASP B 61 -41.81 9.40 45.67
C ASP B 61 -40.92 9.89 46.82
N SER B 62 -41.21 9.36 48.01
CA SER B 62 -40.52 9.69 49.25
C SER B 62 -39.11 9.05 49.24
N PRO B 63 -38.11 9.64 49.93
CA PRO B 63 -36.76 9.07 49.89
C PRO B 63 -36.57 7.64 50.40
N PHE B 64 -35.60 6.93 49.81
CA PHE B 64 -35.12 5.62 50.25
C PHE B 64 -33.88 6.00 51.02
N GLN B 65 -33.96 5.97 52.37
CA GLN B 65 -32.88 6.40 53.26
C GLN B 65 -32.55 7.90 52.97
N ILE B 66 -31.36 8.23 52.41
CA ILE B 66 -31.03 9.62 52.07
C ILE B 66 -31.21 9.85 50.54
N VAL B 67 -31.54 8.78 49.78
CA VAL B 67 -31.68 8.80 48.32
C VAL B 67 -32.96 9.55 47.87
N LYS B 68 -32.79 10.73 47.24
CA LYS B 68 -33.89 11.57 46.75
C LYS B 68 -34.41 11.09 45.40
N ASN B 69 -35.75 11.22 45.23
CA ASN B 69 -36.56 10.87 44.05
C ASN B 69 -36.22 9.52 43.40
N PRO B 70 -36.13 8.38 44.15
CA PRO B 70 -35.75 7.10 43.52
C PRO B 70 -36.68 6.55 42.46
N ARG B 71 -38.00 6.73 42.62
CA ARG B 71 -38.94 6.17 41.67
C ARG B 71 -38.94 6.95 40.38
N SER B 72 -38.86 8.31 40.48
CA SER B 72 -38.77 9.18 39.31
C SER B 72 -37.48 8.91 38.48
N VAL B 73 -36.33 8.72 39.17
CA VAL B 73 -35.02 8.46 38.55
C VAL B 73 -34.98 7.11 37.86
N GLY B 74 -35.47 6.08 38.58
CA GLY B 74 -35.53 4.72 38.08
C GLY B 74 -36.42 4.56 36.87
N LYS B 75 -37.63 5.14 36.94
CA LYS B 75 -38.63 5.06 35.86
C LYS B 75 -38.15 5.75 34.58
N ALA B 76 -37.54 6.94 34.71
CA ALA B 76 -36.95 7.69 33.61
C ALA B 76 -35.83 6.85 32.92
N SER B 77 -34.93 6.24 33.74
CA SER B 77 -33.85 5.40 33.21
C SER B 77 -34.42 4.14 32.56
N GLU B 78 -35.53 3.58 33.13
CA GLU B 78 -36.18 2.42 32.57
C GLU B 78 -36.81 2.75 31.21
N GLN B 79 -37.47 3.92 31.08
CA GLN B 79 -38.07 4.35 29.82
C GLN B 79 -36.98 4.69 28.79
N LEU B 80 -35.87 5.30 29.25
CA LEU B 80 -34.73 5.63 28.40
C LEU B 80 -34.09 4.36 27.86
N ALA B 81 -33.85 3.35 28.73
CA ALA B 81 -33.30 2.06 28.31
C ALA B 81 -34.09 1.50 27.14
N GLY B 82 -35.43 1.47 27.26
CA GLY B 82 -36.33 1.00 26.23
C GLY B 82 -36.17 1.75 24.92
N LYS B 83 -36.05 3.09 24.98
CA LYS B 83 -35.86 3.98 23.81
C LYS B 83 -34.48 3.80 23.17
N VAL B 84 -33.41 3.70 23.98
CA VAL B 84 -32.04 3.47 23.50
C VAL B 84 -31.96 2.14 22.73
N ALA B 85 -32.55 1.06 23.29
CA ALA B 85 -32.61 -0.29 22.68
C ALA B 85 -33.27 -0.26 21.26
N GLU B 86 -34.42 0.44 21.14
CA GLU B 86 -35.17 0.67 19.90
C GLU B 86 -34.30 1.43 18.86
N VAL B 87 -33.55 2.46 19.30
CA VAL B 87 -32.67 3.26 18.44
C VAL B 87 -31.53 2.39 17.95
N LYS B 88 -30.98 1.58 18.84
CA LYS B 88 -29.94 0.62 18.53
C LYS B 88 -30.44 -0.45 17.56
N LYS B 89 -31.69 -0.95 17.72
CA LYS B 89 -32.27 -1.94 16.80
C LYS B 89 -32.45 -1.38 15.40
N ASN B 90 -32.75 -0.07 15.27
CA ASN B 90 -32.85 0.67 14.00
C ASN B 90 -31.48 0.92 13.29
N GLY B 91 -30.39 0.31 13.80
CA GLY B 91 -29.04 0.43 13.26
C GLY B 91 -28.51 1.85 13.31
N ARG B 92 -28.77 2.57 14.42
CA ARG B 92 -28.38 3.96 14.61
C ARG B 92 -27.58 4.16 15.90
N ILE B 93 -26.73 5.21 15.94
CA ILE B 93 -25.96 5.57 17.13
C ILE B 93 -26.93 6.36 17.98
N SER B 94 -27.19 5.92 19.23
CA SER B 94 -28.09 6.65 20.13
C SER B 94 -27.36 7.86 20.67
N LEU B 95 -27.95 9.05 20.46
CA LEU B 95 -27.40 10.29 20.98
C LEU B 95 -28.42 10.79 21.98
N VAL B 96 -28.12 10.62 23.26
CA VAL B 96 -29.01 11.03 24.33
C VAL B 96 -28.61 12.42 24.78
N LEU B 97 -29.57 13.33 24.76
CA LEU B 97 -29.36 14.71 25.17
C LEU B 97 -29.99 14.85 26.54
N GLY B 98 -29.14 14.97 27.55
CA GLY B 98 -29.53 15.13 28.95
C GLY B 98 -29.84 16.58 29.29
N GLY B 99 -30.38 16.82 30.47
CA GLY B 99 -30.63 15.81 31.48
C GLY B 99 -29.45 15.57 32.40
N ASP B 100 -29.75 15.15 33.64
CA ASP B 100 -28.73 14.86 34.64
C ASP B 100 -28.09 13.49 34.36
N HIS B 101 -26.92 13.22 34.94
CA HIS B 101 -26.15 12.02 34.64
C HIS B 101 -26.72 10.68 35.19
N SER B 102 -27.82 10.71 35.97
CA SER B 102 -28.48 9.49 36.46
C SER B 102 -29.11 8.72 35.29
N LEU B 103 -29.39 9.43 34.19
CA LEU B 103 -29.95 8.88 32.97
C LEU B 103 -28.97 7.91 32.27
N ALA B 104 -27.68 7.92 32.65
CA ALA B 104 -26.67 6.98 32.16
C ALA B 104 -27.05 5.52 32.55
N ILE B 105 -27.76 5.32 33.68
CA ILE B 105 -28.25 3.98 34.07
C ILE B 105 -29.07 3.44 32.88
N GLY B 106 -30.03 4.22 32.40
CA GLY B 106 -30.90 3.86 31.30
C GLY B 106 -30.19 3.75 29.98
N SER B 107 -29.39 4.77 29.65
CA SER B 107 -28.63 4.86 28.41
C SER B 107 -27.73 3.66 28.18
N ILE B 108 -26.89 3.32 29.16
CA ILE B 108 -25.96 2.19 29.07
C ILE B 108 -26.70 0.83 29.15
N SER B 109 -27.70 0.67 30.06
CA SER B 109 -28.49 -0.58 30.19
C SER B 109 -29.22 -0.93 28.87
N GLY B 110 -29.85 0.08 28.25
CA GLY B 110 -30.57 -0.06 26.99
C GLY B 110 -29.68 -0.31 25.80
N HIS B 111 -28.47 0.26 25.83
CA HIS B 111 -27.46 0.09 24.79
C HIS B 111 -26.83 -1.31 24.91
N ALA B 112 -26.51 -1.74 26.16
CA ALA B 112 -25.94 -3.07 26.44
C ALA B 112 -26.95 -4.20 26.19
N ARG B 113 -28.24 -3.84 26.05
CA ARG B 113 -29.31 -4.77 25.76
C ARG B 113 -29.13 -5.32 24.36
N VAL B 114 -28.76 -4.44 23.39
CA VAL B 114 -28.55 -4.76 21.97
C VAL B 114 -27.10 -5.19 21.71
N HIS B 115 -26.12 -4.58 22.41
CA HIS B 115 -24.70 -4.87 22.25
C HIS B 115 -24.08 -5.15 23.63
N PRO B 116 -24.10 -6.42 24.09
CA PRO B 116 -23.61 -6.71 25.46
C PRO B 116 -22.10 -6.60 25.66
N ASP B 117 -21.35 -6.67 24.57
CA ASP B 117 -19.89 -6.62 24.53
C ASP B 117 -19.35 -5.17 24.55
N LEU B 118 -20.22 -4.14 24.76
CA LEU B 118 -19.78 -2.74 24.73
C LEU B 118 -18.76 -2.34 25.83
N GLY B 119 -17.99 -1.30 25.50
CA GLY B 119 -17.01 -0.67 26.38
C GLY B 119 -17.47 0.74 26.64
N VAL B 120 -17.23 1.26 27.85
CA VAL B 120 -17.67 2.60 28.24
C VAL B 120 -16.47 3.54 28.48
N ILE B 121 -16.55 4.76 27.91
CA ILE B 121 -15.60 5.84 28.14
C ILE B 121 -16.45 6.88 28.87
N TRP B 122 -16.09 7.19 30.11
CA TRP B 122 -16.80 8.10 31.01
C TRP B 122 -15.98 9.38 31.17
N VAL B 123 -16.43 10.47 30.52
CA VAL B 123 -15.73 11.77 30.58
C VAL B 123 -16.46 12.62 31.60
N ASP B 124 -15.78 12.92 32.71
CA ASP B 124 -16.39 13.61 33.84
C ASP B 124 -15.32 14.06 34.85
N ALA B 125 -15.64 15.06 35.66
CA ALA B 125 -14.80 15.52 36.78
C ALA B 125 -14.98 14.56 37.95
N HIS B 126 -16.10 13.82 37.92
CA HIS B 126 -16.59 12.90 38.95
C HIS B 126 -16.71 11.43 38.46
N THR B 127 -16.59 10.48 39.41
CA THR B 127 -16.69 9.03 39.14
C THR B 127 -18.13 8.54 39.10
N ASP B 128 -19.07 9.21 39.82
CA ASP B 128 -20.51 8.85 39.84
C ASP B 128 -20.69 7.35 40.20
N ILE B 129 -19.82 6.87 41.06
CA ILE B 129 -19.77 5.48 41.46
C ILE B 129 -20.19 5.29 42.91
N ASN B 130 -20.72 6.33 43.55
CA ASN B 130 -21.25 6.19 44.91
C ASN B 130 -22.41 5.18 44.85
N THR B 131 -22.58 4.38 45.89
CA THR B 131 -23.71 3.46 45.97
C THR B 131 -24.79 4.20 46.79
N PRO B 132 -26.05 3.72 46.88
CA PRO B 132 -27.03 4.38 47.76
C PRO B 132 -26.60 4.38 49.24
N LEU B 133 -25.59 3.57 49.58
CA LEU B 133 -25.04 3.40 50.93
C LEU B 133 -23.76 4.24 51.21
N THR B 134 -22.96 4.55 50.19
CA THR B 134 -21.77 5.40 50.37
C THR B 134 -22.12 6.88 50.15
N THR B 135 -23.14 7.17 49.32
CA THR B 135 -23.58 8.55 49.06
C THR B 135 -23.85 9.35 50.35
N THR B 136 -23.52 10.67 50.31
CA THR B 136 -23.70 11.61 51.42
C THR B 136 -24.78 12.63 51.06
N SER B 137 -24.90 12.88 49.74
CA SER B 137 -25.84 13.82 49.14
C SER B 137 -27.20 13.15 48.92
N GLY B 138 -27.18 11.86 48.55
CA GLY B 138 -28.37 11.09 48.21
C GLY B 138 -28.93 11.43 46.83
N ASN B 139 -28.17 12.15 46.02
CA ASN B 139 -28.52 12.53 44.64
C ASN B 139 -28.00 11.46 43.73
N LEU B 140 -28.95 10.83 43.02
CA LEU B 140 -28.70 9.69 42.15
C LEU B 140 -27.78 9.97 40.94
N HIS B 141 -27.63 11.23 40.47
CA HIS B 141 -26.69 11.54 39.36
C HIS B 141 -25.20 11.27 39.75
N GLY B 142 -24.97 11.08 41.05
CA GLY B 142 -23.65 10.77 41.59
C GLY B 142 -23.49 9.31 41.94
N GLN B 143 -24.38 8.43 41.43
CA GLN B 143 -24.43 6.98 41.68
C GLN B 143 -24.61 6.11 40.41
N PRO B 144 -24.79 6.62 39.17
CA PRO B 144 -25.16 5.73 38.06
C PRO B 144 -24.26 4.52 37.83
N VAL B 145 -22.94 4.70 37.97
CA VAL B 145 -21.99 3.63 37.68
C VAL B 145 -22.11 2.47 38.67
N SER B 146 -22.42 2.73 39.96
CA SER B 146 -22.60 1.66 40.96
C SER B 146 -23.72 0.66 40.55
N PHE B 147 -24.81 1.19 39.95
CA PHE B 147 -25.95 0.40 39.47
C PHE B 147 -25.61 -0.43 38.23
N LEU B 148 -24.56 -0.06 37.47
CA LEU B 148 -24.19 -0.73 36.22
C LEU B 148 -23.10 -1.81 36.34
N LEU B 149 -22.22 -1.71 37.38
CA LEU B 149 -21.10 -2.63 37.58
C LEU B 149 -21.48 -4.00 38.15
N LYS B 150 -21.08 -5.07 37.47
CA LYS B 150 -21.26 -6.46 37.88
C LYS B 150 -20.62 -6.75 39.27
N GLU B 151 -19.43 -6.19 39.52
CA GLU B 151 -18.65 -6.38 40.75
C GLU B 151 -19.30 -5.76 41.99
N LEU B 152 -20.28 -4.86 41.79
CA LEU B 152 -20.93 -4.20 42.91
C LEU B 152 -22.24 -4.88 43.30
N LYS B 153 -22.61 -5.97 42.57
CA LYS B 153 -23.78 -6.79 42.85
C LYS B 153 -23.60 -7.34 44.29
N GLY B 154 -24.54 -6.96 45.17
CA GLY B 154 -24.52 -7.30 46.58
C GLY B 154 -24.37 -6.07 47.45
N LYS B 155 -23.72 -5.04 46.90
CA LYS B 155 -23.48 -3.76 47.58
C LYS B 155 -24.51 -2.68 47.24
N ILE B 156 -25.51 -3.02 46.40
CA ILE B 156 -26.58 -2.09 46.04
C ILE B 156 -27.88 -2.53 46.72
N PRO B 157 -28.45 -1.68 47.63
CA PRO B 157 -29.72 -2.05 48.27
C PRO B 157 -30.87 -2.04 47.28
N ASP B 158 -32.03 -2.60 47.69
CA ASP B 158 -33.22 -2.67 46.85
C ASP B 158 -33.97 -1.35 46.92
N VAL B 159 -33.57 -0.44 46.02
CA VAL B 159 -34.05 0.95 45.89
C VAL B 159 -35.34 0.98 45.03
N PRO B 160 -36.46 1.58 45.52
CA PRO B 160 -37.69 1.61 44.71
C PRO B 160 -37.48 2.28 43.36
N GLY B 161 -38.05 1.66 42.33
CA GLY B 161 -37.93 2.12 40.94
C GLY B 161 -36.77 1.50 40.18
N PHE B 162 -35.93 0.66 40.84
CA PHE B 162 -34.75 0.05 40.22
C PHE B 162 -34.73 -1.49 40.15
N SER B 163 -35.88 -2.20 40.24
CA SER B 163 -35.84 -3.67 40.17
C SER B 163 -35.54 -4.21 38.76
N TRP B 164 -35.78 -3.38 37.72
CA TRP B 164 -35.54 -3.72 36.30
C TRP B 164 -34.02 -3.78 35.98
N VAL B 165 -33.19 -3.12 36.81
CA VAL B 165 -31.72 -2.99 36.66
C VAL B 165 -30.96 -4.29 36.98
N THR B 166 -30.19 -4.75 36.00
CA THR B 166 -29.26 -5.88 36.07
C THR B 166 -27.91 -5.26 35.63
N PRO B 167 -26.83 -5.38 36.44
CA PRO B 167 -25.54 -4.79 36.03
C PRO B 167 -25.06 -5.41 34.71
N CYS B 168 -24.76 -4.54 33.74
CA CYS B 168 -24.42 -4.94 32.37
C CYS B 168 -22.97 -4.76 31.98
N ILE B 169 -22.14 -4.06 32.80
CA ILE B 169 -20.71 -3.91 32.47
C ILE B 169 -19.80 -4.34 33.61
N SER B 170 -18.67 -4.97 33.25
CA SER B 170 -17.64 -5.38 34.20
C SER B 170 -16.75 -4.17 34.44
N ALA B 171 -16.14 -4.10 35.62
CA ALA B 171 -15.25 -3.03 36.04
C ALA B 171 -14.13 -2.80 35.02
N LYS B 172 -13.76 -3.86 34.27
CA LYS B 172 -12.70 -3.85 33.23
C LYS B 172 -13.14 -3.19 31.90
N ASP B 173 -14.46 -2.98 31.71
CA ASP B 173 -15.05 -2.45 30.47
C ASP B 173 -15.36 -0.95 30.55
N ILE B 174 -14.75 -0.24 31.51
CA ILE B 174 -14.95 1.19 31.71
C ILE B 174 -13.59 1.91 31.91
N VAL B 175 -13.49 3.13 31.36
CA VAL B 175 -12.35 4.01 31.48
C VAL B 175 -12.87 5.40 31.81
N TYR B 176 -12.36 5.98 32.90
CA TYR B 176 -12.66 7.33 33.34
C TYR B 176 -11.57 8.28 32.85
N ILE B 177 -12.00 9.46 32.35
CA ILE B 177 -11.14 10.54 31.90
C ILE B 177 -11.68 11.88 32.43
N GLY B 178 -10.84 12.65 33.11
CA GLY B 178 -11.18 14.00 33.57
C GLY B 178 -11.28 14.19 35.07
N LEU B 179 -11.27 13.08 35.82
CA LEU B 179 -11.46 13.01 37.27
C LEU B 179 -10.68 14.01 38.08
N ARG B 180 -11.37 14.70 38.99
CA ARG B 180 -10.72 15.66 39.89
C ARG B 180 -11.51 15.88 41.20
N ASP B 181 -12.73 15.31 41.31
CA ASP B 181 -13.56 15.46 42.52
C ASP B 181 -14.21 14.12 42.90
N VAL B 182 -13.41 13.26 43.55
CA VAL B 182 -13.80 11.91 43.93
C VAL B 182 -14.02 11.79 45.44
N ASP B 183 -15.17 11.22 45.85
CA ASP B 183 -15.53 11.05 47.26
C ASP B 183 -14.74 9.89 47.89
N PRO B 184 -14.47 9.90 49.23
CA PRO B 184 -13.69 8.79 49.84
C PRO B 184 -14.16 7.38 49.45
N GLY B 185 -15.46 7.12 49.65
CA GLY B 185 -16.13 5.87 49.33
C GLY B 185 -15.93 5.46 47.90
N GLU B 186 -16.00 6.46 46.98
CA GLU B 186 -15.79 6.26 45.54
C GLU B 186 -14.33 5.89 45.28
N HIS B 187 -13.39 6.56 45.97
CA HIS B 187 -11.97 6.29 45.83
C HIS B 187 -11.61 4.87 46.24
N TYR B 188 -12.23 4.34 47.33
CA TYR B 188 -12.05 2.96 47.82
C TYR B 188 -12.49 1.96 46.71
N ILE B 189 -13.71 2.16 46.13
CA ILE B 189 -14.32 1.31 45.08
C ILE B 189 -13.42 1.29 43.86
N LEU B 190 -13.04 2.48 43.38
CA LEU B 190 -12.18 2.69 42.23
C LEU B 190 -10.87 1.94 42.37
N LYS B 191 -10.26 2.03 43.56
CA LYS B 191 -9.00 1.40 43.83
C LYS B 191 -9.10 -0.11 44.00
N THR B 192 -10.09 -0.61 44.77
CA THR B 192 -10.25 -2.04 45.05
C THR B 192 -10.79 -2.82 43.85
N LEU B 193 -11.66 -2.21 43.02
CA LEU B 193 -12.16 -2.90 41.82
C LEU B 193 -11.15 -2.89 40.65
N GLY B 194 -10.08 -2.10 40.78
CA GLY B 194 -9.02 -1.96 39.78
C GLY B 194 -9.46 -1.32 38.48
N ILE B 195 -10.51 -0.43 38.54
CA ILE B 195 -11.03 0.30 37.36
C ILE B 195 -9.95 1.21 36.77
N LYS B 196 -9.75 1.18 35.42
CA LYS B 196 -8.81 2.06 34.71
C LYS B 196 -9.39 3.48 34.70
N TYR B 197 -8.61 4.45 35.17
CA TYR B 197 -8.95 5.86 35.21
C TYR B 197 -7.72 6.74 34.84
N PHE B 198 -8.00 7.93 34.28
CA PHE B 198 -7.02 8.98 33.94
C PHE B 198 -7.56 10.26 34.56
N SER B 199 -7.20 10.49 35.83
CA SER B 199 -7.57 11.68 36.57
C SER B 199 -6.85 12.87 35.97
N MET B 200 -7.12 14.10 36.42
CA MET B 200 -6.40 15.26 35.89
C MET B 200 -4.87 15.12 36.11
N THR B 201 -4.44 14.28 37.08
CA THR B 201 -3.04 13.97 37.38
C THR B 201 -2.42 13.14 36.27
N GLU B 202 -3.15 12.15 35.73
CA GLU B 202 -2.63 11.32 34.65
C GLU B 202 -2.60 12.11 33.36
N VAL B 203 -3.63 12.97 33.13
CA VAL B 203 -3.68 13.82 31.94
C VAL B 203 -2.45 14.74 31.92
N ASP B 204 -2.11 15.34 33.08
CA ASP B 204 -0.97 16.21 33.29
C ASP B 204 0.35 15.51 33.05
N ARG B 205 0.48 14.27 33.55
CA ARG B 205 1.65 13.43 33.45
C ARG B 205 1.90 12.95 32.04
N LEU B 206 0.86 12.41 31.40
CA LEU B 206 1.00 11.72 30.12
C LEU B 206 0.77 12.54 28.89
N GLY B 207 -0.11 13.52 28.99
CA GLY B 207 -0.60 14.31 27.87
C GLY B 207 -1.83 13.57 27.35
N ILE B 208 -2.82 14.32 26.87
CA ILE B 208 -4.07 13.75 26.34
C ILE B 208 -3.81 12.71 25.18
N GLY B 209 -2.70 12.89 24.46
CA GLY B 209 -2.26 12.01 23.39
C GLY B 209 -2.09 10.58 23.87
N LYS B 210 -1.23 10.38 24.91
CA LYS B 210 -0.99 9.05 25.53
C LYS B 210 -2.25 8.54 26.24
N VAL B 211 -2.98 9.42 26.97
CA VAL B 211 -4.24 9.08 27.64
C VAL B 211 -5.23 8.41 26.63
N MET B 212 -5.38 8.96 25.42
CA MET B 212 -6.30 8.41 24.43
C MET B 212 -5.82 7.09 23.84
N GLU B 213 -4.49 6.95 23.68
CA GLU B 213 -3.83 5.75 23.15
C GLU B 213 -3.99 4.58 24.12
N GLU B 214 -3.76 4.80 25.43
CA GLU B 214 -3.96 3.82 26.50
C GLU B 214 -5.45 3.44 26.58
N THR B 215 -6.38 4.42 26.61
CA THR B 215 -7.83 4.20 26.67
C THR B 215 -8.32 3.28 25.53
N LEU B 216 -7.98 3.63 24.27
CA LEU B 216 -8.46 2.85 23.12
C LEU B 216 -7.81 1.47 23.04
N SER B 217 -6.55 1.33 23.55
CA SER B 217 -5.84 0.04 23.56
C SER B 217 -6.42 -0.86 24.62
N TYR B 218 -6.69 -0.29 25.78
CA TYR B 218 -7.28 -1.00 26.92
C TYR B 218 -8.69 -1.50 26.60
N LEU B 219 -9.49 -0.70 25.89
CA LEU B 219 -10.86 -1.10 25.58
C LEU B 219 -11.00 -1.91 24.31
N LEU B 220 -10.12 -1.70 23.31
CA LEU B 220 -10.25 -2.39 22.03
C LEU B 220 -9.12 -3.35 21.64
N GLY B 221 -8.00 -3.33 22.36
CA GLY B 221 -6.82 -4.17 22.09
C GLY B 221 -7.10 -5.66 21.92
N ARG B 222 -7.88 -6.24 22.86
CA ARG B 222 -8.25 -7.66 22.84
C ARG B 222 -9.17 -7.95 21.64
N LYS B 223 -10.28 -7.21 21.53
CA LYS B 223 -11.24 -7.31 20.42
C LYS B 223 -11.99 -6.01 20.21
N LYS B 224 -12.38 -5.75 18.95
CA LYS B 224 -13.16 -4.57 18.57
C LYS B 224 -14.57 -4.75 19.09
N ARG B 225 -15.07 -3.73 19.78
CA ARG B 225 -16.41 -3.79 20.37
C ARG B 225 -17.03 -2.40 20.35
N PRO B 226 -18.39 -2.26 20.44
CA PRO B 226 -19.01 -0.94 20.38
C PRO B 226 -18.57 -0.05 21.54
N ILE B 227 -18.49 1.27 21.31
CA ILE B 227 -18.07 2.21 22.37
C ILE B 227 -19.21 3.11 22.77
N HIS B 228 -19.45 3.16 24.07
CA HIS B 228 -20.43 4.05 24.65
C HIS B 228 -19.64 5.17 25.29
N LEU B 229 -19.82 6.41 24.82
CA LEU B 229 -19.16 7.56 25.43
C LEU B 229 -20.22 8.28 26.25
N SER B 230 -19.95 8.48 27.55
CA SER B 230 -20.87 9.20 28.41
C SER B 230 -20.14 10.46 28.82
N PHE B 231 -20.53 11.57 28.20
CA PHE B 231 -19.89 12.85 28.40
C PHE B 231 -20.65 13.75 29.33
N ASP B 232 -20.08 14.01 30.50
CA ASP B 232 -20.64 14.95 31.46
C ASP B 232 -19.87 16.22 31.13
N VAL B 233 -20.61 17.31 30.81
CA VAL B 233 -20.00 18.58 30.42
C VAL B 233 -19.13 19.18 31.51
N ASP B 234 -19.32 18.78 32.80
CA ASP B 234 -18.46 19.28 33.88
C ASP B 234 -17.04 18.65 33.81
N GLY B 235 -16.84 17.71 32.87
CA GLY B 235 -15.56 17.07 32.61
C GLY B 235 -14.57 18.09 32.09
N LEU B 236 -15.07 19.04 31.29
CA LEU B 236 -14.28 20.14 30.75
C LEU B 236 -14.18 21.25 31.79
N ASP B 237 -13.13 22.08 31.71
CA ASP B 237 -12.93 23.19 32.65
C ASP B 237 -14.14 24.16 32.66
N PRO B 238 -14.52 24.73 33.84
CA PRO B 238 -15.65 25.67 33.87
C PRO B 238 -15.45 26.95 33.05
N SER B 239 -14.26 27.15 32.45
CA SER B 239 -14.05 28.31 31.59
C SER B 239 -14.63 28.00 30.19
N PHE B 240 -14.92 26.71 29.88
CA PHE B 240 -15.54 26.26 28.63
C PHE B 240 -17.01 25.83 28.85
N THR B 241 -17.30 25.16 29.98
CA THR B 241 -18.66 24.71 30.31
C THR B 241 -19.11 25.24 31.68
N PRO B 242 -19.28 26.60 31.84
CA PRO B 242 -19.71 27.13 33.15
C PRO B 242 -21.12 26.78 33.61
N ALA B 243 -22.11 26.72 32.68
CA ALA B 243 -23.53 26.44 33.01
C ALA B 243 -23.79 24.96 33.27
N THR B 244 -23.33 24.50 34.44
CA THR B 244 -23.40 23.11 34.91
C THR B 244 -23.53 23.09 36.45
N GLY B 245 -24.14 22.02 36.97
CA GLY B 245 -24.44 21.84 38.40
C GLY B 245 -23.30 21.72 39.40
N THR B 246 -22.33 20.84 39.12
CA THR B 246 -21.17 20.64 39.99
C THR B 246 -19.85 20.98 39.22
N PRO B 247 -19.54 22.29 38.99
CA PRO B 247 -18.28 22.62 38.28
C PRO B 247 -17.05 22.49 39.17
N VAL B 248 -15.92 22.10 38.58
CA VAL B 248 -14.65 21.91 39.30
C VAL B 248 -13.51 22.49 38.45
N VAL B 249 -12.72 23.43 39.04
CA VAL B 249 -11.55 24.05 38.40
C VAL B 249 -10.48 22.99 38.01
N GLY B 250 -9.62 23.33 37.06
CA GLY B 250 -8.56 22.46 36.58
C GLY B 250 -9.03 21.36 35.67
N GLY B 251 -10.09 21.63 34.91
CA GLY B 251 -10.67 20.66 34.01
C GLY B 251 -9.94 20.43 32.71
N LEU B 252 -10.53 19.57 31.87
CA LEU B 252 -10.03 19.29 30.53
C LEU B 252 -10.26 20.54 29.69
N THR B 253 -9.32 20.83 28.79
CA THR B 253 -9.46 22.00 27.94
C THR B 253 -10.42 21.70 26.79
N TYR B 254 -10.81 22.76 26.06
CA TYR B 254 -11.65 22.68 24.86
C TYR B 254 -10.95 21.74 23.90
N ARG B 255 -9.63 21.98 23.66
CA ARG B 255 -8.75 21.19 22.79
C ARG B 255 -8.74 19.74 23.22
N GLU B 256 -8.49 19.48 24.55
CA GLU B 256 -8.49 18.11 25.10
C GLU B 256 -9.84 17.40 24.90
N GLY B 257 -10.94 18.14 25.10
CA GLY B 257 -12.30 17.64 24.87
C GLY B 257 -12.51 17.13 23.45
N LEU B 258 -12.14 17.97 22.46
CA LEU B 258 -12.20 17.69 21.01
C LEU B 258 -11.24 16.56 20.61
N TYR B 259 -10.05 16.51 21.23
CA TYR B 259 -9.10 15.43 20.92
C TYR B 259 -9.65 14.05 21.36
N ILE B 260 -10.29 13.99 22.54
CA ILE B 260 -10.90 12.74 23.06
C ILE B 260 -11.95 12.20 22.05
N THR B 261 -12.81 13.10 21.59
CA THR B 261 -13.95 12.81 20.72
C THR B 261 -13.50 12.53 19.28
N GLU B 262 -12.48 13.27 18.75
CA GLU B 262 -11.91 13.03 17.42
C GLU B 262 -11.28 11.65 17.39
N GLU B 263 -10.59 11.29 18.47
CA GLU B 263 -9.98 9.95 18.58
C GLU B 263 -11.02 8.84 18.66
N ILE B 264 -12.14 9.09 19.35
CA ILE B 264 -13.22 8.10 19.43
C ILE B 264 -13.88 7.92 18.07
N TYR B 265 -14.13 9.05 17.33
CA TYR B 265 -14.78 9.00 16.01
C TYR B 265 -14.00 8.12 15.07
N LYS B 266 -12.68 8.36 14.97
CA LYS B 266 -11.73 7.65 14.10
C LYS B 266 -11.71 6.13 14.28
N THR B 267 -12.11 5.60 15.45
CA THR B 267 -12.19 4.14 15.65
C THR B 267 -13.32 3.56 14.77
N GLY B 268 -14.38 4.34 14.59
CA GLY B 268 -15.56 3.98 13.80
C GLY B 268 -16.42 3.00 14.56
N LEU B 269 -16.22 2.93 15.89
CA LEU B 269 -16.86 1.99 16.81
C LEU B 269 -17.77 2.64 17.82
N LEU B 270 -17.90 3.99 17.78
CA LEU B 270 -18.85 4.72 18.64
C LEU B 270 -20.25 4.22 18.31
N SER B 271 -21.01 3.82 19.35
CA SER B 271 -22.34 3.22 19.25
C SER B 271 -23.42 3.94 20.09
N GLY B 272 -22.97 4.63 21.12
CA GLY B 272 -23.80 5.40 22.03
C GLY B 272 -23.09 6.63 22.56
N LEU B 273 -23.82 7.75 22.63
CA LEU B 273 -23.29 9.02 23.15
C LEU B 273 -24.26 9.68 24.12
N ASP B 274 -23.73 10.16 25.26
CA ASP B 274 -24.48 10.90 26.28
C ASP B 274 -23.89 12.28 26.45
N ILE B 275 -24.72 13.33 26.26
CA ILE B 275 -24.29 14.72 26.42
C ILE B 275 -25.07 15.19 27.63
N MET B 276 -24.40 15.13 28.78
CA MET B 276 -25.07 15.35 30.05
C MET B 276 -24.64 16.55 30.81
N GLU B 277 -25.50 16.91 31.77
CA GLU B 277 -25.39 17.95 32.78
C GLU B 277 -25.40 19.39 32.24
N VAL B 278 -25.87 19.64 31.00
CA VAL B 278 -26.01 21.05 30.54
C VAL B 278 -27.23 21.64 31.26
N ASN B 279 -27.02 22.70 32.04
CA ASN B 279 -28.09 23.39 32.74
C ASN B 279 -28.09 24.86 32.32
N PRO B 280 -28.95 25.23 31.33
CA PRO B 280 -29.01 26.64 30.88
C PRO B 280 -29.53 27.65 31.91
N SER B 281 -29.92 27.20 33.12
CA SER B 281 -30.37 28.10 34.18
C SER B 281 -29.20 28.47 35.09
N LEU B 282 -28.03 27.82 34.91
CA LEU B 282 -26.91 27.99 35.84
C LEU B 282 -25.73 28.84 35.39
N GLY B 283 -25.93 29.77 34.48
CA GLY B 283 -24.84 30.68 34.12
C GLY B 283 -24.81 31.89 35.04
N LYS B 284 -23.66 32.60 35.10
CA LYS B 284 -23.54 33.87 35.84
C LYS B 284 -24.05 34.98 34.92
N THR B 285 -23.97 34.73 33.60
CA THR B 285 -24.38 35.65 32.54
C THR B 285 -25.03 34.88 31.39
N PRO B 286 -25.83 35.53 30.50
CA PRO B 286 -26.36 34.81 29.33
C PRO B 286 -25.28 34.29 28.37
N GLU B 287 -24.08 34.90 28.35
CA GLU B 287 -22.96 34.41 27.51
C GLU B 287 -22.37 33.06 28.08
N GLU B 288 -22.39 32.88 29.41
CA GLU B 288 -21.89 31.66 30.04
C GLU B 288 -22.73 30.47 29.58
N VAL B 289 -24.03 30.71 29.34
CA VAL B 289 -24.99 29.74 28.85
C VAL B 289 -24.67 29.39 27.40
N THR B 290 -24.62 30.40 26.49
CA THR B 290 -24.34 30.14 25.07
C THR B 290 -23.02 29.40 24.92
N ARG B 291 -21.97 29.81 25.67
CA ARG B 291 -20.64 29.20 25.72
C ARG B 291 -20.67 27.69 26.07
N THR B 292 -21.50 27.27 27.07
CA THR B 292 -21.63 25.87 27.49
C THR B 292 -22.29 25.05 26.38
N VAL B 293 -23.42 25.55 25.86
CA VAL B 293 -24.16 24.92 24.76
C VAL B 293 -23.24 24.77 23.53
N ASN B 294 -22.44 25.81 23.21
CA ASN B 294 -21.53 25.85 22.06
C ASN B 294 -20.41 24.84 22.17
N THR B 295 -19.82 24.69 23.36
CA THR B 295 -18.80 23.70 23.68
C THR B 295 -19.39 22.28 23.57
N ALA B 296 -20.60 22.06 24.14
CA ALA B 296 -21.30 20.78 24.12
C ALA B 296 -21.59 20.35 22.67
N VAL B 297 -22.10 21.29 21.84
CA VAL B 297 -22.40 21.09 20.41
C VAL B 297 -21.13 20.69 19.66
N ALA B 298 -20.02 21.45 19.88
CA ALA B 298 -18.70 21.23 19.30
C ALA B 298 -18.14 19.84 19.65
N ILE B 299 -18.34 19.37 20.90
CA ILE B 299 -17.92 18.04 21.35
C ILE B 299 -18.72 16.98 20.58
N THR B 300 -20.04 17.20 20.43
CA THR B 300 -20.92 16.31 19.70
C THR B 300 -20.52 16.21 18.22
N LEU B 301 -20.22 17.33 17.56
CA LEU B 301 -19.82 17.33 16.14
C LEU B 301 -18.56 16.52 15.90
N ALA B 302 -17.57 16.62 16.81
CA ALA B 302 -16.32 15.87 16.75
C ALA B 302 -16.57 14.36 16.87
N CYS B 303 -17.62 13.96 17.61
CA CYS B 303 -17.99 12.54 17.78
C CYS B 303 -18.50 11.98 16.47
N PHE B 304 -19.03 12.85 15.59
CA PHE B 304 -19.58 12.35 14.33
C PHE B 304 -18.80 12.77 13.09
N GLY B 305 -17.50 12.96 13.25
CA GLY B 305 -16.64 13.17 12.10
C GLY B 305 -15.96 14.51 11.89
N LEU B 306 -16.45 15.58 12.53
CA LEU B 306 -15.85 16.92 12.39
C LEU B 306 -14.42 16.92 12.92
N ALA B 307 -13.45 17.04 12.00
CA ALA B 307 -12.02 17.07 12.32
C ALA B 307 -11.44 18.50 12.15
N ARG B 308 -10.56 18.95 13.07
CA ARG B 308 -9.91 20.28 13.02
C ARG B 308 -8.97 20.42 11.82
N GLU B 309 -8.42 19.31 11.33
CA GLU B 309 -7.57 19.35 10.13
C GLU B 309 -8.38 19.64 8.85
N GLY B 310 -9.70 19.41 8.93
CA GLY B 310 -10.62 19.60 7.81
C GLY B 310 -11.27 18.31 7.39
N ASN B 311 -12.30 18.46 6.57
CA ASN B 311 -13.12 17.39 6.01
C ASN B 311 -13.39 17.76 4.56
N HIS B 312 -13.58 16.76 3.70
CA HIS B 312 -13.94 16.96 2.29
C HIS B 312 -14.68 15.74 1.75
N LYS B 313 -15.57 15.96 0.79
CA LYS B 313 -16.37 14.92 0.17
C LYS B 313 -15.51 14.17 -0.84
N PRO B 314 -15.81 12.89 -1.23
CA PRO B 314 -14.95 12.22 -2.23
C PRO B 314 -15.18 12.70 -3.68
N ILE B 315 -14.82 13.98 -3.95
CA ILE B 315 -14.91 14.64 -5.25
C ILE B 315 -13.64 15.44 -5.59
N ASP B 316 -13.42 15.71 -6.88
CA ASP B 316 -12.30 16.49 -7.36
C ASP B 316 -12.66 17.96 -7.25
N TYR B 317 -12.19 18.61 -6.17
CA TYR B 317 -12.41 20.01 -5.87
C TYR B 317 -11.70 20.96 -6.82
N LEU B 318 -10.64 20.50 -7.53
CA LEU B 318 -9.94 21.37 -8.47
C LEU B 318 -10.59 21.34 -9.89
N ASN B 319 -11.79 20.70 -10.01
CA ASN B 319 -12.58 20.62 -11.23
C ASN B 319 -13.99 21.21 -11.08
N ALA C 3 -30.33 -17.00 -23.62
CA ALA C 3 -29.64 -17.58 -22.46
C ALA C 3 -28.79 -16.55 -21.75
N LYS C 4 -28.70 -16.61 -20.39
CA LYS C 4 -27.89 -15.66 -19.59
C LYS C 4 -26.46 -15.54 -20.13
N SER C 5 -25.75 -16.69 -20.28
CA SER C 5 -24.39 -16.82 -20.80
C SER C 5 -24.19 -16.25 -22.23
N ARG C 6 -25.29 -15.96 -22.98
CA ARG C 6 -25.20 -15.38 -24.33
C ARG C 6 -25.95 -14.03 -24.45
N THR C 7 -26.17 -13.34 -23.32
CA THR C 7 -26.85 -12.03 -23.26
C THR C 7 -25.78 -10.97 -22.95
N ILE C 8 -25.44 -10.16 -23.95
CA ILE C 8 -24.34 -9.18 -23.91
C ILE C 8 -24.75 -7.69 -24.05
N GLY C 9 -24.02 -6.85 -23.31
CA GLY C 9 -24.06 -5.40 -23.35
C GLY C 9 -22.65 -4.91 -23.68
N ILE C 10 -22.42 -4.45 -24.94
CA ILE C 10 -21.14 -3.96 -25.50
C ILE C 10 -20.84 -2.55 -25.01
N ILE C 11 -19.60 -2.32 -24.56
CA ILE C 11 -19.11 -0.99 -24.18
C ILE C 11 -17.73 -0.81 -24.80
N GLY C 12 -17.64 0.19 -25.68
CA GLY C 12 -16.38 0.58 -26.27
C GLY C 12 -15.74 1.58 -25.33
N ALA C 13 -14.45 1.40 -25.02
CA ALA C 13 -13.76 2.31 -24.13
C ALA C 13 -12.48 2.83 -24.86
N PRO C 14 -12.65 3.82 -25.78
CA PRO C 14 -11.49 4.32 -26.55
C PRO C 14 -10.59 5.24 -25.71
N PHE C 15 -9.77 4.61 -24.84
CA PHE C 15 -8.91 5.29 -23.88
C PHE C 15 -7.46 4.78 -23.91
N SER C 16 -6.49 5.71 -23.87
CA SER C 16 -5.07 5.37 -23.98
C SER C 16 -4.17 5.98 -22.91
N LYS C 17 -4.67 6.95 -22.16
CA LYS C 17 -3.87 7.70 -21.19
C LYS C 17 -3.46 6.92 -19.93
N GLY C 18 -3.71 5.61 -19.93
CA GLY C 18 -3.20 4.71 -18.90
C GLY C 18 -1.78 4.26 -19.27
N GLN C 19 -1.38 4.54 -20.51
CA GLN C 19 -0.06 4.20 -21.03
C GLN C 19 0.52 5.24 -22.03
N PRO C 20 1.84 5.17 -22.41
CA PRO C 20 2.40 6.19 -23.30
C PRO C 20 2.28 5.92 -24.81
N ARG C 21 1.95 4.70 -25.22
CA ARG C 21 1.90 4.34 -26.65
C ARG C 21 0.52 4.58 -27.28
N GLY C 22 0.43 5.58 -28.14
CA GLY C 22 -0.80 5.95 -28.80
C GLY C 22 -1.31 4.89 -29.76
N GLY C 23 -2.63 4.82 -29.90
CA GLY C 23 -3.27 3.88 -30.80
C GLY C 23 -4.18 2.86 -30.16
N VAL C 24 -4.02 2.62 -28.84
CA VAL C 24 -4.83 1.64 -28.10
C VAL C 24 -6.31 2.13 -27.97
N GLU C 25 -6.56 3.44 -28.22
CA GLU C 25 -7.90 4.03 -28.24
C GLU C 25 -8.70 3.55 -29.46
N GLU C 26 -8.02 3.04 -30.50
CA GLU C 26 -8.63 2.53 -31.74
C GLU C 26 -9.02 1.07 -31.60
N GLY C 27 -8.71 0.47 -30.45
CA GLY C 27 -9.04 -0.91 -30.10
C GLY C 27 -10.50 -1.24 -30.36
N PRO C 28 -11.47 -0.43 -29.79
CA PRO C 28 -12.90 -0.68 -30.09
C PRO C 28 -13.22 -0.64 -31.58
N THR C 29 -12.79 0.42 -32.29
CA THR C 29 -13.03 0.63 -33.71
C THR C 29 -12.62 -0.59 -34.57
N VAL C 30 -11.40 -1.08 -34.35
CA VAL C 30 -10.82 -2.18 -35.11
C VAL C 30 -11.46 -3.56 -34.72
N LEU C 31 -11.93 -3.72 -33.46
CA LEU C 31 -12.66 -4.94 -33.07
C LEU C 31 -14.07 -4.98 -33.70
N ARG C 32 -14.75 -3.80 -33.78
CA ARG C 32 -16.09 -3.66 -34.37
C ARG C 32 -16.01 -3.81 -35.88
N LYS C 33 -14.93 -3.27 -36.51
CA LYS C 33 -14.72 -3.33 -37.96
C LYS C 33 -14.56 -4.76 -38.42
N ALA C 34 -13.93 -5.61 -37.58
CA ALA C 34 -13.71 -7.05 -37.83
C ALA C 34 -15.01 -7.88 -37.75
N GLY C 35 -16.13 -7.23 -37.50
CA GLY C 35 -17.44 -7.88 -37.44
C GLY C 35 -17.80 -8.58 -36.15
N LEU C 36 -17.18 -8.23 -35.01
CA LEU C 36 -17.47 -8.84 -33.70
C LEU C 36 -18.97 -8.99 -33.37
N LEU C 37 -19.71 -7.87 -33.33
CA LEU C 37 -21.14 -7.84 -32.99
C LEU C 37 -21.99 -8.72 -33.88
N GLU C 38 -21.73 -8.69 -35.19
CA GLU C 38 -22.43 -9.50 -36.18
C GLU C 38 -22.10 -10.98 -35.97
N LYS C 39 -20.81 -11.29 -35.70
CA LYS C 39 -20.34 -12.66 -35.43
C LYS C 39 -20.99 -13.22 -34.15
N LEU C 40 -21.21 -12.35 -33.14
CA LEU C 40 -21.87 -12.77 -31.91
C LEU C 40 -23.32 -13.11 -32.18
N LYS C 41 -24.02 -12.28 -32.97
CA LYS C 41 -25.44 -12.48 -33.31
C LYS C 41 -25.63 -13.82 -34.04
N GLU C 42 -24.69 -14.18 -34.93
CA GLU C 42 -24.67 -15.45 -35.70
C GLU C 42 -24.42 -16.66 -34.80
N GLN C 43 -24.15 -16.42 -33.52
CA GLN C 43 -23.81 -17.41 -32.50
C GLN C 43 -24.92 -17.54 -31.44
N GLU C 44 -26.16 -17.07 -31.77
CA GLU C 44 -27.35 -17.10 -30.88
C GLU C 44 -27.24 -16.12 -29.67
N CYS C 45 -26.36 -15.09 -29.79
CA CYS C 45 -26.19 -14.10 -28.73
C CYS C 45 -27.19 -12.98 -28.87
N ASP C 46 -27.66 -12.46 -27.73
CA ASP C 46 -28.56 -11.31 -27.63
C ASP C 46 -27.59 -10.16 -27.33
N VAL C 47 -27.36 -9.31 -28.33
CA VAL C 47 -26.37 -8.25 -28.23
C VAL C 47 -27.03 -6.87 -28.21
N LYS C 48 -26.72 -6.07 -27.17
CA LYS C 48 -27.09 -4.66 -27.06
C LYS C 48 -25.79 -3.86 -27.08
N ASP C 49 -25.72 -2.85 -27.93
CA ASP C 49 -24.54 -2.01 -28.05
C ASP C 49 -24.76 -0.73 -27.27
N TYR C 50 -24.06 -0.58 -26.17
CA TYR C 50 -24.15 0.61 -25.31
C TYR C 50 -23.28 1.76 -25.84
N GLY C 51 -22.61 1.52 -26.96
CA GLY C 51 -21.81 2.52 -27.68
C GLY C 51 -20.41 2.72 -27.15
N ASP C 52 -19.68 3.63 -27.79
CA ASP C 52 -18.30 4.00 -27.43
C ASP C 52 -18.36 5.17 -26.46
N LEU C 53 -17.78 5.00 -25.26
CA LEU C 53 -17.78 6.04 -24.24
C LEU C 53 -17.01 7.29 -24.66
N PRO C 54 -17.59 8.50 -24.46
CA PRO C 54 -16.86 9.73 -24.81
C PRO C 54 -15.89 10.11 -23.69
N PHE C 55 -14.58 10.08 -23.96
CA PHE C 55 -13.63 10.45 -22.93
C PHE C 55 -13.10 11.85 -23.18
N ALA C 56 -13.81 12.85 -22.64
CA ALA C 56 -13.44 14.26 -22.79
C ALA C 56 -12.05 14.53 -22.25
N ASP C 57 -11.32 15.41 -22.95
CA ASP C 57 -9.97 15.81 -22.60
C ASP C 57 -9.98 16.67 -21.35
N ILE C 58 -9.04 16.39 -20.43
CA ILE C 58 -8.88 17.15 -19.21
C ILE C 58 -7.62 17.99 -19.34
N PRO C 59 -7.74 19.32 -19.45
CA PRO C 59 -6.52 20.15 -19.53
C PRO C 59 -5.90 20.32 -18.14
N ASN C 60 -4.59 20.63 -18.09
CA ASN C 60 -3.84 20.78 -16.83
C ASN C 60 -3.89 19.47 -15.98
N ASP C 61 -3.82 18.31 -16.64
CA ASP C 61 -3.82 17.03 -15.92
C ASP C 61 -2.36 16.71 -15.50
N SER C 62 -1.89 17.46 -14.49
CA SER C 62 -0.56 17.41 -13.90
C SER C 62 -0.32 16.04 -13.26
N PRO C 63 0.93 15.52 -13.22
CA PRO C 63 1.13 14.17 -12.66
C PRO C 63 1.00 14.10 -11.15
N PHE C 64 0.78 12.88 -10.62
CA PHE C 64 0.76 12.63 -9.18
C PHE C 64 2.09 11.97 -8.95
N GLN C 65 3.06 12.76 -8.46
CA GLN C 65 4.47 12.37 -8.31
C GLN C 65 4.99 12.02 -9.71
N ILE C 66 5.15 10.73 -10.01
CA ILE C 66 5.62 10.18 -11.28
C ILE C 66 4.45 9.60 -12.14
N VAL C 67 3.29 9.42 -11.49
CA VAL C 67 2.08 8.86 -12.10
C VAL C 67 1.45 9.85 -13.06
N LYS C 68 1.39 9.48 -14.36
CA LYS C 68 0.86 10.30 -15.47
C LYS C 68 -0.65 10.21 -15.62
N ASN C 69 -1.24 11.34 -16.03
CA ASN C 69 -2.67 11.57 -16.31
C ASN C 69 -3.62 10.98 -15.25
N PRO C 70 -3.45 11.33 -13.95
CA PRO C 70 -4.32 10.71 -12.91
C PRO C 70 -5.78 11.08 -13.05
N ARG C 71 -6.08 12.35 -13.37
CA ARG C 71 -7.45 12.80 -13.53
C ARG C 71 -8.12 12.14 -14.72
N SER C 72 -7.44 12.07 -15.89
CA SER C 72 -7.98 11.42 -17.10
C SER C 72 -8.34 9.93 -16.86
N VAL C 73 -7.36 9.13 -16.35
CA VAL C 73 -7.51 7.70 -16.00
C VAL C 73 -8.65 7.46 -14.98
N GLY C 74 -8.71 8.32 -13.96
CA GLY C 74 -9.69 8.22 -12.89
C GLY C 74 -11.10 8.49 -13.38
N LYS C 75 -11.27 9.53 -14.22
CA LYS C 75 -12.56 9.91 -14.80
C LYS C 75 -13.05 8.90 -15.83
N ALA C 76 -12.15 8.36 -16.66
CA ALA C 76 -12.48 7.35 -17.67
C ALA C 76 -13.00 6.08 -17.02
N SER C 77 -12.32 5.62 -15.96
CA SER C 77 -12.73 4.45 -15.16
C SER C 77 -14.03 4.76 -14.39
N GLU C 78 -14.19 5.98 -13.85
CA GLU C 78 -15.41 6.41 -13.13
C GLU C 78 -16.62 6.34 -14.07
N GLN C 79 -16.44 6.77 -15.33
CA GLN C 79 -17.50 6.69 -16.33
C GLN C 79 -17.77 5.21 -16.62
N LEU C 80 -16.72 4.42 -16.90
CA LEU C 80 -16.85 2.99 -17.20
C LEU C 80 -17.56 2.22 -16.08
N ALA C 81 -17.33 2.60 -14.83
CA ALA C 81 -18.00 1.99 -13.68
C ALA C 81 -19.51 2.19 -13.79
N GLY C 82 -19.93 3.42 -14.07
CA GLY C 82 -21.32 3.79 -14.25
C GLY C 82 -21.98 3.04 -15.39
N LYS C 83 -21.26 2.89 -16.50
CA LYS C 83 -21.80 2.20 -17.68
C LYS C 83 -21.90 0.69 -17.48
N VAL C 84 -20.89 0.06 -16.83
CA VAL C 84 -20.83 -1.37 -16.51
C VAL C 84 -21.96 -1.70 -15.54
N ALA C 85 -22.12 -0.90 -14.49
CA ALA C 85 -23.19 -1.05 -13.50
C ALA C 85 -24.57 -1.04 -14.19
N GLU C 86 -24.76 -0.15 -15.19
CA GLU C 86 -25.97 0.01 -15.98
C GLU C 86 -26.26 -1.27 -16.78
N VAL C 87 -25.25 -1.77 -17.50
CA VAL C 87 -25.33 -3.02 -18.29
C VAL C 87 -25.66 -4.23 -17.40
N LYS C 88 -25.07 -4.27 -16.21
CA LYS C 88 -25.28 -5.32 -15.24
C LYS C 88 -26.68 -5.27 -14.65
N LYS C 89 -27.25 -4.06 -14.49
CA LYS C 89 -28.61 -3.89 -13.99
C LYS C 89 -29.62 -4.44 -15.00
N ASN C 90 -29.33 -4.29 -16.31
CA ASN C 90 -30.15 -4.83 -17.39
C ASN C 90 -30.03 -6.36 -17.63
N GLY C 91 -29.38 -7.06 -16.69
CA GLY C 91 -29.20 -8.51 -16.73
C GLY C 91 -28.35 -9.02 -17.89
N ARG C 92 -27.37 -8.22 -18.33
CA ARG C 92 -26.49 -8.56 -19.45
C ARG C 92 -25.07 -8.74 -18.95
N ILE C 93 -24.25 -9.52 -19.68
CA ILE C 93 -22.82 -9.70 -19.38
C ILE C 93 -22.16 -8.49 -20.06
N SER C 94 -21.42 -7.67 -19.27
CA SER C 94 -20.76 -6.48 -19.80
C SER C 94 -19.53 -6.88 -20.60
N LEU C 95 -19.44 -6.38 -21.86
CA LEU C 95 -18.32 -6.64 -22.75
C LEU C 95 -17.60 -5.33 -23.03
N VAL C 96 -16.47 -5.12 -22.34
CA VAL C 96 -15.67 -3.90 -22.45
C VAL C 96 -14.55 -4.10 -23.47
N LEU C 97 -14.56 -3.26 -24.51
CA LEU C 97 -13.55 -3.26 -25.57
C LEU C 97 -12.63 -2.09 -25.29
N GLY C 98 -11.38 -2.38 -24.93
CA GLY C 98 -10.41 -1.34 -24.63
C GLY C 98 -9.64 -0.89 -25.85
N GLY C 99 -8.75 0.11 -25.70
CA GLY C 99 -8.44 0.76 -24.44
C GLY C 99 -7.38 0.03 -23.62
N ASP C 100 -6.63 0.80 -22.82
CA ASP C 100 -5.59 0.19 -21.97
C ASP C 100 -6.23 -0.46 -20.73
N HIS C 101 -5.46 -1.27 -20.01
CA HIS C 101 -5.94 -2.02 -18.85
C HIS C 101 -6.25 -1.19 -17.58
N SER C 102 -5.99 0.12 -17.54
CA SER C 102 -6.33 0.91 -16.35
C SER C 102 -7.86 1.00 -16.19
N LEU C 103 -8.58 0.82 -17.31
CA LEU C 103 -10.04 0.77 -17.40
C LEU C 103 -10.65 -0.35 -16.55
N ALA C 104 -9.85 -1.40 -16.20
CA ALA C 104 -10.26 -2.50 -15.32
C ALA C 104 -10.66 -1.94 -13.94
N ILE C 105 -10.12 -0.76 -13.53
CA ILE C 105 -10.57 -0.08 -12.30
C ILE C 105 -12.08 0.18 -12.43
N GLY C 106 -12.52 0.72 -13.57
CA GLY C 106 -13.95 1.01 -13.80
C GLY C 106 -14.81 -0.21 -14.04
N SER C 107 -14.34 -1.07 -14.93
CA SER C 107 -15.00 -2.33 -15.32
C SER C 107 -15.28 -3.25 -14.11
N ILE C 108 -14.31 -3.45 -13.22
CA ILE C 108 -14.52 -4.35 -12.09
C ILE C 108 -15.36 -3.63 -11.00
N SER C 109 -15.08 -2.33 -10.76
CA SER C 109 -15.79 -1.50 -9.79
C SER C 109 -17.28 -1.50 -10.11
N GLY C 110 -17.62 -1.23 -11.37
CA GLY C 110 -19.00 -1.17 -11.83
C GLY C 110 -19.71 -2.50 -11.65
N HIS C 111 -19.03 -3.55 -12.03
CA HIS C 111 -19.50 -4.93 -11.91
C HIS C 111 -19.74 -5.33 -10.44
N ALA C 112 -18.83 -4.95 -9.53
CA ALA C 112 -18.95 -5.27 -8.10
C ALA C 112 -20.08 -4.53 -7.37
N ARG C 113 -20.62 -3.49 -7.99
CA ARG C 113 -21.75 -2.73 -7.40
C ARG C 113 -23.03 -3.57 -7.45
N VAL C 114 -23.22 -4.29 -8.57
CA VAL C 114 -24.36 -5.16 -8.87
C VAL C 114 -24.09 -6.60 -8.39
N HIS C 115 -22.81 -7.06 -8.45
CA HIS C 115 -22.39 -8.40 -8.03
C HIS C 115 -21.16 -8.36 -7.11
N PRO C 116 -21.36 -8.07 -5.80
CA PRO C 116 -20.19 -8.00 -4.89
C PRO C 116 -19.49 -9.33 -4.61
N ASP C 117 -20.11 -10.46 -5.01
CA ASP C 117 -19.55 -11.80 -4.79
C ASP C 117 -18.71 -12.30 -5.98
N LEU C 118 -18.46 -11.44 -6.97
CA LEU C 118 -17.69 -11.83 -8.16
C LEU C 118 -16.23 -12.27 -7.86
N GLY C 119 -15.72 -13.10 -8.75
CA GLY C 119 -14.36 -13.61 -8.75
C GLY C 119 -13.71 -13.18 -10.04
N VAL C 120 -12.43 -12.75 -9.98
CA VAL C 120 -11.71 -12.20 -11.14
C VAL C 120 -10.62 -13.15 -11.69
N ILE C 121 -10.75 -13.50 -12.99
CA ILE C 121 -9.72 -14.22 -13.73
C ILE C 121 -9.02 -13.14 -14.57
N TRP C 122 -7.72 -12.93 -14.29
CA TRP C 122 -6.86 -11.93 -14.90
C TRP C 122 -5.90 -12.66 -15.85
N VAL C 123 -6.16 -12.57 -17.16
CA VAL C 123 -5.31 -13.20 -18.18
C VAL C 123 -4.43 -12.10 -18.77
N ASP C 124 -3.15 -12.16 -18.38
CA ASP C 124 -2.15 -11.14 -18.69
C ASP C 124 -0.75 -11.70 -18.50
N ALA C 125 0.23 -11.09 -19.19
CA ALA C 125 1.66 -11.35 -19.02
C ALA C 125 2.13 -10.62 -17.74
N HIS C 126 1.34 -9.63 -17.28
CA HIS C 126 1.63 -8.72 -16.17
C HIS C 126 0.61 -8.78 -15.04
N THR C 127 1.04 -8.48 -13.80
CA THR C 127 0.14 -8.51 -12.66
C THR C 127 -0.75 -7.27 -12.58
N ASP C 128 -0.26 -6.13 -13.08
CA ASP C 128 -0.93 -4.81 -13.02
C ASP C 128 -1.31 -4.43 -11.58
N ILE C 129 -0.45 -4.76 -10.60
CA ILE C 129 -0.69 -4.59 -9.16
C ILE C 129 0.30 -3.63 -8.47
N ASN C 130 1.03 -2.84 -9.27
CA ASN C 130 1.91 -1.79 -8.75
C ASN C 130 1.00 -0.72 -8.16
N THR C 131 1.40 -0.11 -7.04
CA THR C 131 0.59 0.98 -6.48
C THR C 131 1.17 2.33 -7.04
N PRO C 132 0.57 3.52 -6.77
CA PRO C 132 1.18 4.78 -7.23
C PRO C 132 2.53 5.08 -6.54
N LEU C 133 2.97 4.22 -5.60
CA LEU C 133 4.22 4.35 -4.85
C LEU C 133 5.26 3.27 -5.16
N THR C 134 4.86 2.13 -5.75
CA THR C 134 5.82 1.07 -6.13
C THR C 134 6.21 1.21 -7.62
N THR C 135 5.29 1.77 -8.45
CA THR C 135 5.49 2.01 -9.90
C THR C 135 6.79 2.75 -10.25
N THR C 136 7.42 2.35 -11.37
CA THR C 136 8.64 3.04 -11.83
C THR C 136 8.42 3.81 -13.13
N SER C 137 7.37 3.43 -13.86
CA SER C 137 7.00 4.02 -15.14
C SER C 137 6.01 5.19 -15.00
N GLY C 138 5.18 5.14 -13.95
CA GLY C 138 4.11 6.10 -13.70
C GLY C 138 2.89 5.87 -14.58
N ASN C 139 2.84 4.71 -15.27
CA ASN C 139 1.73 4.36 -16.18
C ASN C 139 0.66 3.57 -15.41
N LEU C 140 -0.55 4.14 -15.34
CA LEU C 140 -1.66 3.59 -14.55
C LEU C 140 -2.21 2.25 -15.04
N HIS C 141 -1.94 1.84 -16.30
CA HIS C 141 -2.40 0.52 -16.80
C HIS C 141 -1.66 -0.68 -16.11
N GLY C 142 -0.56 -0.38 -15.42
CA GLY C 142 0.21 -1.37 -14.65
C GLY C 142 -0.15 -1.27 -13.17
N GLN C 143 -1.21 -0.50 -12.86
CA GLN C 143 -1.66 -0.25 -11.49
C GLN C 143 -3.13 -0.60 -11.13
N PRO C 144 -4.04 -1.05 -12.04
CA PRO C 144 -5.45 -1.22 -11.65
C PRO C 144 -5.76 -2.14 -10.46
N VAL C 145 -5.10 -3.29 -10.36
CA VAL C 145 -5.38 -4.26 -9.29
C VAL C 145 -5.09 -3.68 -7.89
N SER C 146 -4.08 -2.79 -7.75
CA SER C 146 -3.75 -2.19 -6.45
C SER C 146 -4.92 -1.33 -5.90
N PHE C 147 -5.63 -0.65 -6.80
CA PHE C 147 -6.76 0.20 -6.45
C PHE C 147 -7.96 -0.58 -6.02
N LEU C 148 -8.14 -1.78 -6.59
CA LEU C 148 -9.27 -2.68 -6.37
C LEU C 148 -9.17 -3.60 -5.14
N LEU C 149 -7.93 -3.95 -4.76
CA LEU C 149 -7.62 -4.85 -3.67
C LEU C 149 -7.94 -4.28 -2.29
N LYS C 150 -8.83 -4.95 -1.53
CA LYS C 150 -9.21 -4.53 -0.17
C LYS C 150 -8.03 -4.52 0.80
N GLU C 151 -7.11 -5.46 0.63
CA GLU C 151 -5.91 -5.62 1.46
C GLU C 151 -4.89 -4.51 1.25
N LEU C 152 -4.99 -3.74 0.14
CA LEU C 152 -4.07 -2.63 -0.15
C LEU C 152 -4.63 -1.26 0.26
N LYS C 153 -5.78 -1.24 0.97
CA LYS C 153 -6.38 -0.01 1.50
C LYS C 153 -5.45 0.44 2.64
N GLY C 154 -4.86 1.61 2.50
CA GLY C 154 -3.90 2.13 3.46
C GLY C 154 -2.54 2.25 2.81
N LYS C 155 -2.40 1.59 1.63
CA LYS C 155 -1.19 1.58 0.82
C LYS C 155 -1.38 2.40 -0.45
N ILE C 156 -2.63 2.82 -0.72
CA ILE C 156 -2.90 3.63 -1.90
C ILE C 156 -3.09 5.09 -1.44
N PRO C 157 -2.24 6.04 -1.88
CA PRO C 157 -2.42 7.43 -1.41
C PRO C 157 -3.58 8.13 -2.14
N ASP C 158 -4.00 9.32 -1.68
CA ASP C 158 -5.08 10.09 -2.31
C ASP C 158 -4.61 10.55 -3.70
N VAL C 159 -5.04 9.86 -4.77
CA VAL C 159 -4.69 10.21 -6.15
C VAL C 159 -5.83 11.03 -6.79
N PRO C 160 -5.58 12.24 -7.36
CA PRO C 160 -6.68 12.97 -8.03
C PRO C 160 -7.28 12.14 -9.17
N GLY C 161 -8.61 12.06 -9.17
CA GLY C 161 -9.42 11.27 -10.11
C GLY C 161 -9.94 9.95 -9.54
N PHE C 162 -9.40 9.50 -8.40
CA PHE C 162 -9.70 8.18 -7.80
C PHE C 162 -10.44 8.18 -6.43
N SER C 163 -10.92 9.34 -5.95
CA SER C 163 -11.65 9.48 -4.68
C SER C 163 -12.93 8.61 -4.61
N TRP C 164 -13.54 8.33 -5.79
CA TRP C 164 -14.75 7.52 -6.00
C TRP C 164 -14.50 6.03 -5.80
N VAL C 165 -13.24 5.60 -5.92
CA VAL C 165 -12.85 4.20 -5.82
C VAL C 165 -12.93 3.76 -4.37
N THR C 166 -13.63 2.65 -4.17
CA THR C 166 -13.71 1.92 -2.91
C THR C 166 -13.23 0.51 -3.28
N PRO C 167 -12.13 -0.01 -2.65
CA PRO C 167 -11.68 -1.37 -2.99
C PRO C 167 -12.84 -2.33 -2.81
N CYS C 168 -13.06 -3.19 -3.81
CA CYS C 168 -14.19 -4.10 -3.89
C CYS C 168 -13.85 -5.61 -3.98
N ILE C 169 -12.56 -6.00 -4.19
CA ILE C 169 -12.24 -7.44 -4.24
C ILE C 169 -11.11 -7.82 -3.26
N SER C 170 -11.28 -8.94 -2.55
CA SER C 170 -10.26 -9.45 -1.64
C SER C 170 -9.17 -10.13 -2.47
N ALA C 171 -7.92 -10.13 -2.00
CA ALA C 171 -6.79 -10.80 -2.65
C ALA C 171 -7.09 -12.27 -2.96
N LYS C 172 -8.04 -12.88 -2.21
CA LYS C 172 -8.50 -14.26 -2.31
C LYS C 172 -9.50 -14.48 -3.45
N ASP C 173 -9.95 -13.40 -4.08
CA ASP C 173 -10.97 -13.42 -5.13
C ASP C 173 -10.45 -13.17 -6.56
N ILE C 174 -9.13 -13.25 -6.77
CA ILE C 174 -8.45 -13.04 -8.05
C ILE C 174 -7.53 -14.21 -8.36
N VAL C 175 -7.46 -14.63 -9.63
CA VAL C 175 -6.57 -15.69 -10.11
C VAL C 175 -5.88 -15.15 -11.37
N TYR C 176 -4.53 -15.14 -11.36
CA TYR C 176 -3.75 -14.69 -12.52
C TYR C 176 -3.40 -15.88 -13.41
N ILE C 177 -3.46 -15.68 -14.74
CA ILE C 177 -3.06 -16.66 -15.73
C ILE C 177 -2.13 -15.98 -16.75
N GLY C 178 -0.91 -16.53 -16.93
CA GLY C 178 0.04 -16.11 -17.94
C GLY C 178 1.24 -15.23 -17.61
N LEU C 179 1.42 -14.88 -16.32
CA LEU C 179 2.49 -14.01 -15.83
C LEU C 179 3.88 -14.44 -16.27
N ARG C 180 4.67 -13.45 -16.72
CA ARG C 180 6.06 -13.66 -17.16
C ARG C 180 6.93 -12.37 -17.05
N ASP C 181 6.33 -11.23 -16.62
CA ASP C 181 7.02 -9.95 -16.47
C ASP C 181 6.41 -9.19 -15.28
N VAL C 182 6.82 -9.58 -14.08
CA VAL C 182 6.33 -9.08 -12.79
C VAL C 182 7.44 -8.25 -12.10
N ASP C 183 7.16 -6.98 -11.76
CA ASP C 183 8.14 -6.11 -11.12
C ASP C 183 8.40 -6.57 -9.70
N PRO C 184 9.56 -6.23 -9.07
CA PRO C 184 9.82 -6.70 -7.70
C PRO C 184 8.75 -6.34 -6.66
N GLY C 185 8.24 -5.12 -6.74
CA GLY C 185 7.18 -4.65 -5.84
C GLY C 185 5.91 -5.49 -5.94
N GLU C 186 5.54 -5.85 -7.18
CA GLU C 186 4.37 -6.64 -7.54
C GLU C 186 4.50 -8.04 -7.02
N HIS C 187 5.68 -8.67 -7.26
CA HIS C 187 6.04 -9.99 -6.78
C HIS C 187 5.96 -9.99 -5.25
N TYR C 188 6.54 -8.95 -4.59
CA TYR C 188 6.47 -8.80 -3.15
C TYR C 188 4.99 -8.82 -2.69
N ILE C 189 4.09 -8.07 -3.38
CA ILE C 189 2.65 -8.00 -3.06
C ILE C 189 1.98 -9.38 -3.20
N LEU C 190 2.21 -10.07 -4.34
CA LEU C 190 1.75 -11.43 -4.67
C LEU C 190 2.01 -12.38 -3.49
N LYS C 191 3.25 -12.35 -2.96
CA LYS C 191 3.71 -13.24 -1.90
C LYS C 191 3.11 -12.94 -0.52
N THR C 192 3.24 -11.68 -0.04
CA THR C 192 2.73 -11.25 1.26
C THR C 192 1.18 -11.25 1.36
N LEU C 193 0.46 -11.16 0.22
CA LEU C 193 -1.01 -11.16 0.20
C LEU C 193 -1.63 -12.52 -0.18
N GLY C 194 -0.78 -13.51 -0.42
CA GLY C 194 -1.17 -14.88 -0.76
C GLY C 194 -2.09 -15.03 -1.96
N ILE C 195 -1.85 -14.17 -2.99
CA ILE C 195 -2.64 -14.15 -4.23
C ILE C 195 -2.38 -15.41 -5.05
N LYS C 196 -3.45 -16.00 -5.58
CA LYS C 196 -3.37 -17.20 -6.41
C LYS C 196 -2.92 -16.78 -7.82
N TYR C 197 -1.88 -17.43 -8.33
CA TYR C 197 -1.40 -17.17 -9.68
C TYR C 197 -0.88 -18.42 -10.37
N PHE C 198 -1.02 -18.44 -11.69
CA PHE C 198 -0.50 -19.48 -12.57
C PHE C 198 0.36 -18.72 -13.57
N SER C 199 1.68 -18.63 -13.29
CA SER C 199 2.59 -17.94 -14.20
C SER C 199 2.88 -18.90 -15.33
N MET C 200 3.58 -18.46 -16.37
CA MET C 200 3.97 -19.38 -17.45
C MET C 200 4.69 -20.63 -16.91
N THR C 201 5.37 -20.52 -15.75
CA THR C 201 6.05 -21.66 -15.08
C THR C 201 5.04 -22.75 -14.73
N GLU C 202 3.91 -22.35 -14.10
CA GLU C 202 2.83 -23.25 -13.71
C GLU C 202 2.11 -23.82 -14.92
N VAL C 203 1.95 -23.02 -15.99
CA VAL C 203 1.28 -23.48 -17.20
C VAL C 203 2.15 -24.56 -17.86
N ASP C 204 3.48 -24.39 -17.84
CA ASP C 204 4.44 -25.34 -18.39
C ASP C 204 4.46 -26.61 -17.56
N ARG C 205 4.46 -26.46 -16.22
CA ARG C 205 4.46 -27.55 -15.24
C ARG C 205 3.19 -28.37 -15.29
N LEU C 206 2.03 -27.71 -15.17
CA LEU C 206 0.73 -28.38 -15.10
C LEU C 206 0.03 -28.66 -16.41
N GLY C 207 0.15 -27.76 -17.39
CA GLY C 207 -0.61 -27.80 -18.63
C GLY C 207 -1.83 -26.90 -18.45
N ILE C 208 -2.46 -26.43 -19.56
CA ILE C 208 -3.62 -25.51 -19.52
C ILE C 208 -4.88 -26.19 -18.89
N GLY C 209 -5.02 -27.51 -19.05
CA GLY C 209 -6.12 -28.30 -18.49
C GLY C 209 -6.16 -28.24 -16.97
N LYS C 210 -5.03 -28.56 -16.32
CA LYS C 210 -4.91 -28.50 -14.85
C LYS C 210 -5.01 -27.06 -14.32
N VAL C 211 -4.51 -26.08 -15.11
CA VAL C 211 -4.60 -24.65 -14.72
C VAL C 211 -6.07 -24.26 -14.54
N MET C 212 -6.90 -24.64 -15.53
CA MET C 212 -8.31 -24.36 -15.56
C MET C 212 -9.10 -25.09 -14.49
N GLU C 213 -8.81 -26.38 -14.21
CA GLU C 213 -9.52 -27.13 -13.17
C GLU C 213 -9.39 -26.42 -11.82
N GLU C 214 -8.13 -26.04 -11.51
CA GLU C 214 -7.66 -25.38 -10.28
C GLU C 214 -8.21 -23.98 -10.14
N THR C 215 -8.18 -23.20 -11.23
CA THR C 215 -8.68 -21.82 -11.29
C THR C 215 -10.17 -21.80 -10.93
N LEU C 216 -10.98 -22.61 -11.63
CA LEU C 216 -12.42 -22.66 -11.40
C LEU C 216 -12.78 -23.24 -10.04
N SER C 217 -12.10 -24.30 -9.56
CA SER C 217 -12.40 -24.84 -8.23
C SER C 217 -11.98 -23.88 -7.12
N TYR C 218 -10.89 -23.09 -7.32
CA TYR C 218 -10.46 -22.09 -6.33
C TYR C 218 -11.52 -20.95 -6.16
N LEU C 219 -12.20 -20.57 -7.24
CA LEU C 219 -13.19 -19.50 -7.21
C LEU C 219 -14.59 -19.99 -6.90
N LEU C 220 -14.96 -21.15 -7.49
CA LEU C 220 -16.28 -21.77 -7.43
C LEU C 220 -16.47 -22.92 -6.46
N GLY C 221 -15.40 -23.42 -5.85
CA GLY C 221 -15.43 -24.58 -4.96
C GLY C 221 -16.51 -24.59 -3.88
N ARG C 222 -16.62 -23.46 -3.14
CA ARG C 222 -17.60 -23.26 -2.06
C ARG C 222 -19.04 -23.30 -2.59
N LYS C 223 -19.29 -22.65 -3.74
CA LYS C 223 -20.58 -22.52 -4.43
C LYS C 223 -20.40 -21.68 -5.70
N LYS C 224 -21.41 -21.73 -6.62
CA LYS C 224 -21.40 -20.92 -7.84
C LYS C 224 -21.43 -19.44 -7.48
N ARG C 225 -20.66 -18.63 -8.20
CA ARG C 225 -20.53 -17.16 -8.00
C ARG C 225 -20.15 -16.49 -9.36
N PRO C 226 -20.48 -15.19 -9.58
CA PRO C 226 -20.18 -14.58 -10.89
C PRO C 226 -18.70 -14.48 -11.21
N ILE C 227 -18.34 -14.64 -12.49
CA ILE C 227 -16.95 -14.57 -12.96
C ILE C 227 -16.70 -13.33 -13.83
N HIS C 228 -15.65 -12.56 -13.46
CA HIS C 228 -15.18 -11.43 -14.24
C HIS C 228 -13.88 -11.86 -14.88
N LEU C 229 -13.85 -11.90 -16.23
CA LEU C 229 -12.65 -12.23 -16.97
C LEU C 229 -12.02 -10.97 -17.56
N SER C 230 -10.84 -10.58 -17.07
CA SER C 230 -10.12 -9.43 -17.60
C SER C 230 -9.00 -9.96 -18.53
N PHE C 231 -9.22 -9.81 -19.83
CA PHE C 231 -8.32 -10.37 -20.83
C PHE C 231 -7.43 -9.34 -21.49
N ASP C 232 -6.14 -9.34 -21.13
CA ASP C 232 -5.14 -8.49 -21.76
C ASP C 232 -4.52 -9.35 -22.84
N VAL C 233 -4.58 -8.88 -24.09
CA VAL C 233 -4.11 -9.61 -25.29
C VAL C 233 -2.61 -9.96 -25.24
N ASP C 234 -1.83 -9.27 -24.36
CA ASP C 234 -0.40 -9.55 -24.25
C ASP C 234 -0.15 -10.79 -23.37
N GLY C 235 -1.21 -11.35 -22.79
CA GLY C 235 -1.17 -12.60 -22.04
C GLY C 235 -0.85 -13.70 -23.02
N LEU C 236 -1.34 -13.52 -24.27
CA LEU C 236 -1.04 -14.44 -25.34
C LEU C 236 0.29 -14.04 -25.94
N ASP C 237 0.92 -15.01 -26.57
CA ASP C 237 2.22 -14.84 -27.19
C ASP C 237 2.24 -13.79 -28.33
N PRO C 238 3.32 -12.95 -28.44
CA PRO C 238 3.41 -11.97 -29.55
C PRO C 238 3.34 -12.53 -30.98
N SER C 239 3.42 -13.86 -31.15
CA SER C 239 3.29 -14.50 -32.47
C SER C 239 1.80 -14.57 -32.86
N PHE C 240 0.89 -14.40 -31.87
CA PHE C 240 -0.56 -14.37 -32.08
C PHE C 240 -1.13 -12.97 -31.92
N THR C 241 -0.62 -12.20 -30.93
CA THR C 241 -1.08 -10.83 -30.67
C THR C 241 0.08 -9.78 -30.67
N PRO C 242 0.77 -9.56 -31.82
CA PRO C 242 1.87 -8.57 -31.83
C PRO C 242 1.46 -7.12 -31.64
N ALA C 243 0.32 -6.71 -32.18
CA ALA C 243 -0.17 -5.33 -32.11
C ALA C 243 -0.70 -4.98 -30.69
N THR C 244 0.25 -4.79 -29.74
CA THR C 244 0.04 -4.49 -28.31
C THR C 244 1.28 -3.76 -27.75
N GLY C 245 1.05 -2.94 -26.74
CA GLY C 245 2.04 -2.06 -26.14
C GLY C 245 3.22 -2.68 -25.44
N THR C 246 2.98 -3.72 -24.64
CA THR C 246 4.02 -4.37 -23.85
C THR C 246 4.06 -5.88 -24.14
N PRO C 247 4.55 -6.28 -25.34
CA PRO C 247 4.63 -7.72 -25.64
C PRO C 247 5.80 -8.40 -24.92
N VAL C 248 5.61 -9.69 -24.55
CA VAL C 248 6.62 -10.50 -23.87
C VAL C 248 6.58 -11.90 -24.49
N VAL C 249 7.77 -12.38 -24.95
CA VAL C 249 8.00 -13.70 -25.53
C VAL C 249 7.59 -14.83 -24.56
N GLY C 250 7.19 -15.98 -25.12
CA GLY C 250 6.84 -17.18 -24.36
C GLY C 250 5.50 -17.10 -23.66
N GLY C 251 4.53 -16.54 -24.34
CA GLY C 251 3.19 -16.39 -23.79
C GLY C 251 2.27 -17.54 -24.11
N LEU C 252 1.01 -17.42 -23.67
CA LEU C 252 -0.04 -18.37 -23.92
C LEU C 252 -0.24 -18.53 -25.43
N THR C 253 -0.47 -19.76 -25.86
CA THR C 253 -0.69 -20.05 -27.28
C THR C 253 -2.16 -19.75 -27.61
N TYR C 254 -2.44 -19.53 -28.89
CA TYR C 254 -3.78 -19.32 -29.44
C TYR C 254 -4.74 -20.43 -28.93
N ARG C 255 -4.28 -21.70 -28.94
CA ARG C 255 -4.99 -22.87 -28.44
C ARG C 255 -5.29 -22.78 -26.94
N GLU C 256 -4.30 -22.40 -26.12
CA GLU C 256 -4.47 -22.22 -24.67
C GLU C 256 -5.44 -21.07 -24.39
N GLY C 257 -5.36 -19.99 -25.19
CA GLY C 257 -6.23 -18.84 -25.09
C GLY C 257 -7.69 -19.23 -25.29
N LEU C 258 -7.93 -20.03 -26.34
CA LEU C 258 -9.25 -20.56 -26.67
C LEU C 258 -9.69 -21.56 -25.61
N TYR C 259 -8.75 -22.33 -25.06
CA TYR C 259 -9.09 -23.29 -24.01
C TYR C 259 -9.61 -22.61 -22.73
N ILE C 260 -8.92 -21.56 -22.23
CA ILE C 260 -9.30 -20.79 -21.05
C ILE C 260 -10.76 -20.28 -21.16
N THR C 261 -11.04 -19.59 -22.26
CA THR C 261 -12.35 -18.98 -22.54
C THR C 261 -13.45 -20.02 -22.78
N GLU C 262 -13.14 -21.16 -23.46
CA GLU C 262 -14.10 -22.25 -23.68
C GLU C 262 -14.49 -22.88 -22.33
N GLU C 263 -13.52 -22.99 -21.40
CA GLU C 263 -13.80 -23.51 -20.07
C GLU C 263 -14.65 -22.56 -19.24
N ILE C 264 -14.37 -21.23 -19.32
CA ILE C 264 -15.14 -20.21 -18.60
C ILE C 264 -16.57 -20.16 -19.12
N TYR C 265 -16.77 -20.32 -20.46
CA TYR C 265 -18.10 -20.32 -21.06
C TYR C 265 -18.96 -21.42 -20.43
N LYS C 266 -18.44 -22.67 -20.45
CA LYS C 266 -19.07 -23.91 -20.00
C LYS C 266 -19.56 -23.82 -18.57
N THR C 267 -18.95 -22.96 -17.72
CA THR C 267 -19.39 -22.81 -16.32
C THR C 267 -20.78 -22.14 -16.28
N GLY C 268 -21.06 -21.31 -17.29
CA GLY C 268 -22.29 -20.54 -17.39
C GLY C 268 -22.29 -19.35 -16.45
N LEU C 269 -21.11 -19.04 -15.85
CA LEU C 269 -21.01 -17.98 -14.85
C LEU C 269 -20.29 -16.70 -15.31
N LEU C 270 -19.97 -16.57 -16.62
CA LEU C 270 -19.31 -15.33 -17.07
C LEU C 270 -20.30 -14.18 -16.91
N SER C 271 -19.89 -13.15 -16.13
CA SER C 271 -20.73 -12.01 -15.78
C SER C 271 -20.19 -10.68 -16.32
N GLY C 272 -18.88 -10.60 -16.46
CA GLY C 272 -18.17 -9.44 -16.97
C GLY C 272 -16.91 -9.87 -17.68
N LEU C 273 -16.64 -9.20 -18.82
CA LEU C 273 -15.48 -9.50 -19.67
C LEU C 273 -14.83 -8.22 -20.16
N ASP C 274 -13.50 -8.24 -20.21
CA ASP C 274 -12.66 -7.15 -20.73
C ASP C 274 -11.75 -7.66 -21.83
N ILE C 275 -11.73 -6.97 -22.99
CA ILE C 275 -10.80 -7.25 -24.09
C ILE C 275 -9.91 -6.02 -24.17
N MET C 276 -8.71 -6.15 -23.57
CA MET C 276 -7.78 -5.03 -23.38
C MET C 276 -6.47 -5.09 -24.11
N GLU C 277 -5.93 -3.89 -24.40
CA GLU C 277 -4.61 -3.59 -24.96
C GLU C 277 -4.41 -3.96 -26.46
N VAL C 278 -5.48 -4.01 -27.26
CA VAL C 278 -5.30 -4.24 -28.70
C VAL C 278 -4.88 -2.89 -29.30
N ASN C 279 -3.63 -2.76 -29.78
CA ASN C 279 -3.18 -1.49 -30.37
C ASN C 279 -2.90 -1.65 -31.88
N PRO C 280 -3.86 -1.23 -32.74
CA PRO C 280 -3.69 -1.39 -34.20
C PRO C 280 -2.53 -0.60 -34.86
N SER C 281 -1.93 0.39 -34.16
CA SER C 281 -0.84 1.17 -34.75
C SER C 281 0.55 0.63 -34.38
N LEU C 282 0.62 -0.53 -33.68
CA LEU C 282 1.86 -1.19 -33.23
C LEU C 282 2.20 -2.47 -34.00
N GLY C 283 1.44 -2.77 -35.02
CA GLY C 283 1.75 -3.92 -35.87
C GLY C 283 2.88 -3.53 -36.80
N LYS C 284 3.91 -4.40 -36.95
CA LYS C 284 5.02 -4.13 -37.88
C LYS C 284 4.50 -4.12 -39.34
N THR C 285 3.47 -4.94 -39.63
CA THR C 285 2.82 -5.04 -40.95
C THR C 285 1.30 -4.94 -40.78
N PRO C 286 0.47 -4.64 -41.82
CA PRO C 286 -1.00 -4.67 -41.63
C PRO C 286 -1.50 -6.07 -41.23
N GLU C 287 -0.77 -7.15 -41.63
CA GLU C 287 -1.09 -8.54 -41.27
C GLU C 287 -0.93 -8.74 -39.75
N GLU C 288 0.05 -8.07 -39.13
CA GLU C 288 0.26 -8.15 -37.68
C GLU C 288 -0.98 -7.63 -36.94
N VAL C 289 -1.57 -6.53 -37.47
CA VAL C 289 -2.80 -5.92 -36.95
C VAL C 289 -3.98 -6.89 -37.10
N THR C 290 -4.30 -7.35 -38.35
CA THR C 290 -5.44 -8.26 -38.58
C THR C 290 -5.29 -9.57 -37.79
N ARG C 291 -4.05 -10.07 -37.59
CA ARG C 291 -3.81 -11.28 -36.81
C ARG C 291 -4.22 -11.05 -35.34
N THR C 292 -3.75 -9.92 -34.75
CA THR C 292 -4.07 -9.56 -33.37
C THR C 292 -5.58 -9.38 -33.20
N VAL C 293 -6.22 -8.68 -34.16
CA VAL C 293 -7.65 -8.41 -34.10
C VAL C 293 -8.43 -9.74 -34.21
N ASN C 294 -8.06 -10.60 -35.18
CA ASN C 294 -8.68 -11.92 -35.36
C ASN C 294 -8.49 -12.79 -34.14
N THR C 295 -7.35 -12.70 -33.45
CA THR C 295 -7.12 -13.51 -32.25
C THR C 295 -8.08 -13.03 -31.17
N ALA C 296 -8.13 -11.71 -30.91
CA ALA C 296 -9.01 -11.06 -29.93
C ALA C 296 -10.48 -11.39 -30.19
N VAL C 297 -10.92 -11.34 -31.47
CA VAL C 297 -12.29 -11.68 -31.84
C VAL C 297 -12.57 -13.13 -31.47
N ALA C 298 -11.66 -14.04 -31.88
CA ALA C 298 -11.74 -15.48 -31.61
C ALA C 298 -11.90 -15.80 -30.12
N ILE C 299 -11.10 -15.14 -29.26
CA ILE C 299 -11.16 -15.26 -27.80
C ILE C 299 -12.54 -14.82 -27.29
N THR C 300 -13.08 -13.67 -27.82
CA THR C 300 -14.37 -13.10 -27.45
C THR C 300 -15.51 -14.04 -27.84
N LEU C 301 -15.51 -14.58 -29.08
CA LEU C 301 -16.54 -15.52 -29.54
C LEU C 301 -16.59 -16.80 -28.70
N ALA C 302 -15.42 -17.32 -28.29
CA ALA C 302 -15.29 -18.48 -27.42
C ALA C 302 -15.85 -18.20 -25.99
N CYS C 303 -15.86 -16.93 -25.54
CA CYS C 303 -16.41 -16.60 -24.20
C CYS C 303 -17.92 -16.74 -24.24
N PHE C 304 -18.50 -16.64 -25.45
CA PHE C 304 -19.93 -16.66 -25.66
C PHE C 304 -20.41 -17.88 -26.43
N GLY C 305 -19.69 -18.98 -26.23
CA GLY C 305 -20.12 -20.29 -26.70
C GLY C 305 -19.55 -20.94 -27.92
N LEU C 306 -18.74 -20.23 -28.71
CA LEU C 306 -18.16 -20.80 -29.92
C LEU C 306 -17.18 -21.87 -29.51
N ALA C 307 -17.47 -23.13 -29.85
CA ALA C 307 -16.67 -24.28 -29.48
C ALA C 307 -15.94 -24.89 -30.68
N ARG C 308 -14.67 -25.27 -30.46
CA ARG C 308 -13.83 -25.89 -31.47
C ARG C 308 -14.35 -27.24 -31.96
N GLU C 309 -15.01 -28.03 -31.07
CA GLU C 309 -15.61 -29.32 -31.44
C GLU C 309 -16.84 -29.13 -32.36
N GLY C 310 -17.38 -27.90 -32.39
CA GLY C 310 -18.53 -27.52 -33.19
C GLY C 310 -19.71 -27.09 -32.36
N ASN C 311 -20.67 -26.40 -33.02
CA ASN C 311 -21.90 -25.90 -32.43
C ASN C 311 -23.11 -26.24 -33.30
N HIS C 312 -24.26 -26.47 -32.67
CA HIS C 312 -25.51 -26.70 -33.40
C HIS C 312 -26.74 -26.23 -32.60
N LYS C 313 -27.77 -25.77 -33.34
CA LYS C 313 -29.04 -25.29 -32.80
C LYS C 313 -29.85 -26.52 -32.33
N PRO C 314 -30.77 -26.39 -31.34
CA PRO C 314 -31.51 -27.57 -30.88
C PRO C 314 -32.68 -27.94 -31.80
N ILE C 315 -32.32 -28.36 -33.03
CA ILE C 315 -33.18 -28.80 -34.13
C ILE C 315 -32.51 -30.00 -34.81
N ASP C 316 -33.30 -30.89 -35.43
CA ASP C 316 -32.80 -32.07 -36.12
C ASP C 316 -32.26 -31.65 -37.48
N TYR C 317 -31.02 -32.01 -37.79
CA TYR C 317 -30.36 -31.66 -39.04
C TYR C 317 -30.45 -32.76 -40.10
N LEU C 318 -30.66 -34.02 -39.66
CA LEU C 318 -30.80 -35.18 -40.55
C LEU C 318 -32.22 -35.26 -41.16
N ASN C 319 -33.20 -34.59 -40.50
CA ASN C 319 -34.60 -34.46 -40.89
C ASN C 319 -34.75 -33.50 -42.07
N ALA D 3 25.61 -15.29 -3.02
CA ALA D 3 25.00 -16.61 -2.77
C ALA D 3 25.54 -17.68 -3.73
N LYS D 4 25.77 -18.92 -3.25
CA LYS D 4 26.35 -20.02 -4.04
C LYS D 4 25.66 -20.27 -5.37
N SER D 5 24.32 -20.25 -5.41
CA SER D 5 23.57 -20.46 -6.66
C SER D 5 23.67 -19.26 -7.63
N ARG D 6 24.26 -18.14 -7.17
CA ARG D 6 24.43 -16.91 -7.94
C ARG D 6 25.89 -16.38 -7.98
N THR D 7 26.90 -17.21 -7.57
CA THR D 7 28.34 -16.87 -7.63
C THR D 7 28.90 -17.52 -8.91
N ILE D 8 29.21 -16.69 -9.92
CA ILE D 8 29.55 -17.13 -11.28
C ILE D 8 30.97 -16.75 -11.75
N GLY D 9 31.61 -17.74 -12.37
CA GLY D 9 32.91 -17.65 -13.02
C GLY D 9 32.72 -17.87 -14.51
N ILE D 10 32.83 -16.78 -15.30
CA ILE D 10 32.61 -16.80 -16.73
C ILE D 10 33.88 -17.15 -17.46
N ILE D 11 33.79 -18.15 -18.35
CA ILE D 11 34.90 -18.59 -19.19
C ILE D 11 34.47 -18.52 -20.66
N GLY D 12 35.16 -17.69 -21.42
CA GLY D 12 34.98 -17.60 -22.87
C GLY D 12 35.79 -18.72 -23.50
N ALA D 13 35.16 -19.58 -24.27
CA ALA D 13 35.83 -20.69 -24.94
C ALA D 13 35.57 -20.54 -26.46
N PRO D 14 36.24 -19.55 -27.12
CA PRO D 14 35.98 -19.32 -28.55
C PRO D 14 36.70 -20.33 -29.44
N PHE D 15 36.08 -21.51 -29.61
CA PHE D 15 36.65 -22.61 -30.35
C PHE D 15 35.65 -23.17 -31.37
N SER D 16 36.11 -23.47 -32.60
CA SER D 16 35.23 -23.94 -33.68
C SER D 16 35.68 -25.22 -34.39
N LYS D 17 36.90 -25.68 -34.11
CA LYS D 17 37.48 -26.84 -34.81
C LYS D 17 36.88 -28.21 -34.42
N GLY D 18 35.78 -28.21 -33.67
CA GLY D 18 35.05 -29.46 -33.37
C GLY D 18 34.02 -29.73 -34.45
N GLN D 19 33.86 -28.78 -35.38
CA GLN D 19 32.90 -28.86 -36.48
C GLN D 19 33.37 -28.06 -37.72
N PRO D 20 32.74 -28.22 -38.90
CA PRO D 20 33.24 -27.51 -40.08
C PRO D 20 32.71 -26.08 -40.29
N ARG D 21 31.60 -25.69 -39.66
CA ARG D 21 31.03 -24.36 -39.88
C ARG D 21 31.74 -23.28 -39.06
N GLY D 22 32.34 -22.31 -39.76
CA GLY D 22 33.03 -21.19 -39.14
C GLY D 22 32.04 -20.23 -38.52
N GLY D 23 32.46 -19.52 -37.48
CA GLY D 23 31.65 -18.51 -36.81
C GLY D 23 31.27 -18.77 -35.36
N VAL D 24 31.18 -20.07 -34.97
CA VAL D 24 30.80 -20.46 -33.61
C VAL D 24 31.84 -19.93 -32.60
N GLU D 25 33.08 -19.64 -33.04
CA GLU D 25 34.13 -19.06 -32.20
C GLU D 25 33.77 -17.63 -31.75
N GLU D 26 32.82 -16.96 -32.45
CA GLU D 26 32.33 -15.63 -32.07
C GLU D 26 31.25 -15.65 -30.96
N GLY D 27 30.76 -16.85 -30.62
CA GLY D 27 29.75 -17.09 -29.59
C GLY D 27 29.99 -16.34 -28.29
N PRO D 28 31.19 -16.39 -27.65
CA PRO D 28 31.38 -15.65 -26.39
C PRO D 28 31.30 -14.13 -26.57
N THR D 29 31.82 -13.64 -27.73
CA THR D 29 31.86 -12.23 -28.10
C THR D 29 30.43 -11.66 -28.19
N VAL D 30 29.57 -12.34 -28.94
CA VAL D 30 28.19 -11.97 -29.20
C VAL D 30 27.31 -12.10 -27.93
N LEU D 31 27.59 -13.09 -27.07
CA LEU D 31 26.85 -13.24 -25.82
C LEU D 31 27.21 -12.09 -24.82
N ARG D 32 28.48 -11.63 -24.82
CA ARG D 32 28.90 -10.51 -23.95
C ARG D 32 28.33 -9.18 -24.45
N LYS D 33 28.36 -8.91 -25.80
CA LYS D 33 27.81 -7.67 -26.38
C LYS D 33 26.32 -7.55 -26.03
N ALA D 34 25.61 -8.70 -25.89
CA ALA D 34 24.19 -8.74 -25.52
C ALA D 34 23.98 -8.29 -24.06
N GLY D 35 25.06 -8.12 -23.30
CA GLY D 35 25.01 -7.63 -21.93
C GLY D 35 24.77 -8.67 -20.86
N LEU D 36 25.21 -9.93 -21.10
CA LEU D 36 25.06 -11.06 -20.18
C LEU D 36 25.57 -10.74 -18.79
N LEU D 37 26.80 -10.22 -18.68
CA LEU D 37 27.44 -9.89 -17.39
C LEU D 37 26.63 -8.87 -16.61
N GLU D 38 26.24 -7.75 -17.27
CA GLU D 38 25.46 -6.67 -16.69
C GLU D 38 24.11 -7.17 -16.25
N LYS D 39 23.48 -8.04 -17.08
CA LYS D 39 22.18 -8.63 -16.78
C LYS D 39 22.23 -9.55 -15.56
N LEU D 40 23.27 -10.41 -15.47
CA LEU D 40 23.46 -11.29 -14.31
C LEU D 40 23.69 -10.45 -13.05
N LYS D 41 24.41 -9.32 -13.17
CA LYS D 41 24.67 -8.40 -12.04
C LYS D 41 23.39 -7.68 -11.54
N GLU D 42 22.41 -7.45 -12.44
CA GLU D 42 21.12 -6.81 -12.13
C GLU D 42 20.20 -7.75 -11.36
N GLN D 43 20.59 -9.03 -11.33
CA GLN D 43 19.94 -10.22 -10.81
C GLN D 43 20.63 -10.74 -9.53
N GLU D 44 21.30 -9.84 -8.78
CA GLU D 44 22.00 -10.18 -7.51
C GLU D 44 23.16 -11.22 -7.69
N CYS D 45 23.78 -11.29 -8.89
CA CYS D 45 24.86 -12.24 -9.16
C CYS D 45 26.26 -11.66 -8.90
N ASP D 46 27.12 -12.43 -8.19
CA ASP D 46 28.53 -12.13 -7.94
C ASP D 46 29.22 -12.79 -9.11
N VAL D 47 29.62 -11.98 -10.10
CA VAL D 47 30.19 -12.41 -11.37
C VAL D 47 31.67 -12.04 -11.54
N LYS D 48 32.51 -13.03 -11.82
CA LYS D 48 33.94 -12.82 -12.14
C LYS D 48 34.13 -13.30 -13.56
N ASP D 49 34.79 -12.48 -14.37
CA ASP D 49 35.00 -12.78 -15.77
C ASP D 49 36.48 -13.13 -15.99
N TYR D 50 36.75 -14.41 -16.26
CA TYR D 50 38.08 -14.98 -16.47
C TYR D 50 38.61 -14.74 -17.89
N GLY D 51 37.83 -14.04 -18.71
CA GLY D 51 38.18 -13.72 -20.08
C GLY D 51 38.05 -14.88 -21.06
N ASP D 52 38.54 -14.66 -22.27
CA ASP D 52 38.50 -15.62 -23.36
C ASP D 52 39.82 -16.37 -23.47
N LEU D 53 39.74 -17.70 -23.37
CA LEU D 53 40.91 -18.55 -23.49
C LEU D 53 41.59 -18.36 -24.83
N PRO D 54 42.94 -18.23 -24.82
CA PRO D 54 43.66 -18.13 -26.09
C PRO D 54 43.78 -19.56 -26.64
N PHE D 55 43.26 -19.80 -27.81
CA PHE D 55 43.42 -21.17 -28.27
C PHE D 55 44.41 -21.09 -29.37
N ALA D 56 45.70 -21.03 -28.96
CA ALA D 56 46.84 -20.89 -29.84
C ALA D 56 46.75 -21.90 -30.98
N ASP D 57 47.05 -21.40 -32.18
CA ASP D 57 47.03 -22.17 -33.41
C ASP D 57 47.80 -23.46 -33.26
N ILE D 58 47.19 -24.57 -33.68
CA ILE D 58 47.83 -25.86 -33.74
C ILE D 58 47.79 -26.24 -35.22
N PRO D 59 48.74 -25.71 -36.04
CA PRO D 59 48.75 -26.11 -37.46
C PRO D 59 49.38 -27.51 -37.48
N ASN D 60 49.22 -28.24 -38.59
CA ASN D 60 49.74 -29.62 -38.65
C ASN D 60 48.98 -30.46 -37.60
N ASP D 61 47.72 -30.64 -37.92
CA ASP D 61 46.75 -31.40 -37.13
C ASP D 61 45.94 -32.15 -38.14
N SER D 62 46.59 -33.14 -38.73
CA SER D 62 46.02 -34.00 -39.77
C SER D 62 44.99 -34.94 -39.14
N PRO D 63 43.97 -35.43 -39.89
CA PRO D 63 42.98 -36.31 -39.26
C PRO D 63 43.50 -37.63 -38.70
N PHE D 64 42.80 -38.11 -37.68
CA PHE D 64 43.01 -39.40 -37.05
C PHE D 64 41.87 -40.19 -37.67
N GLN D 65 42.16 -40.94 -38.75
CA GLN D 65 41.24 -41.72 -39.58
C GLN D 65 40.32 -40.72 -40.27
N ILE D 66 39.04 -40.67 -39.88
CA ILE D 66 38.08 -39.74 -40.44
C ILE D 66 37.84 -38.58 -39.46
N VAL D 67 38.38 -38.70 -38.22
CA VAL D 67 38.24 -37.70 -37.16
C VAL D 67 39.08 -36.46 -37.48
N LYS D 68 38.41 -35.32 -37.68
CA LYS D 68 39.06 -34.03 -38.03
C LYS D 68 39.54 -33.22 -36.81
N ASN D 69 40.64 -32.45 -37.01
CA ASN D 69 41.28 -31.55 -36.05
C ASN D 69 41.46 -32.15 -34.64
N PRO D 70 41.96 -33.41 -34.46
CA PRO D 70 42.01 -34.00 -33.10
C PRO D 70 42.85 -33.28 -32.05
N ARG D 71 44.07 -32.83 -32.42
CA ARG D 71 44.98 -32.18 -31.47
C ARG D 71 44.45 -30.85 -31.00
N SER D 72 43.78 -30.08 -31.89
CA SER D 72 43.16 -28.77 -31.63
C SER D 72 42.03 -28.92 -30.61
N VAL D 73 41.09 -29.85 -30.88
CA VAL D 73 39.95 -30.19 -30.02
C VAL D 73 40.42 -30.71 -28.66
N GLY D 74 41.40 -31.63 -28.69
CA GLY D 74 42.00 -32.19 -27.49
C GLY D 74 42.62 -31.15 -26.59
N LYS D 75 43.45 -30.27 -27.17
CA LYS D 75 44.17 -29.24 -26.40
C LYS D 75 43.25 -28.13 -25.91
N ALA D 76 42.26 -27.73 -26.71
CA ALA D 76 41.27 -26.73 -26.27
C ALA D 76 40.49 -27.27 -25.02
N SER D 77 40.00 -28.53 -25.11
CA SER D 77 39.28 -29.18 -24.01
C SER D 77 40.19 -29.37 -22.78
N GLU D 78 41.48 -29.70 -23.00
CA GLU D 78 42.44 -29.85 -21.91
C GLU D 78 42.68 -28.52 -21.20
N GLN D 79 42.87 -27.44 -21.98
CA GLN D 79 43.07 -26.09 -21.45
C GLN D 79 41.82 -25.63 -20.70
N LEU D 80 40.60 -25.86 -21.29
CA LEU D 80 39.31 -25.55 -20.67
C LEU D 80 39.11 -26.26 -19.33
N ALA D 81 39.44 -27.57 -19.27
CA ALA D 81 39.34 -28.37 -18.04
C ALA D 81 40.17 -27.76 -16.90
N GLY D 82 41.38 -27.31 -17.22
CA GLY D 82 42.28 -26.68 -16.27
C GLY D 82 41.66 -25.43 -15.72
N LYS D 83 41.11 -24.60 -16.63
CA LYS D 83 40.42 -23.34 -16.33
C LYS D 83 39.13 -23.56 -15.50
N VAL D 84 38.30 -24.55 -15.88
CA VAL D 84 37.05 -24.90 -15.17
C VAL D 84 37.37 -25.32 -13.72
N ALA D 85 38.48 -26.06 -13.53
CA ALA D 85 38.97 -26.52 -12.23
C ALA D 85 39.34 -25.32 -11.34
N GLU D 86 39.99 -24.29 -11.93
CA GLU D 86 40.42 -23.06 -11.26
C GLU D 86 39.19 -22.26 -10.76
N VAL D 87 38.13 -22.20 -11.61
CA VAL D 87 36.86 -21.50 -11.32
C VAL D 87 36.13 -22.24 -10.20
N LYS D 88 36.11 -23.58 -10.26
CA LYS D 88 35.46 -24.40 -9.23
C LYS D 88 36.18 -24.29 -7.90
N LYS D 89 37.53 -24.32 -7.91
CA LYS D 89 38.36 -24.18 -6.72
C LYS D 89 38.06 -22.84 -6.04
N ASN D 90 37.87 -21.77 -6.85
CA ASN D 90 37.51 -20.41 -6.43
C ASN D 90 36.09 -20.28 -5.80
N GLY D 91 35.38 -21.39 -5.65
CA GLY D 91 34.03 -21.44 -5.09
C GLY D 91 32.98 -20.78 -5.96
N ARG D 92 33.13 -20.88 -7.29
CA ARG D 92 32.19 -20.27 -8.23
C ARG D 92 31.61 -21.27 -9.19
N ILE D 93 30.41 -20.99 -9.71
CA ILE D 93 29.76 -21.82 -10.72
C ILE D 93 30.43 -21.46 -12.04
N SER D 94 31.00 -22.46 -12.72
CA SER D 94 31.66 -22.20 -13.99
C SER D 94 30.60 -22.00 -15.11
N LEU D 95 30.79 -20.97 -15.93
CA LEU D 95 29.88 -20.70 -17.02
C LEU D 95 30.71 -20.63 -18.27
N VAL D 96 30.61 -21.68 -19.07
CA VAL D 96 31.38 -21.80 -20.29
C VAL D 96 30.57 -21.30 -21.42
N LEU D 97 31.11 -20.31 -22.13
CA LEU D 97 30.46 -19.71 -23.29
C LEU D 97 31.13 -20.27 -24.54
N GLY D 98 30.42 -21.11 -25.27
CA GLY D 98 30.92 -21.72 -26.49
C GLY D 98 30.84 -20.81 -27.71
N GLY D 99 31.45 -21.21 -28.84
CA GLY D 99 32.17 -22.48 -28.98
C GLY D 99 31.30 -23.68 -29.33
N ASP D 100 31.88 -24.64 -30.09
CA ASP D 100 31.17 -25.88 -30.45
C ASP D 100 31.14 -26.82 -29.22
N HIS D 101 30.28 -27.85 -29.27
CA HIS D 101 30.03 -28.75 -28.14
C HIS D 101 31.16 -29.76 -27.81
N SER D 102 32.27 -29.80 -28.59
CA SER D 102 33.38 -30.70 -28.26
C SER D 102 34.06 -30.28 -26.92
N LEU D 103 33.91 -28.99 -26.55
CA LEU D 103 34.45 -28.33 -25.37
C LEU D 103 33.87 -28.86 -24.06
N ALA D 104 32.70 -29.59 -24.14
CA ALA D 104 32.04 -30.27 -23.03
C ALA D 104 32.99 -31.33 -22.42
N ILE D 105 33.86 -31.94 -23.26
CA ILE D 105 34.89 -32.86 -22.78
C ILE D 105 35.74 -32.15 -21.72
N GLY D 106 36.21 -30.93 -22.03
CA GLY D 106 36.99 -30.15 -21.08
C GLY D 106 36.17 -29.63 -19.93
N SER D 107 35.00 -29.04 -20.23
CA SER D 107 34.08 -28.51 -19.22
C SER D 107 33.70 -29.51 -18.14
N ILE D 108 33.15 -30.66 -18.54
CA ILE D 108 32.75 -31.72 -17.61
C ILE D 108 33.97 -32.35 -16.93
N SER D 109 35.11 -32.58 -17.66
CA SER D 109 36.34 -33.15 -17.07
C SER D 109 36.93 -32.27 -15.97
N GLY D 110 36.93 -30.95 -16.19
CA GLY D 110 37.48 -29.98 -15.24
C GLY D 110 36.59 -29.84 -14.03
N HIS D 111 35.27 -29.82 -14.26
CA HIS D 111 34.27 -29.77 -13.19
C HIS D 111 34.38 -31.04 -12.29
N ALA D 112 34.52 -32.24 -12.92
CA ALA D 112 34.64 -33.52 -12.23
C ALA D 112 35.93 -33.72 -11.46
N ARG D 113 36.93 -32.83 -11.69
CA ARG D 113 38.19 -32.83 -10.94
C ARG D 113 37.95 -32.33 -9.52
N VAL D 114 37.16 -31.25 -9.39
CA VAL D 114 36.79 -30.62 -8.13
C VAL D 114 35.58 -31.35 -7.52
N HIS D 115 34.64 -31.78 -8.38
CA HIS D 115 33.44 -32.48 -7.92
C HIS D 115 33.23 -33.83 -8.64
N PRO D 116 33.87 -34.94 -8.20
CA PRO D 116 33.66 -36.24 -8.89
C PRO D 116 32.24 -36.82 -8.85
N ASP D 117 31.41 -36.41 -7.88
CA ASP D 117 30.05 -36.92 -7.70
C ASP D 117 28.98 -36.18 -8.52
N LEU D 118 29.39 -35.30 -9.47
CA LEU D 118 28.45 -34.52 -10.27
C LEU D 118 27.54 -35.37 -11.21
N GLY D 119 26.37 -34.80 -11.52
CA GLY D 119 25.37 -35.34 -12.43
C GLY D 119 25.25 -34.40 -13.61
N VAL D 120 24.94 -34.93 -14.79
CA VAL D 120 24.83 -34.16 -16.03
C VAL D 120 23.40 -34.16 -16.57
N ILE D 121 22.94 -32.97 -16.96
CA ILE D 121 21.71 -32.72 -17.72
C ILE D 121 22.26 -32.17 -19.06
N TRP D 122 21.99 -32.88 -20.17
CA TRP D 122 22.44 -32.57 -21.53
C TRP D 122 21.21 -32.20 -22.34
N VAL D 123 21.08 -30.90 -22.65
CA VAL D 123 19.94 -30.32 -23.37
C VAL D 123 20.38 -30.09 -24.80
N ASP D 124 19.91 -30.96 -25.69
CA ASP D 124 20.36 -30.98 -27.07
C ASP D 124 19.37 -31.79 -27.93
N ALA D 125 19.39 -31.55 -29.24
CA ALA D 125 18.63 -32.31 -30.24
C ALA D 125 19.42 -33.60 -30.54
N HIS D 126 20.68 -33.62 -30.15
CA HIS D 126 21.61 -34.72 -30.43
C HIS D 126 22.23 -35.30 -29.17
N THR D 127 22.60 -36.57 -29.24
CA THR D 127 23.22 -37.28 -28.10
C THR D 127 24.71 -36.96 -27.96
N ASP D 128 25.41 -36.66 -29.07
CA ASP D 128 26.86 -36.34 -29.07
C ASP D 128 27.66 -37.48 -28.43
N ILE D 129 27.21 -38.70 -28.69
CA ILE D 129 27.77 -39.91 -28.12
C ILE D 129 28.43 -40.81 -29.19
N ASN D 130 28.68 -40.28 -30.38
CA ASN D 130 29.38 -41.07 -31.38
C ASN D 130 30.82 -41.26 -30.87
N THR D 131 31.38 -42.46 -31.05
CA THR D 131 32.76 -42.72 -30.68
C THR D 131 33.59 -42.36 -31.91
N PRO D 132 34.94 -42.21 -31.81
CA PRO D 132 35.73 -41.96 -33.03
C PRO D 132 35.57 -43.05 -34.11
N LEU D 133 34.99 -44.23 -33.76
CA LEU D 133 34.76 -45.35 -34.69
C LEU D 133 33.32 -45.45 -35.22
N THR D 134 32.31 -44.95 -34.48
CA THR D 134 30.91 -44.99 -34.95
C THR D 134 30.52 -43.75 -35.75
N THR D 135 31.33 -42.69 -35.73
CA THR D 135 31.06 -41.46 -36.45
C THR D 135 31.24 -41.60 -37.97
N THR D 136 30.46 -40.81 -38.74
CA THR D 136 30.48 -40.79 -40.21
C THR D 136 30.90 -39.40 -40.72
N SER D 137 30.89 -38.42 -39.81
CA SER D 137 31.28 -37.04 -40.10
C SER D 137 32.75 -36.84 -39.74
N GLY D 138 33.17 -37.45 -38.63
CA GLY D 138 34.50 -37.26 -38.04
C GLY D 138 34.60 -35.94 -37.27
N ASN D 139 33.46 -35.23 -37.06
CA ASN D 139 33.42 -33.96 -36.32
C ASN D 139 33.32 -34.23 -34.83
N LEU D 140 34.25 -33.68 -34.05
CA LEU D 140 34.34 -33.99 -32.63
C LEU D 140 33.21 -33.38 -31.76
N HIS D 141 32.48 -32.34 -32.24
CA HIS D 141 31.33 -31.75 -31.49
C HIS D 141 30.17 -32.78 -31.31
N GLY D 142 30.16 -33.82 -32.14
CA GLY D 142 29.20 -34.91 -32.10
C GLY D 142 29.70 -36.18 -31.42
N GLN D 143 30.82 -36.07 -30.66
CA GLN D 143 31.46 -37.17 -29.91
C GLN D 143 31.77 -36.93 -28.40
N PRO D 144 31.55 -35.73 -27.79
CA PRO D 144 32.03 -35.49 -26.42
C PRO D 144 31.69 -36.53 -25.37
N VAL D 145 30.42 -36.99 -25.34
CA VAL D 145 29.88 -37.90 -24.34
C VAL D 145 30.62 -39.24 -24.30
N SER D 146 31.02 -39.80 -25.46
CA SER D 146 31.74 -41.07 -25.51
C SER D 146 33.14 -41.03 -24.82
N PHE D 147 33.82 -39.87 -24.83
CA PHE D 147 35.13 -39.70 -24.19
C PHE D 147 34.98 -39.62 -22.68
N LEU D 148 33.79 -39.20 -22.23
CA LEU D 148 33.44 -38.96 -20.83
C LEU D 148 32.87 -40.16 -20.09
N LEU D 149 32.20 -41.09 -20.80
CA LEU D 149 31.56 -42.25 -20.15
C LEU D 149 32.49 -43.38 -19.75
N LYS D 150 32.42 -43.77 -18.48
CA LYS D 150 33.19 -44.88 -17.91
C LYS D 150 32.86 -46.22 -18.60
N GLU D 151 31.57 -46.45 -18.93
CA GLU D 151 31.15 -47.69 -19.57
C GLU D 151 31.61 -47.83 -21.02
N LEU D 152 32.21 -46.79 -21.61
CA LEU D 152 32.73 -46.85 -22.99
C LEU D 152 34.26 -46.97 -23.06
N LYS D 153 34.91 -47.27 -21.90
CA LYS D 153 36.34 -47.51 -21.75
C LYS D 153 36.70 -48.82 -22.48
N GLY D 154 37.61 -48.71 -23.45
CA GLY D 154 38.02 -49.82 -24.30
C GLY D 154 37.37 -49.78 -25.66
N LYS D 155 36.51 -48.77 -25.89
CA LYS D 155 35.79 -48.56 -27.14
C LYS D 155 36.23 -47.26 -27.81
N ILE D 156 37.04 -46.46 -27.09
CA ILE D 156 37.59 -45.20 -27.57
C ILE D 156 39.07 -45.42 -28.01
N PRO D 157 39.41 -45.26 -29.32
CA PRO D 157 40.81 -45.44 -29.72
C PRO D 157 41.67 -44.27 -29.23
N ASP D 158 43.02 -44.40 -29.30
CA ASP D 158 43.96 -43.38 -28.87
C ASP D 158 44.00 -42.28 -29.92
N VAL D 159 43.18 -41.26 -29.69
CA VAL D 159 43.06 -40.13 -30.59
C VAL D 159 44.09 -39.10 -30.15
N PRO D 160 44.99 -38.66 -31.05
CA PRO D 160 45.98 -37.64 -30.65
C PRO D 160 45.31 -36.38 -30.09
N GLY D 161 45.78 -35.95 -28.94
CA GLY D 161 45.28 -34.80 -28.20
C GLY D 161 44.44 -35.15 -26.98
N PHE D 162 44.04 -36.44 -26.82
CA PHE D 162 43.12 -36.90 -25.78
C PHE D 162 43.71 -37.84 -24.73
N SER D 163 45.06 -38.01 -24.67
CA SER D 163 45.71 -38.88 -23.68
C SER D 163 45.47 -38.37 -22.21
N TRP D 164 45.13 -37.08 -22.03
CA TRP D 164 44.78 -36.51 -20.72
C TRP D 164 43.39 -37.00 -20.24
N VAL D 165 42.51 -37.42 -21.19
CA VAL D 165 41.13 -37.84 -20.91
C VAL D 165 41.07 -39.16 -20.13
N THR D 166 40.37 -39.10 -18.98
CA THR D 166 40.03 -40.19 -18.07
C THR D 166 38.49 -40.10 -17.94
N PRO D 167 37.66 -41.09 -18.40
CA PRO D 167 36.20 -40.98 -18.23
C PRO D 167 35.82 -40.74 -16.77
N CYS D 168 35.06 -39.66 -16.54
CA CYS D 168 34.69 -39.17 -15.21
C CYS D 168 33.23 -39.34 -14.85
N ILE D 169 32.39 -39.76 -15.80
CA ILE D 169 30.95 -39.91 -15.54
C ILE D 169 30.44 -41.29 -15.94
N SER D 170 29.52 -41.82 -15.13
CA SER D 170 28.88 -43.11 -15.38
C SER D 170 27.56 -42.93 -16.13
N ALA D 171 27.14 -43.98 -16.85
CA ALA D 171 25.94 -43.98 -17.67
C ALA D 171 24.67 -43.61 -16.90
N LYS D 172 24.63 -43.91 -15.58
CA LYS D 172 23.48 -43.58 -14.73
C LYS D 172 23.51 -42.11 -14.21
N ASP D 173 24.60 -41.36 -14.48
CA ASP D 173 24.78 -39.98 -14.01
C ASP D 173 24.45 -38.89 -15.06
N ILE D 174 23.93 -39.27 -16.24
CA ILE D 174 23.57 -38.37 -17.33
C ILE D 174 22.08 -38.53 -17.77
N VAL D 175 21.40 -37.41 -17.99
CA VAL D 175 20.04 -37.36 -18.50
C VAL D 175 20.05 -36.42 -19.72
N TYR D 176 19.52 -36.92 -20.85
CA TYR D 176 19.36 -36.19 -22.11
C TYR D 176 17.94 -35.64 -22.19
N ILE D 177 17.79 -34.40 -22.68
CA ILE D 177 16.50 -33.76 -22.93
C ILE D 177 16.56 -33.03 -24.28
N GLY D 178 15.54 -33.26 -25.12
CA GLY D 178 15.39 -32.56 -26.39
C GLY D 178 15.69 -33.37 -27.64
N LEU D 179 16.17 -34.61 -27.46
CA LEU D 179 16.59 -35.53 -28.52
C LEU D 179 15.62 -35.69 -29.68
N ARG D 180 16.14 -35.53 -30.90
CA ARG D 180 15.34 -35.69 -32.11
C ARG D 180 16.18 -36.01 -33.35
N ASP D 181 17.54 -36.08 -33.23
CA ASP D 181 18.43 -36.42 -34.35
C ASP D 181 19.60 -37.31 -33.86
N VAL D 182 19.29 -38.60 -33.66
CA VAL D 182 20.20 -39.62 -33.12
C VAL D 182 20.63 -40.61 -34.22
N ASP D 183 21.96 -40.84 -34.37
CA ASP D 183 22.52 -41.76 -35.37
C ASP D 183 22.33 -43.22 -34.93
N PRO D 184 22.38 -44.23 -35.85
CA PRO D 184 22.19 -45.64 -35.44
C PRO D 184 23.15 -46.15 -34.36
N GLY D 185 24.43 -45.85 -34.51
CA GLY D 185 25.47 -46.21 -33.55
C GLY D 185 25.21 -45.57 -32.21
N GLU D 186 24.75 -44.32 -32.24
CA GLU D 186 24.42 -43.52 -31.05
C GLU D 186 23.23 -44.13 -30.30
N HIS D 187 22.15 -44.50 -31.04
CA HIS D 187 20.94 -45.11 -30.49
C HIS D 187 21.28 -46.48 -29.85
N TYR D 188 22.16 -47.25 -30.52
CA TYR D 188 22.65 -48.53 -29.98
C TYR D 188 23.32 -48.33 -28.62
N ILE D 189 24.25 -47.34 -28.51
CA ILE D 189 24.97 -47.03 -27.26
C ILE D 189 23.94 -46.61 -26.18
N LEU D 190 23.08 -45.64 -26.54
CA LEU D 190 22.00 -45.12 -25.70
C LEU D 190 21.16 -46.24 -25.11
N LYS D 191 20.73 -47.20 -25.96
CA LYS D 191 19.88 -48.32 -25.53
C LYS D 191 20.61 -49.38 -24.75
N THR D 192 21.83 -49.80 -25.19
CA THR D 192 22.54 -50.87 -24.46
C THR D 192 23.10 -50.39 -23.12
N LEU D 193 23.55 -49.13 -23.03
CA LEU D 193 24.08 -48.58 -21.78
C LEU D 193 22.97 -48.19 -20.79
N GLY D 194 21.72 -48.20 -21.25
CA GLY D 194 20.56 -47.85 -20.43
C GLY D 194 20.56 -46.41 -19.93
N ILE D 195 21.05 -45.48 -20.76
CA ILE D 195 21.09 -44.05 -20.42
C ILE D 195 19.67 -43.49 -20.39
N LYS D 196 19.37 -42.71 -19.33
CA LYS D 196 18.09 -42.03 -19.13
C LYS D 196 17.98 -40.86 -20.12
N TYR D 197 16.93 -40.83 -20.93
CA TYR D 197 16.69 -39.77 -21.90
C TYR D 197 15.21 -39.42 -22.01
N PHE D 198 14.96 -38.20 -22.43
CA PHE D 198 13.64 -37.73 -22.75
C PHE D 198 13.82 -37.09 -24.10
N SER D 199 13.54 -37.89 -25.15
CA SER D 199 13.54 -37.42 -26.51
C SER D 199 12.27 -36.54 -26.70
N MET D 200 12.11 -35.88 -27.87
CA MET D 200 10.90 -35.06 -28.10
C MET D 200 9.61 -35.89 -27.91
N THR D 201 9.68 -37.21 -28.23
CA THR D 201 8.61 -38.21 -28.05
C THR D 201 8.18 -38.28 -26.57
N GLU D 202 9.17 -38.32 -25.64
CA GLU D 202 8.87 -38.32 -24.20
C GLU D 202 8.31 -36.95 -23.77
N VAL D 203 8.97 -35.84 -24.15
CA VAL D 203 8.47 -34.49 -23.82
C VAL D 203 6.98 -34.34 -24.27
N ASP D 204 6.64 -34.83 -25.48
CA ASP D 204 5.27 -34.83 -26.02
C ASP D 204 4.30 -35.68 -25.19
N ARG D 205 4.75 -36.91 -24.78
CA ARG D 205 3.95 -37.85 -24.00
C ARG D 205 3.71 -37.36 -22.59
N LEU D 206 4.75 -36.91 -21.93
CA LEU D 206 4.65 -36.56 -20.51
C LEU D 206 4.46 -35.10 -20.19
N GLY D 207 4.98 -34.21 -21.02
CA GLY D 207 4.97 -32.77 -20.78
C GLY D 207 6.23 -32.40 -20.01
N ILE D 208 6.75 -31.19 -20.25
CA ILE D 208 7.98 -30.70 -19.61
C ILE D 208 7.93 -30.78 -18.05
N GLY D 209 6.73 -30.64 -17.45
CA GLY D 209 6.56 -30.72 -16.00
C GLY D 209 7.03 -32.05 -15.44
N LYS D 210 6.53 -33.17 -16.02
CA LYS D 210 6.86 -34.53 -15.60
C LYS D 210 8.32 -34.89 -15.95
N VAL D 211 8.83 -34.38 -17.08
CA VAL D 211 10.22 -34.60 -17.53
C VAL D 211 11.19 -34.05 -16.49
N MET D 212 10.94 -32.85 -16.01
CA MET D 212 11.81 -32.20 -15.04
C MET D 212 11.79 -32.92 -13.69
N GLU D 213 10.59 -33.29 -13.21
CA GLU D 213 10.37 -34.03 -11.98
C GLU D 213 11.20 -35.32 -11.96
N GLU D 214 11.12 -36.12 -13.06
CA GLU D 214 11.85 -37.39 -13.23
C GLU D 214 13.35 -37.18 -13.33
N THR D 215 13.79 -36.18 -14.13
CA THR D 215 15.21 -35.84 -14.30
C THR D 215 15.85 -35.58 -12.94
N LEU D 216 15.29 -34.64 -12.19
CA LEU D 216 15.82 -34.22 -10.89
C LEU D 216 15.72 -35.30 -9.81
N SER D 217 14.75 -36.24 -9.89
CA SER D 217 14.75 -37.30 -8.87
C SER D 217 15.68 -38.42 -9.28
N TYR D 218 15.80 -38.66 -10.59
CA TYR D 218 16.72 -39.69 -11.12
C TYR D 218 18.14 -39.34 -10.70
N LEU D 219 18.52 -38.06 -10.83
CA LEU D 219 19.84 -37.58 -10.48
C LEU D 219 20.04 -37.25 -9.00
N LEU D 220 19.00 -36.81 -8.28
CA LEU D 220 19.19 -36.35 -6.90
C LEU D 220 18.48 -37.11 -5.79
N GLY D 221 17.59 -38.03 -6.16
CA GLY D 221 16.78 -38.82 -5.22
C GLY D 221 17.55 -39.62 -4.19
N ARG D 222 18.62 -40.33 -4.63
CA ARG D 222 19.46 -41.14 -3.75
C ARG D 222 20.27 -40.23 -2.80
N LYS D 223 20.91 -39.19 -3.34
CA LYS D 223 21.64 -38.17 -2.58
C LYS D 223 21.87 -36.92 -3.40
N LYS D 224 21.95 -35.76 -2.74
CA LYS D 224 22.25 -34.49 -3.40
C LYS D 224 23.70 -34.54 -3.90
N ARG D 225 23.95 -33.88 -5.02
CA ARG D 225 25.23 -33.86 -5.72
C ARG D 225 25.23 -32.64 -6.63
N PRO D 226 26.41 -32.10 -7.05
CA PRO D 226 26.42 -30.92 -7.93
C PRO D 226 25.85 -31.26 -9.31
N ILE D 227 25.20 -30.29 -9.96
CA ILE D 227 24.60 -30.46 -11.28
C ILE D 227 25.35 -29.69 -12.35
N HIS D 228 25.66 -30.37 -13.46
CA HIS D 228 26.29 -29.81 -14.62
C HIS D 228 25.26 -29.78 -15.72
N LEU D 229 24.86 -28.57 -16.14
CA LEU D 229 23.94 -28.42 -17.25
C LEU D 229 24.78 -28.06 -18.48
N SER D 230 24.75 -28.92 -19.50
CA SER D 230 25.45 -28.72 -20.75
C SER D 230 24.39 -28.45 -21.79
N PHE D 231 24.22 -27.19 -22.13
CA PHE D 231 23.17 -26.74 -23.02
C PHE D 231 23.63 -26.40 -24.43
N ASP D 232 23.17 -27.18 -25.43
CA ASP D 232 23.38 -26.92 -26.85
C ASP D 232 22.12 -26.16 -27.26
N VAL D 233 22.29 -24.92 -27.82
CA VAL D 233 21.17 -24.08 -28.23
C VAL D 233 20.29 -24.74 -29.33
N ASP D 234 20.80 -25.75 -30.08
CA ASP D 234 19.96 -26.47 -31.07
C ASP D 234 18.95 -27.43 -30.39
N GLY D 235 19.01 -27.58 -29.07
CA GLY D 235 18.04 -28.35 -28.30
C GLY D 235 16.68 -27.72 -28.46
N LEU D 236 16.67 -26.37 -28.48
CA LEU D 236 15.48 -25.55 -28.71
C LEU D 236 15.15 -25.50 -30.20
N ASP D 237 13.86 -25.35 -30.53
CA ASP D 237 13.38 -25.30 -31.90
C ASP D 237 14.08 -24.18 -32.70
N PRO D 238 14.40 -24.36 -34.03
CA PRO D 238 15.12 -23.30 -34.74
C PRO D 238 14.32 -22.02 -34.96
N SER D 239 13.04 -21.99 -34.50
CA SER D 239 12.22 -20.79 -34.52
C SER D 239 12.64 -19.87 -33.36
N PHE D 240 13.41 -20.40 -32.37
CA PHE D 240 13.91 -19.64 -31.23
C PHE D 240 15.43 -19.47 -31.33
N THR D 241 16.15 -20.54 -31.73
CA THR D 241 17.59 -20.51 -31.88
C THR D 241 18.02 -20.89 -33.32
N PRO D 242 17.70 -20.08 -34.36
CA PRO D 242 18.11 -20.45 -35.73
C PRO D 242 19.61 -20.44 -36.05
N ALA D 243 20.40 -19.49 -35.46
CA ALA D 243 21.85 -19.31 -35.70
C ALA D 243 22.66 -20.36 -34.92
N THR D 244 22.65 -21.57 -35.47
CA THR D 244 23.28 -22.77 -34.92
C THR D 244 23.65 -23.66 -36.09
N GLY D 245 24.71 -24.46 -35.90
CA GLY D 245 25.29 -25.34 -36.91
C GLY D 245 24.41 -26.47 -37.39
N THR D 246 23.73 -27.18 -36.45
CA THR D 246 22.89 -28.34 -36.82
C THR D 246 21.45 -28.21 -36.28
N PRO D 247 20.63 -27.32 -36.91
CA PRO D 247 19.22 -27.18 -36.47
C PRO D 247 18.30 -28.30 -36.92
N VAL D 248 17.40 -28.71 -36.02
CA VAL D 248 16.40 -29.77 -36.29
C VAL D 248 15.02 -29.22 -35.90
N VAL D 249 14.04 -29.38 -36.83
CA VAL D 249 12.65 -28.96 -36.60
C VAL D 249 12.01 -29.80 -35.45
N GLY D 250 11.00 -29.24 -34.81
CA GLY D 250 10.25 -29.91 -33.76
C GLY D 250 10.94 -29.89 -32.41
N GLY D 251 11.73 -28.85 -32.17
CA GLY D 251 12.48 -28.69 -30.93
C GLY D 251 11.70 -28.29 -29.72
N LEU D 252 12.44 -28.14 -28.60
CA LEU D 252 11.89 -27.68 -27.34
C LEU D 252 11.50 -26.21 -27.53
N THR D 253 10.37 -25.79 -26.97
CA THR D 253 9.93 -24.41 -27.08
C THR D 253 10.80 -23.51 -26.16
N TYR D 254 10.59 -22.18 -26.27
CA TYR D 254 11.22 -21.16 -25.47
C TYR D 254 10.77 -21.38 -24.00
N ARG D 255 9.45 -21.61 -23.80
CA ARG D 255 8.85 -21.86 -22.49
C ARG D 255 9.46 -23.10 -21.84
N GLU D 256 9.55 -24.20 -22.60
CA GLU D 256 10.14 -25.46 -22.15
C GLU D 256 11.63 -25.28 -21.77
N GLY D 257 12.36 -24.48 -22.57
CA GLY D 257 13.75 -24.14 -22.28
C GLY D 257 13.91 -23.37 -20.97
N LEU D 258 13.05 -22.37 -20.73
CA LEU D 258 13.05 -21.56 -19.50
C LEU D 258 12.59 -22.39 -18.31
N TYR D 259 11.68 -23.36 -18.56
CA TYR D 259 11.19 -24.25 -17.50
C TYR D 259 12.28 -25.20 -17.01
N ILE D 260 13.00 -25.85 -17.94
CA ILE D 260 14.12 -26.77 -17.63
C ILE D 260 15.14 -26.03 -16.75
N THR D 261 15.51 -24.80 -17.13
CA THR D 261 16.53 -24.01 -16.45
C THR D 261 16.04 -23.45 -15.12
N GLU D 262 14.79 -22.99 -15.03
CA GLU D 262 14.17 -22.52 -13.79
C GLU D 262 14.14 -23.66 -12.76
N GLU D 263 13.79 -24.89 -13.20
CA GLU D 263 13.73 -26.06 -12.32
C GLU D 263 15.11 -26.50 -11.79
N ILE D 264 16.16 -26.33 -12.60
CA ILE D 264 17.51 -26.65 -12.15
C ILE D 264 17.97 -25.57 -11.15
N TYR D 265 17.58 -24.28 -11.38
CA TYR D 265 17.99 -23.20 -10.46
C TYR D 265 17.49 -23.49 -9.06
N LYS D 266 16.21 -23.84 -8.97
CA LYS D 266 15.46 -24.13 -7.74
C LYS D 266 16.08 -25.23 -6.89
N THR D 267 16.91 -26.13 -7.46
CA THR D 267 17.61 -27.12 -6.63
C THR D 267 18.71 -26.48 -5.77
N GLY D 268 19.36 -25.43 -6.31
CA GLY D 268 20.46 -24.73 -5.68
C GLY D 268 21.75 -25.51 -5.86
N LEU D 269 21.70 -26.54 -6.74
CA LEU D 269 22.78 -27.46 -6.98
C LEU D 269 23.49 -27.25 -8.32
N LEU D 270 23.07 -26.23 -9.12
CA LEU D 270 23.79 -25.93 -10.36
C LEU D 270 25.21 -25.58 -9.98
N SER D 271 26.17 -26.27 -10.59
CA SER D 271 27.60 -26.16 -10.30
C SER D 271 28.40 -25.83 -11.56
N GLY D 272 27.83 -26.16 -12.71
CA GLY D 272 28.48 -25.92 -14.00
C GLY D 272 27.49 -25.75 -15.12
N LEU D 273 27.76 -24.82 -16.02
CA LEU D 273 26.88 -24.53 -17.14
C LEU D 273 27.66 -24.30 -18.45
N ASP D 274 27.16 -24.86 -19.56
CA ASP D 274 27.71 -24.69 -20.90
C ASP D 274 26.63 -24.15 -21.78
N ILE D 275 26.92 -23.06 -22.47
CA ILE D 275 26.01 -22.45 -23.44
C ILE D 275 26.73 -22.62 -24.76
N MET D 276 26.31 -23.63 -25.51
CA MET D 276 27.00 -24.06 -26.71
C MET D 276 26.26 -23.90 -28.00
N GLU D 277 27.05 -23.89 -29.08
CA GLU D 277 26.72 -23.91 -30.51
C GLU D 277 26.05 -22.62 -31.05
N VAL D 278 26.22 -21.46 -30.38
CA VAL D 278 25.73 -20.19 -30.93
C VAL D 278 26.71 -19.79 -32.03
N ASN D 279 26.24 -19.79 -33.29
CA ASN D 279 27.07 -19.38 -34.41
C ASN D 279 26.43 -18.14 -35.06
N PRO D 280 26.89 -16.93 -34.64
CA PRO D 280 26.32 -15.68 -35.17
C PRO D 280 26.56 -15.40 -36.65
N SER D 281 27.11 -16.38 -37.39
CA SER D 281 27.33 -16.17 -38.81
C SER D 281 26.46 -17.16 -39.61
N LEU D 282 25.55 -17.85 -38.90
CA LEU D 282 24.65 -18.84 -39.49
C LEU D 282 23.18 -18.44 -39.57
N GLY D 283 22.87 -17.16 -39.41
CA GLY D 283 21.49 -16.72 -39.59
C GLY D 283 21.17 -16.39 -41.04
N LYS D 284 19.87 -16.40 -41.41
CA LYS D 284 19.41 -16.00 -42.76
C LYS D 284 19.27 -14.49 -42.81
N THR D 285 19.10 -13.87 -41.62
CA THR D 285 18.93 -12.43 -41.43
C THR D 285 19.62 -11.99 -40.13
N PRO D 286 20.07 -10.71 -40.01
CA PRO D 286 20.64 -10.24 -38.71
C PRO D 286 19.73 -10.48 -37.48
N GLU D 287 18.38 -10.46 -37.66
CA GLU D 287 17.39 -10.71 -36.61
C GLU D 287 17.44 -12.18 -36.16
N GLU D 288 17.72 -13.12 -37.08
CA GLU D 288 17.86 -14.55 -36.71
C GLU D 288 19.03 -14.72 -35.71
N VAL D 289 20.11 -13.89 -35.90
CA VAL D 289 21.26 -13.83 -35.01
C VAL D 289 20.86 -13.23 -33.63
N THR D 290 20.18 -12.04 -33.59
CA THR D 290 19.82 -11.43 -32.30
C THR D 290 18.79 -12.28 -31.56
N ARG D 291 17.88 -12.98 -32.29
CA ARG D 291 16.90 -13.88 -31.71
C ARG D 291 17.59 -15.04 -30.98
N THR D 292 18.63 -15.64 -31.60
CA THR D 292 19.36 -16.78 -31.05
C THR D 292 20.13 -16.40 -29.78
N VAL D 293 20.80 -15.25 -29.84
CA VAL D 293 21.60 -14.70 -28.77
C VAL D 293 20.73 -14.25 -27.60
N ASN D 294 19.54 -13.66 -27.87
CA ASN D 294 18.59 -13.24 -26.83
C ASN D 294 18.02 -14.44 -26.12
N THR D 295 17.67 -15.52 -26.87
CA THR D 295 17.15 -16.77 -26.31
C THR D 295 18.19 -17.41 -25.41
N ALA D 296 19.46 -17.56 -25.90
CA ALA D 296 20.54 -18.15 -25.09
C ALA D 296 20.79 -17.34 -23.82
N VAL D 297 20.73 -16.00 -23.90
CA VAL D 297 20.92 -15.09 -22.75
C VAL D 297 19.76 -15.29 -21.76
N ALA D 298 18.52 -15.46 -22.27
CA ALA D 298 17.34 -15.70 -21.44
C ALA D 298 17.42 -17.03 -20.69
N ILE D 299 17.88 -18.10 -21.37
CA ILE D 299 18.09 -19.42 -20.78
C ILE D 299 19.17 -19.32 -19.68
N THR D 300 20.29 -18.60 -19.94
CA THR D 300 21.38 -18.41 -18.97
C THR D 300 20.88 -17.71 -17.70
N LEU D 301 20.15 -16.56 -17.83
CA LEU D 301 19.59 -15.79 -16.70
C LEU D 301 18.68 -16.63 -15.80
N ALA D 302 17.88 -17.53 -16.40
CA ALA D 302 17.00 -18.47 -15.67
C ALA D 302 17.83 -19.44 -14.81
N CYS D 303 19.04 -19.86 -15.31
CA CYS D 303 19.95 -20.75 -14.59
C CYS D 303 20.43 -20.13 -13.30
N PHE D 304 20.46 -18.77 -13.25
CA PHE D 304 20.96 -18.04 -12.09
C PHE D 304 19.85 -17.26 -11.34
N GLY D 305 18.60 -17.73 -11.44
CA GLY D 305 17.51 -17.22 -10.62
C GLY D 305 16.42 -16.34 -11.17
N LEU D 306 16.53 -15.87 -12.42
CA LEU D 306 15.52 -15.02 -13.04
C LEU D 306 14.29 -15.89 -13.27
N ALA D 307 13.22 -15.61 -12.50
CA ALA D 307 11.98 -16.39 -12.53
C ALA D 307 10.86 -15.64 -13.21
N ARG D 308 10.08 -16.33 -14.07
CA ARG D 308 8.96 -15.72 -14.78
C ARG D 308 7.86 -15.19 -13.86
N GLU D 309 7.66 -15.80 -12.68
CA GLU D 309 6.64 -15.28 -11.73
C GLU D 309 7.05 -13.93 -11.06
N GLY D 310 8.33 -13.58 -11.21
CA GLY D 310 8.93 -12.40 -10.61
C GLY D 310 9.94 -12.74 -9.54
N ASN D 311 10.71 -11.73 -9.14
CA ASN D 311 11.74 -11.82 -8.11
C ASN D 311 11.66 -10.56 -7.26
N HIS D 312 12.08 -10.62 -5.99
CA HIS D 312 12.13 -9.44 -5.12
C HIS D 312 13.20 -9.56 -4.08
N LYS D 313 13.78 -8.40 -3.68
CA LYS D 313 14.83 -8.30 -2.67
C LYS D 313 14.17 -8.48 -1.30
N PRO D 314 14.86 -8.98 -0.25
CA PRO D 314 14.17 -9.13 1.04
C PRO D 314 14.02 -7.80 1.81
N ILE D 315 13.18 -6.91 1.25
CA ILE D 315 12.82 -5.60 1.78
C ILE D 315 11.32 -5.42 1.65
N ASP D 316 10.73 -4.55 2.47
CA ASP D 316 9.31 -4.23 2.40
C ASP D 316 9.13 -3.14 1.33
N TYR D 317 8.63 -3.54 0.15
CA TYR D 317 8.39 -2.66 -0.99
C TYR D 317 7.30 -1.64 -0.75
N LEU D 318 6.41 -1.87 0.24
CA LEU D 318 5.33 -0.93 0.56
C LEU D 318 5.72 0.16 1.61
N ASN D 319 7.03 0.28 1.92
CA ASN D 319 7.56 1.31 2.84
C ASN D 319 8.60 2.23 2.20
N ALA E 3 1.13 10.61 60.14
CA ALA E 3 2.27 10.34 59.25
C ALA E 3 3.21 11.53 59.16
N LYS E 4 4.51 11.27 58.95
CA LYS E 4 5.56 12.28 58.82
C LYS E 4 5.26 13.31 57.73
N SER E 5 4.79 12.83 56.55
CA SER E 5 4.46 13.65 55.39
C SER E 5 3.17 14.48 55.58
N ARG E 6 2.48 14.32 56.75
CA ARG E 6 1.26 15.05 57.14
C ARG E 6 1.38 15.71 58.54
N THR E 7 2.55 15.60 59.21
CA THR E 7 2.78 16.20 60.54
C THR E 7 3.38 17.58 60.26
N ILE E 8 2.58 18.66 60.50
CA ILE E 8 2.92 20.04 60.16
C ILE E 8 3.01 21.01 61.35
N GLY E 9 3.84 22.03 61.18
CA GLY E 9 4.00 23.17 62.07
C GLY E 9 3.83 24.41 61.20
N ILE E 10 2.85 25.26 61.54
CA ILE E 10 2.53 26.48 60.80
C ILE E 10 3.28 27.67 61.40
N ILE E 11 3.93 28.46 60.54
CA ILE E 11 4.65 29.68 60.93
C ILE E 11 4.14 30.85 60.08
N GLY E 12 3.54 31.82 60.74
CA GLY E 12 3.07 33.03 60.09
C GLY E 12 4.21 34.02 60.01
N ALA E 13 4.45 34.56 58.80
CA ALA E 13 5.50 35.55 58.56
C ALA E 13 4.91 36.83 57.97
N PRO E 14 4.18 37.63 58.80
CA PRO E 14 3.59 38.89 58.29
C PRO E 14 4.65 39.98 58.04
N PHE E 15 5.45 39.83 56.95
CA PHE E 15 6.54 40.74 56.59
C PHE E 15 6.45 41.19 55.14
N SER E 16 6.66 42.49 54.89
CA SER E 16 6.56 43.07 53.55
C SER E 16 7.75 43.89 53.07
N LYS E 17 8.60 44.39 53.99
CA LYS E 17 9.73 45.28 53.70
C LYS E 17 10.81 44.71 52.76
N GLY E 18 10.66 43.47 52.31
CA GLY E 18 11.56 42.86 51.34
C GLY E 18 11.24 43.30 49.91
N GLN E 19 10.17 44.13 49.73
CA GLN E 19 9.74 44.68 48.44
C GLN E 19 8.94 46.00 48.58
N PRO E 20 8.60 46.73 47.49
CA PRO E 20 7.89 48.02 47.67
C PRO E 20 6.37 47.98 47.89
N ARG E 21 5.65 47.01 47.31
CA ARG E 21 4.18 46.96 47.37
C ARG E 21 3.61 46.47 48.73
N GLY E 22 2.89 47.36 49.39
CA GLY E 22 2.28 47.07 50.69
C GLY E 22 1.12 46.10 50.59
N GLY E 23 0.97 45.25 51.61
CA GLY E 23 -0.13 44.29 51.69
C GLY E 23 0.24 42.82 51.79
N VAL E 24 1.47 42.45 51.40
CA VAL E 24 1.91 41.06 51.45
C VAL E 24 2.02 40.58 52.93
N GLU E 25 2.06 41.53 53.91
CA GLU E 25 2.10 41.27 55.35
C GLU E 25 0.75 40.71 55.85
N GLU E 26 -0.28 40.72 54.98
CA GLU E 26 -1.63 40.25 55.26
C GLU E 26 -1.84 38.85 54.70
N GLY E 27 -0.81 38.31 54.06
CA GLY E 27 -0.79 36.97 53.49
C GLY E 27 -1.13 35.87 54.48
N PRO E 28 -0.48 35.78 55.68
CA PRO E 28 -0.86 34.70 56.63
C PRO E 28 -2.29 34.84 57.13
N THR E 29 -2.75 36.10 57.37
CA THR E 29 -4.08 36.49 57.86
C THR E 29 -5.17 35.96 56.91
N VAL E 30 -5.07 36.32 55.63
CA VAL E 30 -6.04 35.94 54.60
C VAL E 30 -5.98 34.41 54.31
N LEU E 31 -4.77 33.78 54.39
CA LEU E 31 -4.66 32.34 54.21
C LEU E 31 -5.32 31.56 55.36
N ARG E 32 -5.20 32.07 56.62
CA ARG E 32 -5.80 31.48 57.82
C ARG E 32 -7.32 31.60 57.78
N LYS E 33 -7.82 32.82 57.44
CA LYS E 33 -9.25 33.15 57.33
C LYS E 33 -9.93 32.29 56.27
N ALA E 34 -9.16 31.84 55.25
CA ALA E 34 -9.65 30.97 54.19
C ALA E 34 -9.88 29.53 54.71
N GLY E 35 -9.47 29.27 55.96
CA GLY E 35 -9.66 27.99 56.64
C GLY E 35 -8.64 26.92 56.33
N LEU E 36 -7.36 27.34 56.14
CA LEU E 36 -6.23 26.46 55.83
C LEU E 36 -5.98 25.36 56.88
N LEU E 37 -5.87 25.74 58.17
CA LEU E 37 -5.62 24.84 59.29
C LEU E 37 -6.72 23.76 59.43
N GLU E 38 -7.98 24.16 59.22
CA GLU E 38 -9.18 23.31 59.29
C GLU E 38 -9.17 22.25 58.20
N LYS E 39 -8.98 22.69 56.94
CA LYS E 39 -8.92 21.83 55.73
C LYS E 39 -7.78 20.84 55.82
N LEU E 40 -6.66 21.24 56.44
CA LEU E 40 -5.52 20.36 56.66
C LEU E 40 -5.87 19.28 57.69
N LYS E 41 -6.61 19.64 58.77
CA LYS E 41 -7.05 18.67 59.79
C LYS E 41 -8.06 17.67 59.24
N GLU E 42 -8.94 18.11 58.32
CA GLU E 42 -9.95 17.28 57.64
C GLU E 42 -9.29 16.30 56.65
N GLN E 43 -7.99 16.50 56.42
CA GLN E 43 -7.14 15.76 55.49
C GLN E 43 -6.15 14.83 56.22
N GLU E 44 -6.46 14.45 57.47
CA GLU E 44 -5.65 13.59 58.37
C GLU E 44 -4.28 14.21 58.73
N CYS E 45 -4.18 15.55 58.74
CA CYS E 45 -2.93 16.24 59.08
C CYS E 45 -2.88 16.60 60.58
N ASP E 46 -1.70 16.43 61.18
CA ASP E 46 -1.43 16.76 62.58
C ASP E 46 -0.83 18.16 62.49
N VAL E 47 -1.68 19.16 62.71
CA VAL E 47 -1.31 20.58 62.59
C VAL E 47 -1.06 21.27 63.94
N LYS E 48 0.15 21.84 64.11
CA LYS E 48 0.46 22.65 65.27
C LYS E 48 0.64 24.07 64.77
N ASP E 49 -0.05 25.01 65.40
CA ASP E 49 0.13 26.39 65.01
C ASP E 49 1.12 27.07 65.96
N TYR E 50 2.22 27.63 65.40
CA TYR E 50 3.28 28.34 66.13
C TYR E 50 3.01 29.85 66.09
N GLY E 51 1.94 30.23 65.40
CA GLY E 51 1.48 31.60 65.28
C GLY E 51 2.24 32.44 64.28
N ASP E 52 2.02 33.76 64.33
CA ASP E 52 2.65 34.77 63.48
C ASP E 52 3.80 35.41 64.22
N LEU E 53 4.97 35.51 63.58
CA LEU E 53 6.15 36.10 64.22
C LEU E 53 6.00 37.62 64.45
N PRO E 54 6.44 38.16 65.61
CA PRO E 54 6.31 39.61 65.82
C PRO E 54 7.49 40.37 65.23
N PHE E 55 7.29 40.94 64.03
CA PHE E 55 8.35 41.68 63.35
C PHE E 55 8.31 43.15 63.76
N ALA E 56 9.08 43.47 64.82
CA ALA E 56 9.22 44.79 65.40
C ALA E 56 9.81 45.76 64.38
N ASP E 57 9.31 47.01 64.37
CA ASP E 57 9.73 48.06 63.47
C ASP E 57 11.20 48.52 63.72
N ILE E 58 11.93 48.79 62.63
CA ILE E 58 13.31 49.28 62.73
C ILE E 58 13.39 50.68 62.07
N PRO E 59 13.19 51.77 62.85
CA PRO E 59 13.35 53.12 62.26
C PRO E 59 14.83 53.39 61.99
N ASN E 60 15.13 54.37 61.10
CA ASN E 60 16.51 54.71 60.69
C ASN E 60 17.25 53.48 60.09
N ASP E 61 16.56 52.76 59.19
CA ASP E 61 17.08 51.60 58.46
C ASP E 61 17.43 52.05 57.04
N SER E 62 18.47 52.89 56.95
CA SER E 62 19.02 53.48 55.73
C SER E 62 19.45 52.40 54.73
N PRO E 63 19.36 52.66 53.41
CA PRO E 63 19.72 51.63 52.44
C PRO E 63 21.20 51.28 52.39
N PHE E 64 21.51 50.03 52.00
CA PHE E 64 22.90 49.64 51.78
C PHE E 64 23.04 49.80 50.29
N GLN E 65 23.68 50.91 49.86
CA GLN E 65 23.86 51.30 48.46
C GLN E 65 22.49 51.55 47.83
N ILE E 66 21.92 50.55 47.11
CA ILE E 66 20.60 50.66 46.48
C ILE E 66 19.58 49.72 47.16
N VAL E 67 20.09 48.74 47.94
CA VAL E 67 19.31 47.73 48.68
C VAL E 67 18.54 48.36 49.85
N LYS E 68 17.19 48.32 49.78
CA LYS E 68 16.28 48.93 50.75
C LYS E 68 16.02 48.05 51.95
N ASN E 69 15.78 48.70 53.12
CA ASN E 69 15.46 48.09 54.42
C ASN E 69 16.32 46.85 54.76
N PRO E 70 17.67 46.92 54.71
CA PRO E 70 18.48 45.71 54.98
C PRO E 70 18.32 45.11 56.38
N ARG E 71 18.33 45.94 57.43
CA ARG E 71 18.22 45.50 58.82
C ARG E 71 16.90 44.80 59.12
N SER E 72 15.80 45.33 58.57
CA SER E 72 14.45 44.80 58.73
C SER E 72 14.35 43.40 58.13
N VAL E 73 14.79 43.24 56.87
CA VAL E 73 14.80 41.97 56.12
C VAL E 73 15.70 40.94 56.83
N GLY E 74 16.91 41.36 57.18
CA GLY E 74 17.91 40.56 57.86
C GLY E 74 17.46 40.02 59.19
N LYS E 75 16.79 40.88 60.00
CA LYS E 75 16.23 40.51 61.29
C LYS E 75 15.06 39.56 61.12
N ALA E 76 14.13 39.88 60.20
CA ALA E 76 12.94 39.05 59.94
C ALA E 76 13.32 37.62 59.59
N SER E 77 14.35 37.44 58.74
CA SER E 77 14.84 36.13 58.34
C SER E 77 15.58 35.47 59.51
N GLU E 78 16.32 36.27 60.31
CA GLU E 78 17.03 35.78 61.50
C GLU E 78 16.04 35.14 62.47
N GLN E 79 14.89 35.81 62.72
CA GLN E 79 13.79 35.37 63.57
C GLN E 79 13.12 34.12 63.02
N LEU E 80 12.84 34.09 61.68
CA LEU E 80 12.21 32.96 61.00
C LEU E 80 13.12 31.73 61.01
N ALA E 81 14.45 31.91 60.88
CA ALA E 81 15.40 30.81 60.92
C ALA E 81 15.28 30.07 62.27
N GLY E 82 15.38 30.82 63.36
CA GLY E 82 15.26 30.31 64.72
C GLY E 82 13.99 29.50 64.93
N LYS E 83 12.86 30.01 64.37
CA LYS E 83 11.56 29.36 64.46
C LYS E 83 11.43 28.12 63.56
N VAL E 84 12.01 28.14 62.34
CA VAL E 84 11.97 27.01 61.41
C VAL E 84 12.83 25.89 61.99
N ALA E 85 13.95 26.26 62.62
CA ALA E 85 14.86 25.31 63.27
C ALA E 85 14.18 24.72 64.48
N GLU E 86 13.31 25.52 65.16
CA GLU E 86 12.52 25.08 66.30
C GLU E 86 11.48 24.06 65.85
N VAL E 87 10.66 24.40 64.83
CA VAL E 87 9.60 23.56 64.24
C VAL E 87 10.20 22.24 63.69
N LYS E 88 11.38 22.32 63.03
CA LYS E 88 12.07 21.15 62.48
C LYS E 88 12.56 20.19 63.57
N LYS E 89 13.02 20.73 64.71
CA LYS E 89 13.49 19.93 65.84
C LYS E 89 12.35 19.13 66.48
N ASN E 90 11.12 19.70 66.48
CA ASN E 90 9.91 19.07 67.01
C ASN E 90 9.33 17.96 66.11
N GLY E 91 10.01 17.68 64.99
CA GLY E 91 9.62 16.63 64.06
C GLY E 91 8.46 16.98 63.16
N ARG E 92 8.29 18.28 62.85
CA ARG E 92 7.21 18.78 61.99
C ARG E 92 7.73 19.36 60.67
N ILE E 93 6.90 19.29 59.61
CA ILE E 93 7.24 19.92 58.33
C ILE E 93 6.96 21.40 58.60
N SER E 94 7.94 22.28 58.34
CA SER E 94 7.70 23.70 58.57
C SER E 94 6.88 24.27 57.41
N LEU E 95 5.81 25.00 57.73
CA LEU E 95 4.99 25.64 56.71
C LEU E 95 4.96 27.14 56.96
N VAL E 96 5.71 27.87 56.13
CA VAL E 96 5.83 29.31 56.21
C VAL E 96 4.81 30.02 55.31
N LEU E 97 3.98 30.87 55.93
CA LEU E 97 3.00 31.69 55.23
C LEU E 97 3.55 33.08 55.14
N GLY E 98 3.89 33.48 53.93
CA GLY E 98 4.44 34.80 53.64
C GLY E 98 3.35 35.82 53.39
N GLY E 99 3.72 37.07 53.17
CA GLY E 99 5.11 37.55 53.17
C GLY E 99 5.83 37.43 51.84
N ASP E 100 6.77 38.35 51.60
CA ASP E 100 7.58 38.43 50.39
C ASP E 100 8.69 37.37 50.43
N HIS E 101 9.17 36.94 49.23
CA HIS E 101 10.17 35.91 49.06
C HIS E 101 11.53 36.13 49.74
N SER E 102 11.84 37.32 50.33
CA SER E 102 13.11 37.51 51.05
C SER E 102 13.24 36.60 52.26
N LEU E 103 12.10 36.27 52.87
CA LEU E 103 11.95 35.39 54.04
C LEU E 103 12.48 33.98 53.83
N ALA E 104 12.73 33.59 52.57
CA ALA E 104 13.29 32.30 52.18
C ALA E 104 14.71 32.17 52.71
N ILE E 105 15.41 33.31 52.96
CA ILE E 105 16.75 33.32 53.56
C ILE E 105 16.66 32.58 54.90
N GLY E 106 15.77 33.05 55.78
CA GLY E 106 15.52 32.48 57.10
C GLY E 106 14.89 31.11 57.06
N SER E 107 13.86 30.95 56.20
CA SER E 107 13.18 29.67 56.05
C SER E 107 14.12 28.53 55.68
N ILE E 108 14.98 28.73 54.66
CA ILE E 108 15.93 27.70 54.23
C ILE E 108 17.08 27.59 55.24
N SER E 109 17.63 28.71 55.73
CA SER E 109 18.72 28.68 56.71
C SER E 109 18.32 27.95 57.99
N GLY E 110 17.09 28.19 58.45
CA GLY E 110 16.53 27.55 59.63
C GLY E 110 16.32 26.08 59.44
N HIS E 111 15.90 25.69 58.22
CA HIS E 111 15.66 24.30 57.86
C HIS E 111 17.00 23.56 57.73
N ALA E 112 18.01 24.21 57.10
CA ALA E 112 19.36 23.68 56.86
C ALA E 112 20.15 23.43 58.12
N ARG E 113 19.86 24.20 59.21
CA ARG E 113 20.47 24.02 60.52
C ARG E 113 20.20 22.60 61.05
N VAL E 114 18.97 22.09 60.84
CA VAL E 114 18.53 20.76 61.30
C VAL E 114 18.71 19.70 60.20
N HIS E 115 18.57 20.11 58.92
CA HIS E 115 18.73 19.22 57.77
C HIS E 115 19.70 19.84 56.74
N PRO E 116 21.04 19.70 56.93
CA PRO E 116 22.02 20.30 55.98
C PRO E 116 22.05 19.68 54.59
N ASP E 117 21.59 18.44 54.45
CA ASP E 117 21.58 17.70 53.18
C ASP E 117 20.32 18.02 52.33
N LEU E 118 19.50 19.01 52.76
CA LEU E 118 18.26 19.38 52.06
C LEU E 118 18.50 19.88 50.62
N GLY E 119 17.58 19.50 49.74
CA GLY E 119 17.51 19.90 48.34
C GLY E 119 16.33 20.84 48.17
N VAL E 120 16.54 21.94 47.44
CA VAL E 120 15.51 22.97 47.23
C VAL E 120 14.81 22.83 45.87
N ILE E 121 13.48 23.03 45.85
CA ILE E 121 12.67 23.11 44.64
C ILE E 121 12.11 24.54 44.72
N TRP E 122 12.46 25.39 43.75
CA TRP E 122 12.06 26.81 43.71
C TRP E 122 11.03 27.10 42.60
N VAL E 123 9.75 27.29 43.01
CA VAL E 123 8.65 27.52 42.07
C VAL E 123 8.41 29.02 42.03
N ASP E 124 8.77 29.60 40.88
CA ASP E 124 8.73 31.04 40.68
C ASP E 124 8.87 31.36 39.19
N ALA E 125 8.37 32.53 38.78
CA ALA E 125 8.56 33.08 37.44
C ALA E 125 9.98 33.69 37.42
N HIS E 126 10.53 33.94 38.63
CA HIS E 126 11.79 34.59 38.89
C HIS E 126 12.85 33.69 39.53
N THR E 127 14.14 33.97 39.25
CA THR E 127 15.27 33.23 39.81
C THR E 127 15.57 33.71 41.22
N ASP E 128 15.22 34.98 41.57
CA ASP E 128 15.48 35.63 42.89
C ASP E 128 16.95 35.44 43.33
N ILE E 129 17.89 35.41 42.36
CA ILE E 129 19.30 35.14 42.58
C ILE E 129 20.20 36.40 42.45
N ASN E 130 19.60 37.60 42.32
CA ASN E 130 20.38 38.83 42.26
C ASN E 130 21.20 38.99 43.54
N THR E 131 22.40 39.58 43.43
CA THR E 131 23.24 39.86 44.59
C THR E 131 22.99 41.31 44.97
N PRO E 132 23.42 41.81 46.16
CA PRO E 132 23.23 43.25 46.45
C PRO E 132 23.98 44.16 45.47
N LEU E 133 24.91 43.58 44.68
CA LEU E 133 25.66 44.29 43.66
C LEU E 133 25.07 44.12 42.22
N THR E 134 24.39 42.98 41.92
CA THR E 134 23.76 42.81 40.60
C THR E 134 22.36 43.46 40.51
N THR E 135 21.63 43.56 41.62
CA THR E 135 20.27 44.12 41.65
C THR E 135 20.20 45.57 41.12
N THR E 136 19.15 45.90 40.37
CA THR E 136 18.91 47.27 39.88
C THR E 136 17.74 47.86 40.63
N SER E 137 16.95 47.00 41.31
CA SER E 137 15.77 47.38 42.09
C SER E 137 16.10 47.73 43.54
N GLY E 138 16.97 46.94 44.15
CA GLY E 138 17.34 47.06 45.55
C GLY E 138 16.36 46.34 46.47
N ASN E 139 15.41 45.57 45.88
CA ASN E 139 14.41 44.82 46.64
C ASN E 139 14.93 43.42 46.98
N LEU E 140 15.11 43.14 48.27
CA LEU E 140 15.69 41.91 48.77
C LEU E 140 14.88 40.61 48.51
N HIS E 141 13.64 40.70 48.02
CA HIS E 141 12.82 39.52 47.66
C HIS E 141 13.27 38.95 46.31
N GLY E 142 14.07 39.73 45.57
CA GLY E 142 14.65 39.34 44.30
C GLY E 142 16.10 38.91 44.47
N GLN E 143 16.51 38.70 45.73
CA GLN E 143 17.88 38.34 46.11
C GLN E 143 18.06 37.13 47.07
N PRO E 144 17.02 36.40 47.57
CA PRO E 144 17.30 35.40 48.62
C PRO E 144 18.26 34.27 48.26
N VAL E 145 18.22 33.74 47.02
CA VAL E 145 19.08 32.63 46.55
C VAL E 145 20.58 32.98 46.58
N SER E 146 20.95 34.24 46.28
CA SER E 146 22.34 34.70 46.29
C SER E 146 22.95 34.68 47.68
N PHE E 147 22.13 34.99 48.73
CA PHE E 147 22.55 34.94 50.14
C PHE E 147 22.75 33.49 50.64
N LEU E 148 22.07 32.52 50.01
CA LEU E 148 22.08 31.12 50.40
C LEU E 148 23.10 30.22 49.70
N LEU E 149 23.61 30.61 48.50
CA LEU E 149 24.55 29.77 47.77
C LEU E 149 26.02 29.96 48.16
N LYS E 150 26.68 28.82 48.49
CA LYS E 150 28.08 28.73 48.90
C LYS E 150 29.02 29.26 47.82
N GLU E 151 28.65 29.03 46.54
CA GLU E 151 29.39 29.48 45.36
C GLU E 151 29.41 31.00 45.21
N LEU E 152 28.41 31.71 45.76
CA LEU E 152 28.34 33.17 45.65
C LEU E 152 28.97 33.88 46.86
N LYS E 153 29.69 33.10 47.69
CA LYS E 153 30.46 33.55 48.86
C LYS E 153 31.65 34.37 48.30
N GLY E 154 31.73 35.61 48.71
CA GLY E 154 32.77 36.52 48.22
C GLY E 154 32.22 37.48 47.18
N LYS E 155 30.98 37.25 46.76
CA LYS E 155 30.28 38.09 45.81
C LYS E 155 29.17 38.85 46.54
N ILE E 156 28.91 38.45 47.81
CA ILE E 156 27.88 39.09 48.67
C ILE E 156 28.59 40.03 49.64
N PRO E 157 28.36 41.36 49.58
CA PRO E 157 29.06 42.26 50.51
C PRO E 157 28.48 42.20 51.92
N ASP E 158 29.22 42.71 52.93
CA ASP E 158 28.73 42.75 54.31
C ASP E 158 27.54 43.73 54.34
N VAL E 159 26.33 43.17 54.27
CA VAL E 159 25.08 43.95 54.26
C VAL E 159 24.52 44.05 55.70
N PRO E 160 24.18 45.27 56.19
CA PRO E 160 23.62 45.40 57.55
C PRO E 160 22.38 44.53 57.82
N GLY E 161 22.47 43.68 58.86
CA GLY E 161 21.41 42.78 59.28
C GLY E 161 21.58 41.35 58.83
N PHE E 162 22.62 41.06 58.03
CA PHE E 162 22.86 39.73 57.46
C PHE E 162 24.17 39.03 57.88
N SER E 163 24.86 39.54 58.94
CA SER E 163 26.10 38.92 59.43
C SER E 163 25.87 37.52 60.04
N TRP E 164 24.63 37.22 60.48
CA TRP E 164 24.22 35.91 61.02
C TRP E 164 24.18 34.84 59.91
N VAL E 165 23.99 35.27 58.62
CA VAL E 165 23.90 34.41 57.44
C VAL E 165 25.20 33.65 57.18
N THR E 166 25.05 32.38 56.85
CA THR E 166 26.10 31.47 56.44
C THR E 166 25.48 30.71 55.23
N PRO E 167 25.99 30.84 53.98
CA PRO E 167 25.40 30.09 52.86
C PRO E 167 25.28 28.59 53.19
N CYS E 168 24.08 28.04 53.00
CA CYS E 168 23.79 26.66 53.38
C CYS E 168 23.49 25.70 52.21
N ILE E 169 23.37 26.23 50.97
CA ILE E 169 23.11 25.38 49.79
C ILE E 169 24.12 25.61 48.67
N SER E 170 24.38 24.57 47.88
CA SER E 170 25.28 24.65 46.72
C SER E 170 24.39 24.80 45.48
N ALA E 171 25.00 25.23 44.37
CA ALA E 171 24.35 25.41 43.08
C ALA E 171 23.66 24.12 42.65
N LYS E 172 24.28 22.98 42.99
CA LYS E 172 23.83 21.63 42.67
C LYS E 172 22.58 21.19 43.43
N ASP E 173 22.28 21.83 44.57
CA ASP E 173 21.16 21.45 45.44
C ASP E 173 19.82 22.11 45.17
N ILE E 174 19.70 22.90 44.09
CA ILE E 174 18.47 23.63 43.78
C ILE E 174 17.98 23.37 42.35
N VAL E 175 16.65 23.25 42.18
CA VAL E 175 16.00 23.13 40.87
C VAL E 175 14.95 24.21 40.80
N TYR E 176 14.96 25.04 39.74
CA TYR E 176 13.95 26.09 39.55
C TYR E 176 12.87 25.55 38.61
N ILE E 177 11.59 25.90 38.85
CA ILE E 177 10.52 25.52 37.94
C ILE E 177 9.66 26.72 37.68
N GLY E 178 9.50 27.04 36.39
CA GLY E 178 8.59 28.07 35.93
C GLY E 178 9.10 29.44 35.61
N LEU E 179 10.43 29.58 35.45
CA LEU E 179 11.09 30.86 35.14
C LEU E 179 10.66 31.44 33.82
N ARG E 180 10.40 32.75 33.80
CA ARG E 180 10.02 33.47 32.59
C ARG E 180 10.40 34.97 32.64
N ASP E 181 10.95 35.47 33.80
CA ASP E 181 11.38 36.87 33.99
C ASP E 181 12.69 36.92 34.81
N VAL E 182 13.80 36.58 34.12
CA VAL E 182 15.16 36.43 34.63
C VAL E 182 16.01 37.61 34.15
N ASP E 183 16.52 38.45 35.09
CA ASP E 183 17.38 39.59 34.79
C ASP E 183 18.74 39.10 34.21
N PRO E 184 19.46 39.94 33.39
CA PRO E 184 20.75 39.49 32.80
C PRO E 184 21.85 39.00 33.76
N GLY E 185 21.97 39.65 34.92
CA GLY E 185 22.94 39.24 35.92
C GLY E 185 22.61 37.87 36.46
N GLU E 186 21.29 37.66 36.69
CA GLU E 186 20.71 36.42 37.17
C GLU E 186 20.90 35.32 36.15
N HIS E 187 20.68 35.62 34.86
CA HIS E 187 20.91 34.64 33.79
C HIS E 187 22.41 34.27 33.74
N TYR E 188 23.31 35.27 33.96
CA TYR E 188 24.75 35.04 34.04
C TYR E 188 25.05 34.13 35.22
N ILE E 189 24.49 34.40 36.42
CA ILE E 189 24.69 33.54 37.60
C ILE E 189 24.16 32.11 37.35
N LEU E 190 22.91 32.00 36.87
CA LEU E 190 22.23 30.73 36.55
C LEU E 190 23.05 29.83 35.60
N LYS E 191 23.62 30.45 34.55
CA LYS E 191 24.39 29.69 33.56
C LYS E 191 25.84 29.40 33.97
N THR E 192 26.55 30.36 34.63
CA THR E 192 27.95 30.13 35.03
C THR E 192 28.09 29.19 36.22
N LEU E 193 27.11 29.18 37.15
CA LEU E 193 27.08 28.28 38.31
C LEU E 193 26.55 26.89 37.97
N GLY E 194 25.99 26.74 36.76
CA GLY E 194 25.43 25.50 36.25
C GLY E 194 24.22 24.96 36.99
N ILE E 195 23.37 25.85 37.56
CA ILE E 195 22.13 25.47 38.28
C ILE E 195 21.12 24.72 37.36
N LYS E 196 20.45 23.65 37.90
CA LYS E 196 19.39 22.92 37.18
C LYS E 196 18.15 23.81 37.17
N TYR E 197 17.52 23.98 35.99
CA TYR E 197 16.33 24.81 35.88
C TYR E 197 15.39 24.36 34.77
N PHE E 198 14.12 24.70 34.94
CA PHE E 198 13.09 24.41 33.99
C PHE E 198 12.33 25.71 33.79
N SER E 199 12.71 26.46 32.75
CA SER E 199 11.97 27.68 32.42
C SER E 199 10.66 27.21 31.74
N MET E 200 9.76 28.14 31.42
CA MET E 200 8.49 27.80 30.76
C MET E 200 8.72 27.07 29.44
N THR E 201 9.87 27.34 28.79
CA THR E 201 10.34 26.73 27.56
C THR E 201 10.54 25.23 27.76
N GLU E 202 11.18 24.84 28.88
CA GLU E 202 11.40 23.42 29.23
C GLU E 202 10.07 22.76 29.62
N VAL E 203 9.18 23.51 30.31
CA VAL E 203 7.85 23.00 30.67
C VAL E 203 7.05 22.72 29.39
N ASP E 204 7.15 23.62 28.39
CA ASP E 204 6.47 23.51 27.08
C ASP E 204 6.99 22.34 26.27
N ARG E 205 8.31 22.25 26.16
CA ARG E 205 9.04 21.19 25.46
C ARG E 205 8.75 19.79 26.02
N LEU E 206 8.86 19.65 27.34
CA LEU E 206 8.75 18.37 28.04
C LEU E 206 7.38 17.99 28.59
N GLY E 207 6.58 18.99 28.97
CA GLY E 207 5.35 18.76 29.69
C GLY E 207 5.73 18.68 31.15
N ILE E 208 4.80 19.01 32.05
CA ILE E 208 5.10 18.99 33.48
C ILE E 208 5.43 17.57 34.03
N GLY E 209 4.96 16.53 33.33
CA GLY E 209 5.20 15.13 33.69
C GLY E 209 6.68 14.79 33.77
N LYS E 210 7.41 14.96 32.65
CA LYS E 210 8.86 14.74 32.56
C LYS E 210 9.63 15.84 33.36
N VAL E 211 9.05 17.04 33.54
CA VAL E 211 9.70 18.10 34.34
C VAL E 211 9.90 17.59 35.76
N MET E 212 8.85 17.00 36.33
CA MET E 212 8.90 16.39 37.67
C MET E 212 9.81 15.16 37.75
N GLU E 213 9.73 14.28 36.74
CA GLU E 213 10.53 13.07 36.63
C GLU E 213 12.00 13.51 36.73
N GLU E 214 12.40 14.47 35.88
CA GLU E 214 13.75 15.06 35.84
C GLU E 214 14.13 15.84 37.12
N THR E 215 13.19 16.61 37.69
CA THR E 215 13.45 17.39 38.91
C THR E 215 13.83 16.50 40.10
N LEU E 216 12.96 15.56 40.46
CA LEU E 216 13.11 14.66 41.59
C LEU E 216 14.23 13.68 41.41
N SER E 217 14.44 13.18 40.18
CA SER E 217 15.53 12.24 39.88
C SER E 217 16.86 12.93 40.17
N TYR E 218 17.03 14.15 39.66
CA TYR E 218 18.22 14.99 39.84
C TYR E 218 18.54 15.22 41.31
N LEU E 219 17.53 15.45 42.17
CA LEU E 219 17.71 15.73 43.59
C LEU E 219 17.79 14.49 44.48
N LEU E 220 17.03 13.44 44.15
CA LEU E 220 16.91 12.25 44.98
C LEU E 220 17.50 10.95 44.37
N GLY E 221 18.29 11.10 43.31
CA GLY E 221 18.93 9.98 42.62
C GLY E 221 19.91 9.27 43.53
N ARG E 222 20.93 10.02 44.01
CA ARG E 222 22.00 9.60 44.93
C ARG E 222 21.42 8.83 46.12
N LYS E 223 20.56 9.49 46.93
CA LYS E 223 19.87 8.93 48.10
C LYS E 223 18.65 9.79 48.51
N LYS E 224 17.76 9.24 49.37
CA LYS E 224 16.60 9.97 49.89
C LYS E 224 17.09 11.09 50.80
N ARG E 225 16.66 12.34 50.52
CA ARG E 225 17.06 13.53 51.27
C ARG E 225 15.90 14.52 51.46
N PRO E 226 15.92 15.38 52.52
CA PRO E 226 14.79 16.31 52.72
C PRO E 226 14.60 17.31 51.57
N ILE E 227 13.33 17.61 51.28
CA ILE E 227 12.94 18.57 50.24
C ILE E 227 12.36 19.82 50.89
N HIS E 228 12.80 20.98 50.42
CA HIS E 228 12.28 22.28 50.82
C HIS E 228 11.68 22.88 49.56
N LEU E 229 10.36 23.07 49.56
CA LEU E 229 9.68 23.68 48.43
C LEU E 229 9.41 25.13 48.74
N SER E 230 10.04 26.06 47.98
CA SER E 230 9.78 27.48 48.13
C SER E 230 8.89 27.88 46.96
N PHE E 231 7.60 28.06 47.26
CA PHE E 231 6.58 28.37 46.28
C PHE E 231 6.18 29.83 46.27
N ASP E 232 6.47 30.48 45.14
CA ASP E 232 6.06 31.85 44.89
C ASP E 232 4.82 31.73 44.01
N VAL E 233 3.69 32.26 44.46
CA VAL E 233 2.41 32.17 43.74
C VAL E 233 2.46 32.81 42.32
N ASP E 234 3.44 33.70 42.06
CA ASP E 234 3.62 34.30 40.73
C ASP E 234 4.26 33.30 39.73
N GLY E 235 4.67 32.13 40.25
CA GLY E 235 5.16 31.02 39.44
C GLY E 235 4.03 30.53 38.55
N LEU E 236 2.78 30.63 39.08
CA LEU E 236 1.53 30.31 38.39
C LEU E 236 1.09 31.52 37.57
N ASP E 237 0.37 31.26 36.48
CA ASP E 237 -0.11 32.31 35.60
C ASP E 237 -1.02 33.33 36.31
N PRO E 238 -0.94 34.64 35.96
CA PRO E 238 -1.82 35.65 36.59
C PRO E 238 -3.31 35.35 36.55
N SER E 239 -3.74 34.42 35.66
CA SER E 239 -5.15 33.99 35.54
C SER E 239 -5.55 33.12 36.74
N PHE E 240 -4.58 32.65 37.54
CA PHE E 240 -4.88 31.85 38.74
C PHE E 240 -4.49 32.55 40.07
N THR E 241 -3.42 33.36 40.06
CA THR E 241 -2.93 34.09 41.23
C THR E 241 -2.69 35.55 40.88
N PRO E 242 -3.75 36.35 40.53
CA PRO E 242 -3.50 37.75 40.15
C PRO E 242 -3.02 38.65 41.30
N ALA E 243 -3.47 38.38 42.55
CA ALA E 243 -3.13 39.16 43.74
C ALA E 243 -1.68 38.87 44.21
N THR E 244 -0.73 39.34 43.41
CA THR E 244 0.71 39.16 43.61
C THR E 244 1.45 40.41 43.12
N GLY E 245 2.60 40.68 43.74
CA GLY E 245 3.45 41.84 43.46
C GLY E 245 4.05 41.97 42.07
N THR E 246 4.56 40.86 41.52
CA THR E 246 5.19 40.87 40.18
C THR E 246 4.59 39.79 39.26
N PRO E 247 3.33 39.95 38.78
CA PRO E 247 2.76 38.94 37.87
C PRO E 247 3.45 38.94 36.50
N VAL E 248 3.53 37.77 35.87
CA VAL E 248 4.14 37.59 34.55
C VAL E 248 3.28 36.60 33.77
N VAL E 249 2.85 36.99 32.56
CA VAL E 249 2.04 36.17 31.65
C VAL E 249 2.83 34.93 31.18
N GLY E 250 2.09 33.90 30.77
CA GLY E 250 2.64 32.63 30.28
C GLY E 250 3.13 31.70 31.38
N GLY E 251 2.51 31.80 32.55
CA GLY E 251 2.87 31.01 33.71
C GLY E 251 2.36 29.59 33.74
N LEU E 252 2.69 28.90 34.84
CA LEU E 252 2.27 27.53 35.04
C LEU E 252 0.77 27.51 35.30
N THR E 253 0.08 26.53 34.71
CA THR E 253 -1.36 26.40 34.93
C THR E 253 -1.64 25.92 36.38
N TYR E 254 -2.90 26.07 36.80
CA TYR E 254 -3.41 25.60 38.09
C TYR E 254 -3.15 24.08 38.20
N ARG E 255 -3.37 23.38 37.07
CA ARG E 255 -3.18 21.95 36.92
C ARG E 255 -1.74 21.55 37.12
N GLU E 256 -0.79 22.29 36.47
CA GLU E 256 0.65 22.08 36.60
C GLU E 256 1.09 22.31 38.05
N GLY E 257 0.63 23.41 38.65
CA GLY E 257 0.88 23.73 40.05
C GLY E 257 0.46 22.61 40.97
N LEU E 258 -0.74 22.01 40.70
CA LEU E 258 -1.24 20.89 41.49
C LEU E 258 -0.35 19.65 41.29
N TYR E 259 -0.05 19.30 40.02
CA TYR E 259 0.83 18.17 39.66
C TYR E 259 2.21 18.20 40.33
N ILE E 260 2.84 19.39 40.41
CA ILE E 260 4.17 19.59 41.01
C ILE E 260 4.08 19.22 42.47
N THR E 261 3.13 19.83 43.20
CA THR E 261 2.92 19.63 44.63
C THR E 261 2.44 18.21 44.95
N GLU E 262 1.65 17.60 44.04
CA GLU E 262 1.19 16.22 44.14
C GLU E 262 2.39 15.26 44.05
N GLU E 263 3.29 15.48 43.06
CA GLU E 263 4.49 14.64 42.89
C GLU E 263 5.45 14.71 44.06
N ILE E 264 5.62 15.90 44.66
CA ILE E 264 6.47 16.12 45.83
C ILE E 264 5.92 15.38 47.03
N TYR E 265 4.58 15.41 47.23
CA TYR E 265 3.93 14.69 48.33
C TYR E 265 4.26 13.19 48.28
N LYS E 266 4.01 12.57 47.11
CA LYS E 266 4.24 11.17 46.79
C LYS E 266 5.68 10.67 47.10
N THR E 267 6.69 11.58 47.21
CA THR E 267 8.08 11.18 47.55
C THR E 267 8.19 10.89 49.04
N GLY E 268 7.33 11.54 49.83
CA GLY E 268 7.30 11.41 51.27
C GLY E 268 8.48 12.10 51.93
N LEU E 269 9.18 12.97 51.16
CA LEU E 269 10.38 13.69 51.61
C LEU E 269 10.19 15.21 51.79
N LEU E 270 8.95 15.71 51.86
CA LEU E 270 8.74 17.14 52.11
C LEU E 270 9.10 17.47 53.57
N SER E 271 10.00 18.45 53.78
CA SER E 271 10.39 18.83 55.15
C SER E 271 10.14 20.30 55.40
N GLY E 272 10.11 21.08 54.33
CA GLY E 272 9.90 22.52 54.41
C GLY E 272 9.04 23.05 53.29
N LEU E 273 8.15 24.00 53.61
CA LEU E 273 7.25 24.65 52.63
C LEU E 273 7.08 26.14 52.85
N ASP E 274 7.22 26.92 51.77
CA ASP E 274 7.03 28.37 51.75
C ASP E 274 5.90 28.73 50.77
N ILE E 275 4.86 29.44 51.25
CA ILE E 275 3.76 29.92 50.42
C ILE E 275 3.96 31.41 50.41
N MET E 276 4.65 31.90 49.38
CA MET E 276 5.07 33.30 49.33
C MET E 276 4.38 34.19 48.33
N GLU E 277 4.47 35.50 48.59
CA GLU E 277 4.03 36.62 47.78
C GLU E 277 2.51 36.77 47.55
N VAL E 278 1.67 36.27 48.48
CA VAL E 278 0.22 36.48 48.38
C VAL E 278 -0.05 37.88 48.91
N ASN E 279 -0.46 38.82 48.01
CA ASN E 279 -0.75 40.20 48.38
C ASN E 279 -2.25 40.49 48.19
N PRO E 280 -3.06 40.30 49.27
CA PRO E 280 -4.52 40.49 49.16
C PRO E 280 -4.99 41.93 48.93
N SER E 281 -4.07 42.89 48.83
CA SER E 281 -4.47 44.26 48.51
C SER E 281 -4.18 44.60 47.02
N LEU E 282 -3.77 43.59 46.22
CA LEU E 282 -3.38 43.79 44.81
C LEU E 282 -4.34 43.23 43.73
N GLY E 283 -5.41 42.55 44.13
CA GLY E 283 -6.41 42.06 43.17
C GLY E 283 -7.22 43.22 42.59
N LYS E 284 -7.55 43.17 41.28
CA LYS E 284 -8.34 44.21 40.58
C LYS E 284 -9.79 44.29 41.05
N THR E 285 -10.33 43.16 41.51
CA THR E 285 -11.69 42.99 42.02
C THR E 285 -11.57 42.18 43.32
N PRO E 286 -12.58 42.18 44.22
CA PRO E 286 -12.48 41.30 45.41
C PRO E 286 -12.36 39.81 45.05
N GLU E 287 -12.90 39.42 43.87
CA GLU E 287 -12.90 38.06 43.32
C GLU E 287 -11.48 37.59 43.00
N GLU E 288 -10.63 38.53 42.52
CA GLU E 288 -9.24 38.27 42.19
C GLU E 288 -8.43 37.86 43.41
N VAL E 289 -8.73 38.48 44.57
CA VAL E 289 -8.11 38.21 45.87
C VAL E 289 -8.48 36.78 46.34
N THR E 290 -9.80 36.44 46.32
CA THR E 290 -10.25 35.12 46.74
C THR E 290 -9.67 34.02 45.84
N ARG E 291 -9.59 34.23 44.51
CA ARG E 291 -9.02 33.27 43.56
C ARG E 291 -7.56 32.90 43.90
N THR E 292 -6.72 33.92 44.14
CA THR E 292 -5.29 33.79 44.49
C THR E 292 -5.12 32.98 45.77
N VAL E 293 -5.89 33.33 46.82
CA VAL E 293 -5.89 32.71 48.14
C VAL E 293 -6.40 31.28 48.02
N ASN E 294 -7.48 31.06 47.24
CA ASN E 294 -8.05 29.74 46.99
C ASN E 294 -7.06 28.83 46.31
N THR E 295 -6.30 29.36 45.32
CA THR E 295 -5.28 28.58 44.59
C THR E 295 -4.12 28.23 45.53
N ALA E 296 -3.62 29.22 46.32
CA ALA E 296 -2.54 29.04 47.28
C ALA E 296 -2.93 28.01 48.35
N VAL E 297 -4.23 27.97 48.73
CA VAL E 297 -4.74 26.99 49.69
C VAL E 297 -4.73 25.60 49.02
N ALA E 298 -5.25 25.50 47.77
CA ALA E 298 -5.30 24.27 46.99
C ALA E 298 -3.91 23.68 46.79
N ILE E 299 -2.90 24.57 46.52
CA ILE E 299 -1.47 24.23 46.34
C ILE E 299 -0.89 23.59 47.61
N THR E 300 -1.13 24.21 48.78
CA THR E 300 -0.69 23.75 50.11
C THR E 300 -1.34 22.42 50.49
N LEU E 301 -2.66 22.21 50.26
CA LEU E 301 -3.32 20.95 50.61
C LEU E 301 -2.74 19.78 49.81
N ALA E 302 -2.42 20.01 48.50
CA ALA E 302 -1.79 19.01 47.62
C ALA E 302 -0.42 18.59 48.18
N CYS E 303 0.34 19.56 48.75
CA CYS E 303 1.64 19.34 49.41
C CYS E 303 1.55 18.32 50.54
N PHE E 304 0.36 18.24 51.18
CA PHE E 304 0.15 17.35 52.33
C PHE E 304 -0.87 16.21 52.09
N GLY E 305 -1.01 15.76 50.83
CA GLY E 305 -1.81 14.59 50.53
C GLY E 305 -3.03 14.67 49.63
N LEU E 306 -3.71 15.84 49.55
CA LEU E 306 -4.92 15.98 48.74
C LEU E 306 -4.65 15.62 47.27
N ALA E 307 -5.27 14.54 46.78
CA ALA E 307 -5.06 14.02 45.44
C ALA E 307 -6.31 14.16 44.57
N ARG E 308 -6.13 14.51 43.28
CA ARG E 308 -7.25 14.70 42.35
C ARG E 308 -7.98 13.38 42.00
N GLU E 309 -7.33 12.25 42.16
CA GLU E 309 -7.96 10.96 41.90
C GLU E 309 -8.90 10.50 43.04
N GLY E 310 -8.85 11.20 44.17
CA GLY E 310 -9.59 10.90 45.37
C GLY E 310 -8.66 10.50 46.51
N ASN E 311 -9.23 10.27 47.70
CA ASN E 311 -8.51 9.87 48.91
C ASN E 311 -9.44 9.12 49.81
N HIS E 312 -8.96 8.08 50.50
CA HIS E 312 -9.77 7.35 51.47
C HIS E 312 -8.96 6.92 52.71
N LYS E 313 -9.65 6.67 53.85
CA LYS E 313 -9.05 6.22 55.12
C LYS E 313 -8.77 4.69 55.04
N PRO E 314 -7.87 4.09 55.87
CA PRO E 314 -7.63 2.63 55.75
C PRO E 314 -8.74 1.75 56.39
N ILE E 315 -9.96 1.91 55.85
CA ILE E 315 -11.20 1.25 56.25
C ILE E 315 -11.91 0.75 54.97
N ASP E 316 -12.77 -0.28 55.10
CA ASP E 316 -13.52 -0.87 54.00
C ASP E 316 -14.83 -0.08 53.89
N TYR E 317 -14.98 0.72 52.81
CA TYR E 317 -16.15 1.57 52.58
C TYR E 317 -17.40 0.80 52.07
N LEU E 318 -17.20 -0.41 51.53
CA LEU E 318 -18.30 -1.26 51.05
C LEU E 318 -18.94 -2.12 52.18
N ASN E 319 -18.26 -2.16 53.35
CA ASN E 319 -18.68 -2.83 54.58
C ASN E 319 -19.42 -1.81 55.49
N ALA F 3 9.58 -56.69 -42.36
CA ALA F 3 8.56 -56.69 -41.30
C ALA F 3 7.22 -56.22 -41.86
N LYS F 4 6.10 -56.80 -41.34
CA LYS F 4 4.73 -56.50 -41.74
C LYS F 4 4.41 -55.01 -41.62
N SER F 5 4.81 -54.39 -40.48
CA SER F 5 4.65 -52.96 -40.16
C SER F 5 5.50 -52.04 -41.07
N ARG F 6 6.41 -52.63 -41.88
CA ARG F 6 7.30 -51.93 -42.80
C ARG F 6 7.18 -52.45 -44.26
N THR F 7 6.11 -53.23 -44.54
CA THR F 7 5.83 -53.79 -45.87
C THR F 7 4.69 -52.95 -46.46
N ILE F 8 5.02 -52.16 -47.49
CA ILE F 8 4.16 -51.14 -48.09
C ILE F 8 3.89 -51.28 -49.59
N GLY F 9 2.69 -50.90 -49.97
CA GLY F 9 2.25 -50.82 -51.36
C GLY F 9 1.74 -49.41 -51.62
N ILE F 10 2.49 -48.62 -52.38
CA ILE F 10 2.13 -47.23 -52.66
C ILE F 10 1.16 -47.09 -53.85
N ILE F 11 0.11 -46.25 -53.67
CA ILE F 11 -0.90 -45.91 -54.67
C ILE F 11 -0.95 -44.39 -54.85
N GLY F 12 -0.82 -43.94 -56.08
CA GLY F 12 -0.94 -42.53 -56.39
C GLY F 12 -2.36 -42.22 -56.80
N ALA F 13 -2.99 -41.23 -56.18
CA ALA F 13 -4.37 -40.88 -56.54
C ALA F 13 -4.48 -39.42 -57.00
N PRO F 14 -4.03 -39.10 -58.26
CA PRO F 14 -4.11 -37.71 -58.75
C PRO F 14 -5.55 -37.26 -59.08
N PHE F 15 -6.28 -36.92 -58.04
CA PHE F 15 -7.68 -36.54 -58.12
C PHE F 15 -8.00 -35.27 -57.33
N SER F 16 -8.72 -34.33 -57.96
CA SER F 16 -9.05 -33.05 -57.33
C SER F 16 -10.53 -32.70 -57.35
N LYS F 17 -11.33 -33.32 -58.26
CA LYS F 17 -12.77 -33.06 -58.48
C LYS F 17 -13.66 -33.24 -57.24
N GLY F 18 -13.10 -33.73 -56.13
CA GLY F 18 -13.79 -33.85 -54.84
C GLY F 18 -13.91 -32.51 -54.12
N GLN F 19 -13.18 -31.49 -54.61
CA GLN F 19 -13.13 -30.13 -54.09
C GLN F 19 -12.95 -29.08 -55.23
N PRO F 20 -13.17 -27.76 -54.99
CA PRO F 20 -13.10 -26.83 -56.12
C PRO F 20 -11.73 -26.23 -56.45
N ARG F 21 -10.73 -26.35 -55.55
CA ARG F 21 -9.40 -25.77 -55.79
C ARG F 21 -8.51 -26.72 -56.56
N GLY F 22 -7.88 -26.22 -57.61
CA GLY F 22 -7.04 -27.03 -58.47
C GLY F 22 -5.63 -27.18 -57.95
N GLY F 23 -5.01 -28.32 -58.23
CA GLY F 23 -3.63 -28.59 -57.85
C GLY F 23 -3.36 -29.74 -56.91
N VAL F 24 -4.40 -30.22 -56.20
CA VAL F 24 -4.27 -31.31 -55.23
C VAL F 24 -4.02 -32.66 -55.95
N GLU F 25 -4.28 -32.70 -57.28
CA GLU F 25 -4.00 -33.86 -58.14
C GLU F 25 -2.48 -34.05 -58.30
N GLU F 26 -1.70 -32.97 -58.07
CA GLU F 26 -0.24 -33.00 -58.15
C GLU F 26 0.40 -33.42 -56.84
N GLY F 27 -0.43 -33.75 -55.85
CA GLY F 27 -0.03 -34.28 -54.55
C GLY F 27 0.87 -35.51 -54.69
N PRO F 28 0.43 -36.62 -55.37
CA PRO F 28 1.32 -37.79 -55.52
C PRO F 28 2.68 -37.48 -56.13
N THR F 29 2.72 -36.58 -57.15
CA THR F 29 3.92 -36.16 -57.90
C THR F 29 5.00 -35.54 -57.01
N VAL F 30 4.64 -34.52 -56.22
CA VAL F 30 5.56 -33.78 -55.37
C VAL F 30 6.06 -34.62 -54.19
N LEU F 31 5.24 -35.57 -53.68
CA LEU F 31 5.62 -36.49 -52.59
C LEU F 31 6.69 -37.46 -53.05
N ARG F 32 6.61 -37.94 -54.32
CA ARG F 32 7.59 -38.86 -54.94
C ARG F 32 8.92 -38.14 -55.19
N LYS F 33 8.87 -36.91 -55.74
CA LYS F 33 10.01 -36.03 -56.04
C LYS F 33 10.79 -35.66 -54.78
N ALA F 34 10.08 -35.66 -53.62
CA ALA F 34 10.66 -35.37 -52.32
C ALA F 34 11.53 -36.55 -51.81
N GLY F 35 11.50 -37.67 -52.53
CA GLY F 35 12.27 -38.87 -52.22
C GLY F 35 11.65 -39.78 -51.17
N LEU F 36 10.31 -39.83 -51.11
CA LEU F 36 9.53 -40.62 -50.15
C LEU F 36 9.87 -42.11 -50.20
N LEU F 37 9.81 -42.70 -51.40
CA LEU F 37 10.09 -44.11 -51.64
C LEU F 37 11.50 -44.50 -51.19
N GLU F 38 12.47 -43.65 -51.58
CA GLU F 38 13.90 -43.76 -51.29
C GLU F 38 14.15 -43.65 -49.80
N LYS F 39 13.48 -42.69 -49.12
CA LYS F 39 13.62 -42.49 -47.67
C LYS F 39 12.96 -43.63 -46.91
N LEU F 40 11.95 -44.25 -47.52
CA LEU F 40 11.27 -45.40 -46.90
C LEU F 40 12.15 -46.62 -47.01
N LYS F 41 12.80 -46.84 -48.19
CA LYS F 41 13.73 -47.97 -48.43
C LYS F 41 14.93 -47.91 -47.49
N GLU F 42 15.46 -46.72 -47.24
CA GLU F 42 16.57 -46.48 -46.32
C GLU F 42 16.18 -46.69 -44.84
N GLN F 43 14.89 -46.92 -44.59
CA GLN F 43 14.26 -47.09 -43.28
C GLN F 43 13.86 -48.59 -43.08
N GLU F 44 14.49 -49.50 -43.83
CA GLU F 44 14.29 -50.95 -43.79
C GLU F 44 12.87 -51.39 -44.24
N CYS F 45 12.26 -50.60 -45.14
CA CYS F 45 10.93 -50.89 -45.67
C CYS F 45 11.00 -51.67 -46.98
N ASP F 46 10.06 -52.61 -47.16
CA ASP F 46 9.91 -53.34 -48.42
C ASP F 46 8.81 -52.52 -49.10
N VAL F 47 9.21 -51.74 -50.12
CA VAL F 47 8.34 -50.79 -50.84
C VAL F 47 8.03 -51.23 -52.27
N LYS F 48 6.74 -51.53 -52.55
CA LYS F 48 6.28 -51.80 -53.90
C LYS F 48 5.45 -50.60 -54.32
N ASP F 49 5.72 -50.07 -55.51
CA ASP F 49 4.98 -48.93 -56.03
C ASP F 49 3.99 -49.50 -57.04
N TYR F 50 2.68 -49.30 -56.79
CA TYR F 50 1.62 -49.78 -57.68
C TYR F 50 1.23 -48.74 -58.71
N GLY F 51 2.00 -47.64 -58.72
CA GLY F 51 1.83 -46.52 -59.64
C GLY F 51 0.65 -45.61 -59.35
N ASP F 52 0.49 -44.59 -60.21
CA ASP F 52 -0.59 -43.62 -60.14
C ASP F 52 -1.82 -44.15 -60.86
N LEU F 53 -2.99 -44.07 -60.21
CA LEU F 53 -4.24 -44.53 -60.78
C LEU F 53 -4.69 -43.63 -61.94
N PRO F 54 -5.03 -44.22 -63.12
CA PRO F 54 -5.48 -43.40 -64.25
C PRO F 54 -6.96 -43.05 -64.12
N PHE F 55 -7.24 -41.77 -63.80
CA PHE F 55 -8.60 -41.27 -63.63
C PHE F 55 -9.09 -40.55 -64.89
N ALA F 56 -9.84 -41.30 -65.72
CA ALA F 56 -10.42 -40.84 -66.97
C ALA F 56 -11.46 -39.74 -66.73
N ASP F 57 -11.29 -38.59 -67.39
CA ASP F 57 -12.17 -37.43 -67.31
C ASP F 57 -13.59 -37.79 -67.72
N ILE F 58 -14.56 -37.47 -66.85
CA ILE F 58 -15.97 -37.75 -67.14
C ILE F 58 -16.62 -36.44 -67.59
N PRO F 59 -16.87 -36.27 -68.91
CA PRO F 59 -17.46 -35.02 -69.39
C PRO F 59 -18.98 -35.00 -69.17
N ASN F 60 -19.56 -33.78 -69.01
CA ASN F 60 -20.99 -33.53 -68.75
C ASN F 60 -21.45 -34.28 -67.47
N ASP F 61 -20.64 -34.13 -66.39
CA ASP F 61 -20.88 -34.75 -65.08
C ASP F 61 -21.68 -33.75 -64.24
N SER F 62 -22.96 -33.57 -64.62
CA SER F 62 -23.94 -32.67 -64.01
C SER F 62 -24.06 -32.86 -62.49
N PRO F 63 -24.30 -31.78 -61.70
CA PRO F 63 -24.41 -31.95 -60.24
C PRO F 63 -25.60 -32.77 -59.79
N PHE F 64 -25.53 -33.34 -58.58
CA PHE F 64 -26.62 -34.05 -57.94
C PHE F 64 -27.06 -33.07 -56.86
N GLN F 65 -28.14 -32.32 -57.14
CA GLN F 65 -28.66 -31.26 -56.27
C GLN F 65 -27.58 -30.16 -56.16
N ILE F 66 -26.85 -30.06 -55.03
CA ILE F 66 -25.79 -29.06 -54.86
C ILE F 66 -24.38 -29.72 -54.89
N VAL F 67 -24.33 -31.06 -54.86
CA VAL F 67 -23.12 -31.89 -54.88
C VAL F 67 -22.44 -31.87 -56.28
N LYS F 68 -21.22 -31.29 -56.35
CA LYS F 68 -20.45 -31.18 -57.59
C LYS F 68 -19.73 -32.49 -57.95
N ASN F 69 -19.45 -32.67 -59.26
CA ASN F 69 -18.76 -33.83 -59.87
C ASN F 69 -19.06 -35.22 -59.21
N PRO F 70 -20.33 -35.69 -59.05
CA PRO F 70 -20.54 -36.97 -58.36
C PRO F 70 -20.00 -38.21 -59.09
N ARG F 71 -20.20 -38.30 -60.42
CA ARG F 71 -19.74 -39.45 -61.21
C ARG F 71 -18.21 -39.59 -61.20
N SER F 72 -17.47 -38.46 -61.31
CA SER F 72 -16.01 -38.39 -61.25
C SER F 72 -15.49 -38.88 -59.91
N VAL F 73 -16.08 -38.40 -58.81
CA VAL F 73 -15.73 -38.73 -57.42
C VAL F 73 -16.06 -40.20 -57.10
N GLY F 74 -17.25 -40.63 -57.48
CA GLY F 74 -17.72 -42.01 -57.27
C GLY F 74 -16.87 -43.04 -57.99
N LYS F 75 -16.43 -42.71 -59.24
CA LYS F 75 -15.55 -43.57 -60.05
C LYS F 75 -14.16 -43.60 -59.42
N ALA F 76 -13.55 -42.41 -59.20
CA ALA F 76 -12.23 -42.28 -58.59
C ALA F 76 -12.06 -43.19 -57.38
N SER F 77 -13.02 -43.17 -56.45
CA SER F 77 -12.99 -44.00 -55.25
C SER F 77 -13.24 -45.49 -55.55
N GLU F 78 -14.12 -45.82 -56.53
CA GLU F 78 -14.38 -47.22 -56.91
C GLU F 78 -13.10 -47.86 -57.45
N GLN F 79 -12.32 -47.07 -58.22
CA GLN F 79 -11.04 -47.47 -58.78
C GLN F 79 -10.05 -47.71 -57.63
N LEU F 80 -9.94 -46.74 -56.71
CA LEU F 80 -9.08 -46.81 -55.51
C LEU F 80 -9.42 -48.00 -54.62
N ALA F 81 -10.72 -48.27 -54.39
CA ALA F 81 -11.18 -49.40 -53.57
C ALA F 81 -10.66 -50.74 -54.12
N GLY F 82 -10.72 -50.90 -55.44
CA GLY F 82 -10.23 -52.07 -56.14
C GLY F 82 -8.74 -52.25 -55.96
N LYS F 83 -7.97 -51.16 -56.20
CA LYS F 83 -6.51 -51.10 -56.06
C LYS F 83 -6.04 -51.34 -54.63
N VAL F 84 -6.75 -50.79 -53.61
CA VAL F 84 -6.42 -50.94 -52.19
C VAL F 84 -6.66 -52.37 -51.76
N ALA F 85 -7.79 -52.96 -52.21
CA ALA F 85 -8.15 -54.34 -51.91
C ALA F 85 -7.10 -55.29 -52.46
N GLU F 86 -6.54 -54.98 -53.65
CA GLU F 86 -5.46 -55.73 -54.31
C GLU F 86 -4.18 -55.71 -53.45
N VAL F 87 -3.71 -54.49 -53.04
CA VAL F 87 -2.51 -54.28 -52.21
C VAL F 87 -2.64 -55.05 -50.89
N LYS F 88 -3.80 -54.91 -50.21
CA LYS F 88 -4.10 -55.62 -48.96
C LYS F 88 -4.06 -57.15 -49.13
N LYS F 89 -4.63 -57.67 -50.25
CA LYS F 89 -4.61 -59.10 -50.59
C LYS F 89 -3.17 -59.62 -50.69
N ASN F 90 -2.24 -58.76 -51.18
CA ASN F 90 -0.82 -59.01 -51.34
C ASN F 90 0.00 -58.77 -50.04
N GLY F 91 -0.70 -58.65 -48.91
CA GLY F 91 -0.13 -58.52 -47.57
C GLY F 91 0.81 -57.34 -47.35
N ARG F 92 0.49 -56.20 -48.00
CA ARG F 92 1.23 -54.93 -47.88
C ARG F 92 0.26 -53.89 -47.33
N ILE F 93 0.80 -52.92 -46.56
CA ILE F 93 0.05 -51.80 -46.00
C ILE F 93 -0.19 -50.86 -47.16
N SER F 94 -1.43 -50.47 -47.41
CA SER F 94 -1.68 -49.52 -48.49
C SER F 94 -1.32 -48.11 -48.05
N LEU F 95 -0.67 -47.37 -48.94
CA LEU F 95 -0.28 -45.99 -48.71
C LEU F 95 -0.79 -45.17 -49.88
N VAL F 96 -1.95 -44.55 -49.68
CA VAL F 96 -2.60 -43.72 -50.69
C VAL F 96 -2.02 -42.31 -50.61
N LEU F 97 -1.49 -41.82 -51.74
CA LEU F 97 -0.99 -40.46 -51.84
C LEU F 97 -2.05 -39.66 -52.60
N GLY F 98 -2.75 -38.79 -51.88
CA GLY F 98 -3.79 -37.94 -52.45
C GLY F 98 -3.25 -36.63 -52.99
N GLY F 99 -4.09 -35.82 -53.63
CA GLY F 99 -5.51 -36.05 -53.81
C GLY F 99 -6.35 -35.60 -52.63
N ASP F 100 -7.58 -35.14 -52.90
CA ASP F 100 -8.50 -34.69 -51.87
C ASP F 100 -9.00 -35.84 -50.99
N HIS F 101 -9.59 -35.50 -49.82
CA HIS F 101 -10.05 -36.49 -48.87
C HIS F 101 -11.26 -37.33 -49.35
N SER F 102 -11.96 -36.99 -50.49
CA SER F 102 -13.12 -37.80 -50.94
C SER F 102 -12.73 -39.24 -51.25
N LEU F 103 -11.45 -39.44 -51.63
CA LEU F 103 -10.80 -40.71 -51.92
C LEU F 103 -10.82 -41.72 -50.75
N ALA F 104 -11.07 -41.24 -49.50
CA ALA F 104 -11.16 -42.09 -48.32
C ALA F 104 -12.34 -43.08 -48.42
N ILE F 105 -13.37 -42.77 -49.24
CA ILE F 105 -14.51 -43.65 -49.50
C ILE F 105 -13.92 -44.93 -50.09
N GLY F 106 -13.16 -44.79 -51.16
CA GLY F 106 -12.46 -45.88 -51.82
C GLY F 106 -11.38 -46.53 -50.98
N SER F 107 -10.50 -45.69 -50.38
CA SER F 107 -9.41 -46.15 -49.51
C SER F 107 -9.87 -47.05 -48.36
N ILE F 108 -10.89 -46.62 -47.60
CA ILE F 108 -11.42 -47.39 -46.46
C ILE F 108 -12.29 -48.58 -46.97
N SER F 109 -13.09 -48.39 -48.07
CA SER F 109 -13.92 -49.47 -48.62
C SER F 109 -13.11 -50.68 -49.08
N GLY F 110 -12.02 -50.42 -49.82
CA GLY F 110 -11.11 -51.44 -50.35
C GLY F 110 -10.34 -52.15 -49.26
N HIS F 111 -10.00 -51.42 -48.21
CA HIS F 111 -9.30 -51.94 -47.05
C HIS F 111 -10.25 -52.83 -46.24
N ALA F 112 -11.51 -52.39 -46.05
CA ALA F 112 -12.54 -53.13 -45.31
C ALA F 112 -12.95 -54.42 -46.00
N ARG F 113 -12.86 -54.48 -47.36
CA ARG F 113 -13.15 -55.70 -48.11
C ARG F 113 -12.27 -56.84 -47.58
N VAL F 114 -10.96 -56.56 -47.36
CA VAL F 114 -9.97 -57.51 -46.86
C VAL F 114 -9.97 -57.58 -45.31
N HIS F 115 -10.17 -56.43 -44.64
CA HIS F 115 -10.21 -56.36 -43.18
C HIS F 115 -11.51 -55.68 -42.68
N PRO F 116 -12.65 -56.41 -42.58
CA PRO F 116 -13.89 -55.76 -42.11
C PRO F 116 -13.86 -55.29 -40.64
N ASP F 117 -12.97 -55.88 -39.83
CA ASP F 117 -12.83 -55.53 -38.41
C ASP F 117 -11.98 -54.26 -38.13
N LEU F 118 -11.47 -53.58 -39.20
CA LEU F 118 -10.59 -52.41 -39.09
C LEU F 118 -11.19 -51.22 -38.32
N GLY F 119 -10.29 -50.49 -37.67
CA GLY F 119 -10.58 -49.26 -36.93
C GLY F 119 -9.95 -48.09 -37.64
N VAL F 120 -10.65 -46.94 -37.66
CA VAL F 120 -10.22 -45.74 -38.34
C VAL F 120 -9.78 -44.61 -37.38
N ILE F 121 -8.62 -44.00 -37.69
CA ILE F 121 -8.10 -42.82 -37.01
C ILE F 121 -8.12 -41.71 -38.05
N TRP F 122 -8.96 -40.71 -37.83
CA TRP F 122 -9.14 -39.58 -38.74
C TRP F 122 -8.50 -38.33 -38.14
N VAL F 123 -7.36 -37.91 -38.73
CA VAL F 123 -6.57 -36.75 -38.31
C VAL F 123 -6.88 -35.69 -39.33
N ASP F 124 -7.54 -34.63 -38.89
CA ASP F 124 -8.04 -33.58 -39.76
C ASP F 124 -8.54 -32.41 -38.88
N ALA F 125 -8.65 -31.18 -39.43
CA ALA F 125 -9.23 -30.06 -38.69
C ALA F 125 -10.75 -30.23 -38.80
N HIS F 126 -11.17 -31.12 -39.73
CA HIS F 126 -12.53 -31.36 -40.16
C HIS F 126 -13.07 -32.77 -39.92
N THR F 127 -14.41 -32.87 -39.73
CA THR F 127 -15.11 -34.15 -39.53
C THR F 127 -15.39 -34.89 -40.85
N ASP F 128 -15.56 -34.15 -41.96
CA ASP F 128 -15.84 -34.71 -43.31
C ASP F 128 -17.03 -35.71 -43.27
N ILE F 129 -18.03 -35.40 -42.44
CA ILE F 129 -19.19 -36.24 -42.16
C ILE F 129 -20.52 -35.60 -42.67
N ASN F 130 -20.44 -34.57 -43.55
CA ASN F 130 -21.65 -33.99 -44.14
C ASN F 130 -22.22 -35.01 -45.12
N THR F 131 -23.54 -35.04 -45.26
CA THR F 131 -24.26 -35.92 -46.18
C THR F 131 -24.55 -35.10 -47.44
N PRO F 132 -24.96 -35.70 -48.59
CA PRO F 132 -25.28 -34.86 -49.77
C PRO F 132 -26.41 -33.86 -49.55
N LEU F 133 -27.17 -34.04 -48.45
CA LEU F 133 -28.28 -33.20 -48.03
C LEU F 133 -27.87 -32.14 -47.00
N THR F 134 -26.91 -32.46 -46.11
CA THR F 134 -26.48 -31.50 -45.09
C THR F 134 -25.39 -30.53 -45.60
N THR F 135 -24.68 -30.88 -46.70
CA THR F 135 -23.63 -30.03 -47.26
C THR F 135 -24.17 -28.68 -47.76
N THR F 136 -23.48 -27.59 -47.43
CA THR F 136 -23.85 -26.23 -47.84
C THR F 136 -22.86 -25.73 -48.89
N SER F 137 -21.98 -26.61 -49.37
CA SER F 137 -20.93 -26.31 -50.35
C SER F 137 -20.99 -27.25 -51.55
N GLY F 138 -21.47 -28.48 -51.32
CA GLY F 138 -21.58 -29.54 -52.33
C GLY F 138 -20.28 -30.24 -52.67
N ASN F 139 -19.21 -29.95 -51.90
CA ASN F 139 -17.89 -30.53 -52.12
C ASN F 139 -17.76 -31.88 -51.40
N LEU F 140 -17.55 -32.93 -52.20
CA LEU F 140 -17.47 -34.31 -51.74
C LEU F 140 -16.26 -34.64 -50.82
N HIS F 141 -15.20 -33.82 -50.78
CA HIS F 141 -14.05 -34.04 -49.89
C HIS F 141 -14.42 -33.76 -48.40
N GLY F 142 -15.57 -33.12 -48.20
CA GLY F 142 -16.13 -32.79 -46.88
C GLY F 142 -17.32 -33.66 -46.54
N GLN F 143 -17.44 -34.80 -47.27
CA GLN F 143 -18.51 -35.77 -47.12
C GLN F 143 -18.08 -37.26 -46.95
N PRO F 144 -16.78 -37.67 -47.06
CA PRO F 144 -16.46 -39.12 -47.07
C PRO F 144 -17.00 -39.99 -45.95
N VAL F 145 -16.91 -39.55 -44.69
CA VAL F 145 -17.34 -40.35 -43.53
C VAL F 145 -18.85 -40.70 -43.60
N SER F 146 -19.72 -39.80 -44.11
CA SER F 146 -21.17 -40.07 -44.23
C SER F 146 -21.48 -41.27 -45.13
N PHE F 147 -20.72 -41.41 -46.23
CA PHE F 147 -20.80 -42.49 -47.20
C PHE F 147 -20.37 -43.83 -46.61
N LEU F 148 -19.40 -43.82 -45.68
CA LEU F 148 -18.83 -45.01 -45.07
C LEU F 148 -19.55 -45.49 -43.79
N LEU F 149 -20.28 -44.61 -43.09
CA LEU F 149 -20.94 -44.98 -41.85
C LEU F 149 -22.24 -45.78 -42.04
N LYS F 150 -22.33 -46.92 -41.33
CA LYS F 150 -23.46 -47.87 -41.35
C LYS F 150 -24.71 -47.28 -40.71
N GLU F 151 -24.53 -46.41 -39.69
CA GLU F 151 -25.61 -45.73 -38.94
C GLU F 151 -26.22 -44.59 -39.75
N LEU F 152 -25.58 -44.18 -40.85
CA LEU F 152 -26.11 -43.12 -41.72
C LEU F 152 -26.74 -43.70 -42.99
N LYS F 153 -26.83 -45.06 -43.07
CA LYS F 153 -27.47 -45.72 -44.20
C LYS F 153 -28.97 -45.54 -43.97
N GLY F 154 -29.54 -44.62 -44.72
CA GLY F 154 -30.93 -44.19 -44.62
C GLY F 154 -31.04 -42.69 -44.75
N LYS F 155 -29.89 -41.99 -44.70
CA LYS F 155 -29.77 -40.53 -44.82
C LYS F 155 -28.93 -40.16 -46.06
N ILE F 156 -28.38 -41.18 -46.76
CA ILE F 156 -27.58 -40.95 -47.98
C ILE F 156 -28.47 -41.28 -49.18
N PRO F 157 -28.79 -40.30 -50.06
CA PRO F 157 -29.64 -40.62 -51.22
C PRO F 157 -28.86 -41.23 -52.37
N ASP F 158 -29.55 -41.78 -53.40
CA ASP F 158 -28.89 -42.37 -54.56
C ASP F 158 -28.21 -41.27 -55.37
N VAL F 159 -26.88 -41.13 -55.20
CA VAL F 159 -26.03 -40.15 -55.87
C VAL F 159 -25.35 -40.84 -57.08
N PRO F 160 -25.33 -40.22 -58.29
CA PRO F 160 -24.68 -40.89 -59.45
C PRO F 160 -23.18 -41.17 -59.29
N GLY F 161 -22.83 -42.43 -59.51
CA GLY F 161 -21.47 -42.93 -59.41
C GLY F 161 -21.16 -43.58 -58.07
N PHE F 162 -22.11 -43.52 -57.12
CA PHE F 162 -21.93 -44.07 -55.77
C PHE F 162 -22.73 -45.36 -55.49
N SER F 163 -23.35 -45.95 -56.54
CA SER F 163 -24.12 -47.18 -56.47
C SER F 163 -23.31 -48.36 -55.85
N TRP F 164 -22.00 -48.46 -56.18
CA TRP F 164 -21.05 -49.48 -55.71
C TRP F 164 -20.81 -49.44 -54.19
N VAL F 165 -21.00 -48.27 -53.56
CA VAL F 165 -20.75 -48.04 -52.12
C VAL F 165 -21.66 -48.88 -51.21
N THR F 166 -21.04 -49.54 -50.21
CA THR F 166 -21.69 -50.30 -49.15
C THR F 166 -21.03 -49.82 -47.84
N PRO F 167 -21.78 -49.16 -46.92
CA PRO F 167 -21.17 -48.71 -45.65
C PRO F 167 -20.43 -49.82 -44.92
N CYS F 168 -19.16 -49.59 -44.58
CA CYS F 168 -18.33 -50.62 -43.97
C CYS F 168 -17.95 -50.37 -42.51
N ILE F 169 -18.14 -49.13 -42.01
CA ILE F 169 -17.76 -48.84 -40.63
C ILE F 169 -18.92 -48.36 -39.76
N SER F 170 -18.89 -48.78 -38.49
CA SER F 170 -19.85 -48.35 -37.48
C SER F 170 -19.26 -47.11 -36.80
N ALA F 171 -20.13 -46.23 -36.26
CA ALA F 171 -19.76 -45.01 -35.53
C ALA F 171 -18.72 -45.27 -34.43
N LYS F 172 -18.70 -46.51 -33.89
CA LYS F 172 -17.78 -46.96 -32.84
C LYS F 172 -16.36 -47.28 -33.33
N ASP F 173 -16.17 -47.43 -34.65
CA ASP F 173 -14.86 -47.80 -35.22
C ASP F 173 -14.08 -46.61 -35.83
N ILE F 174 -14.32 -45.40 -35.34
CA ILE F 174 -13.65 -44.20 -35.85
C ILE F 174 -13.35 -43.21 -34.73
N VAL F 175 -12.09 -42.74 -34.65
CA VAL F 175 -11.66 -41.72 -33.69
C VAL F 175 -11.12 -40.51 -34.44
N TYR F 176 -11.70 -39.33 -34.19
CA TYR F 176 -11.22 -38.08 -34.80
C TYR F 176 -10.19 -37.44 -33.87
N ILE F 177 -9.13 -36.85 -34.45
CA ILE F 177 -8.09 -36.11 -33.72
C ILE F 177 -7.79 -34.83 -34.50
N GLY F 178 -7.95 -33.70 -33.82
CA GLY F 178 -7.62 -32.39 -34.36
C GLY F 178 -8.75 -31.46 -34.76
N LEU F 179 -10.01 -31.87 -34.53
CA LEU F 179 -11.21 -31.12 -34.91
C LEU F 179 -11.25 -29.66 -34.41
N ARG F 180 -11.47 -28.71 -35.33
CA ARG F 180 -11.55 -27.28 -34.99
C ARG F 180 -12.37 -26.43 -36.00
N ASP F 181 -12.99 -27.08 -37.01
CA ASP F 181 -13.86 -26.45 -38.02
C ASP F 181 -14.92 -27.46 -38.42
N VAL F 182 -15.92 -27.64 -37.52
CA VAL F 182 -17.03 -28.59 -37.65
C VAL F 182 -18.33 -27.83 -37.95
N ASP F 183 -18.98 -28.16 -39.11
CA ASP F 183 -20.24 -27.52 -39.49
C ASP F 183 -21.42 -27.93 -38.54
N PRO F 184 -22.49 -27.10 -38.38
CA PRO F 184 -23.61 -27.46 -37.47
C PRO F 184 -24.23 -28.84 -37.65
N GLY F 185 -24.45 -29.23 -38.91
CA GLY F 185 -24.98 -30.54 -39.25
C GLY F 185 -24.03 -31.65 -38.85
N GLU F 186 -22.73 -31.43 -39.10
CA GLU F 186 -21.67 -32.36 -38.73
C GLU F 186 -21.60 -32.55 -37.21
N HIS F 187 -21.67 -31.44 -36.44
CA HIS F 187 -21.64 -31.50 -34.98
C HIS F 187 -22.85 -32.30 -34.47
N TYR F 188 -24.04 -32.06 -35.08
CA TYR F 188 -25.26 -32.80 -34.76
C TYR F 188 -25.01 -34.31 -34.95
N ILE F 189 -24.56 -34.74 -36.16
CA ILE F 189 -24.26 -36.15 -36.49
C ILE F 189 -23.29 -36.77 -35.48
N LEU F 190 -22.14 -36.10 -35.25
CA LEU F 190 -21.08 -36.50 -34.31
C LEU F 190 -21.59 -36.80 -32.88
N LYS F 191 -22.41 -35.90 -32.33
CA LYS F 191 -22.93 -36.02 -30.97
C LYS F 191 -24.08 -37.04 -30.88
N THR F 192 -24.97 -37.09 -31.89
CA THR F 192 -26.10 -38.04 -31.91
C THR F 192 -25.65 -39.48 -32.17
N LEU F 193 -24.54 -39.67 -32.91
CA LEU F 193 -24.03 -41.01 -33.17
C LEU F 193 -23.08 -41.49 -32.08
N GLY F 194 -22.65 -40.55 -31.23
CA GLY F 194 -21.76 -40.82 -30.12
C GLY F 194 -20.36 -41.27 -30.52
N ILE F 195 -19.85 -40.71 -31.61
CA ILE F 195 -18.51 -41.00 -32.13
C ILE F 195 -17.45 -40.45 -31.14
N LYS F 196 -16.37 -41.20 -30.90
CA LYS F 196 -15.25 -40.78 -30.05
C LYS F 196 -14.43 -39.72 -30.82
N TYR F 197 -14.15 -38.57 -30.19
CA TYR F 197 -13.39 -37.51 -30.86
C TYR F 197 -12.53 -36.71 -29.89
N PHE F 198 -11.46 -36.17 -30.43
CA PHE F 198 -10.57 -35.31 -29.69
C PHE F 198 -10.41 -34.06 -30.51
N SER F 199 -11.21 -33.04 -30.20
CA SER F 199 -11.07 -31.75 -30.87
C SER F 199 -9.81 -31.10 -30.28
N MET F 200 -9.37 -29.94 -30.80
CA MET F 200 -8.18 -29.28 -30.25
C MET F 200 -8.30 -29.01 -28.75
N THR F 201 -9.54 -28.86 -28.24
CA THR F 201 -9.92 -28.63 -26.84
C THR F 201 -9.48 -29.78 -25.98
N GLU F 202 -9.78 -31.00 -26.41
CA GLU F 202 -9.40 -32.24 -25.73
C GLU F 202 -7.88 -32.44 -25.79
N VAL F 203 -7.22 -32.02 -26.90
CA VAL F 203 -5.74 -32.12 -27.05
C VAL F 203 -5.08 -31.14 -26.04
N ASP F 204 -5.59 -29.92 -25.95
CA ASP F 204 -5.16 -28.87 -25.03
C ASP F 204 -5.36 -29.29 -23.60
N ARG F 205 -6.54 -29.88 -23.30
CA ARG F 205 -6.93 -30.35 -21.97
C ARG F 205 -6.10 -31.51 -21.48
N LEU F 206 -5.92 -32.54 -22.31
CA LEU F 206 -5.25 -33.78 -21.94
C LEU F 206 -3.78 -33.94 -22.29
N GLY F 207 -3.33 -33.26 -23.35
CA GLY F 207 -2.00 -33.44 -23.91
C GLY F 207 -2.10 -34.58 -24.91
N ILE F 208 -1.24 -34.57 -25.95
CA ILE F 208 -1.26 -35.60 -27.01
C ILE F 208 -0.89 -37.03 -26.46
N GLY F 209 -0.22 -37.10 -25.29
CA GLY F 209 0.13 -38.37 -24.65
C GLY F 209 -1.10 -39.18 -24.32
N LYS F 210 -1.99 -38.60 -23.48
CA LYS F 210 -3.26 -39.19 -23.05
C LYS F 210 -4.26 -39.32 -24.23
N VAL F 211 -4.21 -38.39 -25.22
CA VAL F 211 -5.10 -38.46 -26.38
C VAL F 211 -4.85 -39.80 -27.12
N MET F 212 -3.58 -40.11 -27.39
CA MET F 212 -3.18 -41.35 -28.08
C MET F 212 -3.43 -42.58 -27.24
N GLU F 213 -3.21 -42.44 -25.93
CA GLU F 213 -3.42 -43.47 -24.93
C GLU F 213 -4.92 -43.85 -24.92
N GLU F 214 -5.80 -42.84 -24.95
CA GLU F 214 -7.24 -43.04 -25.01
C GLU F 214 -7.75 -43.53 -26.36
N THR F 215 -7.15 -43.04 -27.47
CA THR F 215 -7.51 -43.40 -28.85
C THR F 215 -7.26 -44.87 -29.11
N LEU F 216 -6.08 -45.34 -28.71
CA LEU F 216 -5.65 -46.70 -28.95
C LEU F 216 -6.30 -47.68 -28.00
N SER F 217 -6.52 -47.30 -26.71
CA SER F 217 -7.23 -48.21 -25.79
C SER F 217 -8.69 -48.39 -26.18
N TYR F 218 -9.33 -47.33 -26.75
CA TYR F 218 -10.72 -47.34 -27.23
C TYR F 218 -10.87 -48.27 -28.42
N LEU F 219 -10.03 -48.11 -29.47
CA LEU F 219 -10.07 -48.93 -30.68
C LEU F 219 -9.55 -50.35 -30.48
N LEU F 220 -8.50 -50.53 -29.65
CA LEU F 220 -7.87 -51.85 -29.42
C LEU F 220 -8.04 -52.38 -27.96
N GLY F 221 -9.26 -52.26 -27.45
CA GLY F 221 -9.60 -52.69 -26.09
C GLY F 221 -10.04 -54.15 -26.04
N ARG F 222 -11.04 -54.49 -26.88
CA ARG F 222 -11.62 -55.83 -27.01
C ARG F 222 -10.59 -56.82 -27.59
N LYS F 223 -9.98 -56.47 -28.75
CA LYS F 223 -8.99 -57.29 -29.46
C LYS F 223 -8.04 -56.43 -30.33
N LYS F 224 -6.84 -56.98 -30.65
CA LYS F 224 -5.84 -56.32 -31.52
C LYS F 224 -6.38 -56.35 -32.96
N ARG F 225 -6.78 -55.19 -33.50
CA ARG F 225 -7.36 -55.14 -34.85
C ARG F 225 -6.56 -54.24 -35.83
N PRO F 226 -6.79 -54.37 -37.17
CA PRO F 226 -6.01 -53.55 -38.11
C PRO F 226 -6.45 -52.09 -38.11
N ILE F 227 -5.48 -51.17 -38.13
CA ILE F 227 -5.72 -49.73 -38.08
C ILE F 227 -5.60 -49.07 -39.45
N HIS F 228 -6.56 -48.19 -39.73
CA HIS F 228 -6.54 -47.36 -40.91
C HIS F 228 -6.42 -45.95 -40.42
N LEU F 229 -5.31 -45.29 -40.75
CA LEU F 229 -5.09 -43.89 -40.45
C LEU F 229 -5.31 -43.10 -41.73
N SER F 230 -6.29 -42.18 -41.71
CA SER F 230 -6.58 -41.27 -42.82
C SER F 230 -6.11 -39.88 -42.33
N PHE F 231 -4.96 -39.44 -42.86
CA PHE F 231 -4.32 -38.20 -42.44
C PHE F 231 -4.54 -37.06 -43.42
N ASP F 232 -5.27 -36.05 -42.96
CA ASP F 232 -5.47 -34.83 -43.75
C ASP F 232 -4.45 -33.85 -43.18
N VAL F 233 -3.51 -33.40 -44.04
CA VAL F 233 -2.41 -32.49 -43.69
C VAL F 233 -2.91 -31.21 -43.02
N ASP F 234 -4.18 -30.82 -43.24
CA ASP F 234 -4.75 -29.63 -42.60
C ASP F 234 -5.09 -29.88 -41.10
N GLY F 235 -4.93 -31.12 -40.63
CA GLY F 235 -5.06 -31.46 -39.22
C GLY F 235 -3.96 -30.76 -38.44
N LEU F 236 -2.79 -30.62 -39.10
CA LEU F 236 -1.63 -29.90 -38.61
C LEU F 236 -1.81 -28.42 -38.83
N ASP F 237 -1.14 -27.61 -38.01
CA ASP F 237 -1.24 -26.17 -38.07
C ASP F 237 -0.76 -25.59 -39.40
N PRO F 238 -1.40 -24.51 -39.93
CA PRO F 238 -0.93 -23.92 -41.21
C PRO F 238 0.54 -23.49 -41.20
N SER F 239 1.14 -23.31 -39.99
CA SER F 239 2.56 -22.96 -39.86
C SER F 239 3.47 -24.11 -40.30
N PHE F 240 2.90 -25.34 -40.40
CA PHE F 240 3.62 -26.54 -40.83
C PHE F 240 3.14 -27.07 -42.19
N THR F 241 1.82 -27.02 -42.45
CA THR F 241 1.30 -27.50 -43.73
C THR F 241 0.52 -26.37 -44.44
N PRO F 242 1.17 -25.23 -44.84
CA PRO F 242 0.40 -24.14 -45.47
C PRO F 242 -0.21 -24.46 -46.85
N ALA F 243 0.46 -25.28 -47.69
CA ALA F 243 -0.03 -25.64 -49.04
C ALA F 243 -1.17 -26.68 -49.01
N THR F 244 -2.37 -26.20 -48.61
CA THR F 244 -3.59 -27.00 -48.44
C THR F 244 -4.83 -26.14 -48.72
N GLY F 245 -5.93 -26.80 -49.09
CA GLY F 245 -7.17 -26.15 -49.50
C GLY F 245 -7.95 -25.43 -48.43
N THR F 246 -8.19 -26.09 -47.30
CA THR F 246 -8.98 -25.51 -46.20
C THR F 246 -8.16 -25.39 -44.88
N PRO F 247 -7.12 -24.49 -44.80
CA PRO F 247 -6.35 -24.37 -43.54
C PRO F 247 -7.11 -23.67 -42.42
N VAL F 248 -6.91 -24.13 -41.18
CA VAL F 248 -7.53 -23.60 -39.95
C VAL F 248 -6.44 -23.42 -38.86
N VAL F 249 -6.40 -22.23 -38.25
CA VAL F 249 -5.44 -21.87 -37.20
C VAL F 249 -5.65 -22.73 -35.93
N GLY F 250 -4.63 -22.81 -35.09
CA GLY F 250 -4.67 -23.52 -33.82
C GLY F 250 -4.65 -25.03 -33.95
N GLY F 251 -3.95 -25.49 -34.98
CA GLY F 251 -3.81 -26.90 -35.32
C GLY F 251 -2.82 -27.68 -34.50
N LEU F 252 -2.71 -28.98 -34.79
CA LEU F 252 -1.73 -29.85 -34.14
C LEU F 252 -0.35 -29.38 -34.54
N THR F 253 0.60 -29.47 -33.61
CA THR F 253 1.98 -29.08 -33.89
C THR F 253 2.68 -30.20 -34.65
N TYR F 254 3.89 -29.93 -35.18
CA TYR F 254 4.75 -30.87 -35.89
C TYR F 254 5.05 -32.08 -34.94
N ARG F 255 5.39 -31.75 -33.69
CA ARG F 255 5.67 -32.67 -32.61
C ARG F 255 4.50 -33.60 -32.36
N GLU F 256 3.29 -33.03 -32.14
CA GLU F 256 2.03 -33.75 -31.92
C GLU F 256 1.74 -34.72 -33.06
N GLY F 257 1.87 -34.24 -34.29
CA GLY F 257 1.68 -35.01 -35.50
C GLY F 257 2.63 -36.19 -35.60
N LEU F 258 3.92 -35.98 -35.21
CA LEU F 258 4.92 -37.05 -35.19
C LEU F 258 4.60 -38.03 -34.06
N TYR F 259 4.13 -37.51 -32.91
CA TYR F 259 3.77 -38.36 -31.78
C TYR F 259 2.57 -39.28 -32.10
N ILE F 260 1.54 -38.77 -32.81
CA ILE F 260 0.38 -39.56 -33.20
C ILE F 260 0.84 -40.78 -33.98
N THR F 261 1.57 -40.54 -35.08
CA THR F 261 2.09 -41.53 -36.03
C THR F 261 3.13 -42.45 -35.41
N GLU F 262 4.02 -41.91 -34.53
CA GLU F 262 5.01 -42.74 -33.80
C GLU F 262 4.29 -43.85 -33.02
N GLU F 263 3.26 -43.47 -32.24
CA GLU F 263 2.48 -44.39 -31.40
C GLU F 263 1.68 -45.38 -32.21
N ILE F 264 1.07 -44.95 -33.34
CA ILE F 264 0.34 -45.83 -34.27
C ILE F 264 1.30 -46.91 -34.80
N TYR F 265 2.53 -46.51 -35.23
CA TYR F 265 3.56 -47.46 -35.70
C TYR F 265 3.84 -48.53 -34.63
N LYS F 266 4.14 -48.07 -33.40
CA LYS F 266 4.46 -48.88 -32.23
C LYS F 266 3.45 -50.03 -31.95
N THR F 267 2.15 -49.84 -32.31
CA THR F 267 1.12 -50.87 -32.13
C THR F 267 1.35 -52.09 -33.06
N GLY F 268 2.05 -51.86 -34.17
CA GLY F 268 2.32 -52.85 -35.21
C GLY F 268 1.06 -53.25 -35.95
N LEU F 269 -0.02 -52.45 -35.81
CA LEU F 269 -1.31 -52.77 -36.41
C LEU F 269 -1.75 -51.88 -37.56
N LEU F 270 -0.92 -50.94 -38.02
CA LEU F 270 -1.23 -50.08 -39.18
C LEU F 270 -1.40 -51.00 -40.43
N SER F 271 -2.54 -50.87 -41.17
CA SER F 271 -2.82 -51.65 -42.39
C SER F 271 -3.12 -50.73 -43.55
N GLY F 272 -3.59 -49.54 -43.24
CA GLY F 272 -3.95 -48.57 -44.26
C GLY F 272 -3.53 -47.18 -43.87
N LEU F 273 -3.01 -46.43 -44.86
CA LEU F 273 -2.59 -45.06 -44.64
C LEU F 273 -2.95 -44.13 -45.82
N ASP F 274 -3.50 -42.95 -45.49
CA ASP F 274 -3.89 -41.91 -46.44
C ASP F 274 -3.17 -40.61 -46.13
N ILE F 275 -2.44 -40.04 -47.12
CA ILE F 275 -1.76 -38.74 -47.01
C ILE F 275 -2.49 -37.84 -47.99
N MET F 276 -3.42 -37.02 -47.47
CA MET F 276 -4.36 -36.23 -48.26
C MET F 276 -4.30 -34.71 -48.10
N GLU F 277 -4.75 -34.00 -49.16
CA GLU F 277 -4.95 -32.54 -49.26
C GLU F 277 -3.66 -31.72 -49.39
N VAL F 278 -2.55 -32.37 -49.81
CA VAL F 278 -1.29 -31.66 -50.09
C VAL F 278 -1.51 -31.05 -51.48
N ASN F 279 -1.71 -29.72 -51.53
CA ASN F 279 -1.93 -29.00 -52.78
C ASN F 279 -0.74 -28.07 -53.04
N PRO F 280 0.21 -28.52 -53.90
CA PRO F 280 1.40 -27.69 -54.19
C PRO F 280 1.11 -26.39 -54.95
N SER F 281 -0.15 -26.14 -55.37
CA SER F 281 -0.51 -24.90 -56.05
C SER F 281 -0.97 -23.83 -55.04
N LEU F 282 -1.12 -24.18 -53.75
CA LEU F 282 -1.65 -23.24 -52.77
C LEU F 282 -0.63 -22.66 -51.79
N GLY F 283 0.65 -22.79 -52.09
CA GLY F 283 1.67 -22.15 -51.28
C GLY F 283 1.82 -20.69 -51.69
N LYS F 284 2.01 -19.79 -50.71
CA LYS F 284 2.21 -18.36 -50.94
C LYS F 284 3.59 -18.13 -51.58
N THR F 285 4.60 -18.91 -51.12
CA THR F 285 5.97 -18.89 -51.57
C THR F 285 6.37 -20.34 -51.92
N PRO F 286 7.42 -20.60 -52.75
CA PRO F 286 7.86 -21.99 -52.99
C PRO F 286 8.29 -22.74 -51.72
N GLU F 287 8.80 -22.02 -50.70
CA GLU F 287 9.22 -22.55 -49.40
C GLU F 287 8.01 -23.16 -48.69
N GLU F 288 6.86 -22.46 -48.72
CA GLU F 288 5.60 -22.91 -48.12
C GLU F 288 5.13 -24.25 -48.70
N VAL F 289 5.41 -24.49 -50.00
CA VAL F 289 5.10 -25.75 -50.67
C VAL F 289 6.03 -26.83 -50.10
N THR F 290 7.37 -26.59 -50.12
CA THR F 290 8.38 -27.51 -49.63
C THR F 290 8.18 -27.88 -48.16
N ARG F 291 7.74 -26.91 -47.32
CA ARG F 291 7.46 -27.09 -45.90
C ARG F 291 6.34 -28.11 -45.74
N THR F 292 5.19 -27.88 -46.45
CA THR F 292 4.02 -28.78 -46.45
C THR F 292 4.44 -30.22 -46.86
N VAL F 293 5.13 -30.37 -48.01
CA VAL F 293 5.62 -31.65 -48.57
C VAL F 293 6.58 -32.33 -47.59
N ASN F 294 7.48 -31.56 -46.96
CA ASN F 294 8.41 -32.13 -45.99
C ASN F 294 7.69 -32.59 -44.72
N THR F 295 6.63 -31.87 -44.31
CA THR F 295 5.87 -32.27 -43.12
C THR F 295 5.11 -33.58 -43.41
N ALA F 296 4.50 -33.67 -44.63
CA ALA F 296 3.78 -34.87 -45.06
C ALA F 296 4.75 -36.06 -45.19
N VAL F 297 6.00 -35.81 -45.67
CA VAL F 297 7.01 -36.86 -45.82
C VAL F 297 7.40 -37.41 -44.45
N ALA F 298 7.72 -36.52 -43.47
CA ALA F 298 8.12 -36.87 -42.10
C ALA F 298 7.03 -37.60 -41.34
N ILE F 299 5.76 -37.19 -41.51
CA ILE F 299 4.62 -37.86 -40.87
C ILE F 299 4.58 -39.31 -41.35
N THR F 300 4.66 -39.50 -42.69
CA THR F 300 4.65 -40.80 -43.36
C THR F 300 5.81 -41.67 -42.86
N LEU F 301 7.02 -41.08 -42.71
CA LEU F 301 8.18 -41.84 -42.25
C LEU F 301 8.02 -42.36 -40.83
N ALA F 302 7.32 -41.58 -39.96
CA ALA F 302 7.05 -41.98 -38.57
C ALA F 302 6.09 -43.16 -38.52
N CYS F 303 5.22 -43.28 -39.53
CA CYS F 303 4.23 -44.35 -39.68
C CYS F 303 4.88 -45.68 -39.87
N PHE F 304 6.05 -45.71 -40.50
CA PHE F 304 6.73 -46.93 -40.86
C PHE F 304 8.06 -47.15 -40.13
N GLY F 305 8.18 -46.60 -38.92
CA GLY F 305 9.32 -46.87 -38.06
C GLY F 305 10.15 -45.76 -37.52
N LEU F 306 10.42 -44.74 -38.34
CA LEU F 306 11.30 -43.64 -37.98
C LEU F 306 10.90 -42.97 -36.68
N ALA F 307 11.75 -43.16 -35.65
CA ALA F 307 11.52 -42.60 -34.31
C ALA F 307 12.47 -41.42 -34.04
N ARG F 308 12.00 -40.42 -33.27
CA ARG F 308 12.84 -39.26 -32.93
C ARG F 308 13.99 -39.62 -31.98
N GLU F 309 13.77 -40.62 -31.10
CA GLU F 309 14.79 -41.12 -30.17
C GLU F 309 15.97 -41.80 -30.88
N GLY F 310 15.74 -42.20 -32.14
CA GLY F 310 16.74 -42.85 -32.99
C GLY F 310 16.31 -44.23 -33.43
N ASN F 311 17.07 -44.84 -34.35
CA ASN F 311 16.82 -46.19 -34.90
C ASN F 311 18.13 -46.91 -35.11
N HIS F 312 18.17 -48.25 -34.97
CA HIS F 312 19.35 -49.07 -35.26
C HIS F 312 19.00 -50.48 -35.76
N LYS F 313 19.81 -51.01 -36.71
CA LYS F 313 19.69 -52.37 -37.27
C LYS F 313 20.03 -53.42 -36.17
N PRO F 314 19.58 -54.70 -36.27
CA PRO F 314 19.92 -55.68 -35.19
C PRO F 314 21.36 -56.25 -35.30
N ILE F 315 22.35 -55.37 -35.08
CA ILE F 315 23.79 -55.63 -35.11
C ILE F 315 24.48 -54.87 -33.94
N ASP F 316 25.70 -55.32 -33.56
CA ASP F 316 26.51 -54.72 -32.50
C ASP F 316 27.29 -53.59 -33.13
N TYR F 317 26.96 -52.32 -32.81
CA TYR F 317 27.66 -51.16 -33.38
C TYR F 317 29.00 -50.85 -32.72
N LEU F 318 29.22 -51.38 -31.51
CA LEU F 318 30.47 -51.17 -30.75
C LEU F 318 31.58 -52.16 -31.15
N ASN F 319 31.26 -53.09 -32.07
CA ASN F 319 32.16 -54.08 -32.67
C ASN F 319 32.40 -53.70 -34.14
MN MN G . -3.75 33.62 7.41
MN MN H . -5.88 32.91 9.90
N1 VUS I . -12.24 30.64 7.65
C4 VUS I . -12.96 31.95 7.49
C5 VUS I . -12.09 32.81 6.60
C6 VUS I . -11.09 31.92 5.83
C7 VUS I . -9.71 32.58 5.59
C8 VUS I . -8.95 33.27 6.71
O VUS I . -11.06 31.73 2.24
C VUS I . -11.65 32.10 3.24
O1 VUS I . -12.28 33.23 3.33
C1 VUS I . -11.77 31.31 4.55
C3 VUS I . -11.00 30.66 6.74
C2 VUS I . -10.87 29.43 5.79
N VUS I . -11.12 29.96 4.42
C9 VUS I . -7.71 34.00 6.20
B VUS I . -6.67 34.21 7.37
O4 VUS I . -5.60 35.12 6.94
O3 VUS I . -5.96 33.00 7.78
O2 VUS I . -7.19 34.91 8.55
MN MN J . -21.56 12.87 35.88
MN MN K . -19.65 15.51 36.99
N1 VUS L . -19.15 16.15 44.02
C4 VUS L . -20.33 17.07 44.13
C5 VUS L . -21.53 16.19 43.85
C6 VUS L . -21.09 14.77 43.44
C7 VUS L . -21.89 14.24 42.24
C8 VUS L . -21.56 14.70 40.81
O VUS L . -22.39 11.86 45.16
C VUS L . -22.35 13.07 45.03
O1 VUS L . -23.39 13.88 45.14
C1 VUS L . -21.06 13.83 44.71
C3 VUS L . -19.58 14.96 43.19
C2 VUS L . -18.89 13.62 43.65
N VUS L . -19.95 12.88 44.43
C9 VUS L . -22.57 14.15 39.79
B VUS L . -22.09 14.49 38.34
O4 VUS L . -23.09 13.99 37.37
O3 VUS L . -20.86 13.84 37.94
O2 VUS L . -22.03 15.93 38.03
MN MN M . -2.66 -5.65 -18.41
MN MN N . -0.12 -6.87 -20.03
N1 VUS O . 6.28 -4.32 -17.86
C4 VUS O . 6.45 -3.10 -18.71
C5 VUS O . 5.20 -2.27 -18.49
C6 VUS O . 4.47 -2.76 -17.22
C7 VUS O . 2.95 -2.57 -17.34
C8 VUS O . 2.10 -3.38 -18.32
O VUS O . 4.41 0.11 -16.20
C VUS O . 4.40 -0.89 -15.35
O1 VUS O . 3.88 -0.85 -14.26
C1 VUS O . 5.10 -2.15 -15.92
C3 VUS O . 4.97 -4.23 -17.13
C2 VUS O . 5.10 -4.56 -15.62
N VUS O . 5.07 -3.24 -14.90
C9 VUS O . 0.61 -3.00 -18.22
B VUS O . -0.31 -3.98 -19.07
O4 VUS O . -1.71 -3.40 -19.21
O3 VUS O . -0.47 -5.32 -18.44
O2 VUS O . 0.13 -4.15 -20.50
MN MN P . 25.67 -30.77 -28.86
MN MN Q . 23.11 -30.46 -31.10
N1 VUS R . 23.45 -34.89 -36.91
C4 VUS R . 24.18 -33.82 -37.66
C5 VUS R . 25.52 -33.70 -36.94
C6 VUS R . 25.57 -34.61 -35.70
C7 VUS R . 26.20 -33.91 -34.48
C8 VUS R . 25.66 -32.61 -33.91
O VUS R . 28.30 -35.41 -36.78
C VUS R . 27.67 -36.23 -35.98
O1 VUS R . 28.21 -37.08 -35.29
C1 VUS R . 26.14 -36.03 -36.06
C3 VUS R . 24.07 -34.98 -35.52
C2 VUS R . 24.05 -36.43 -34.90
N VUS R . 25.45 -36.95 -35.10
C9 VUS R . 26.64 -32.01 -32.88
B VUS R . 25.97 -30.97 -31.89
O4 VUS R . 26.98 -30.43 -30.96
O3 VUS R . 24.93 -31.50 -31.02
O2 VUS R . 25.49 -29.78 -32.55
MN MN S . 10.22 34.81 44.41
MN MN T . 8.42 35.72 41.71
N1 VUS U . 11.50 41.09 37.82
C4 VUS U . 10.55 41.99 38.56
C5 VUS U . 11.09 42.02 39.98
C6 VUS U . 12.24 41.00 40.15
C7 VUS U . 12.12 40.20 41.46
C8 VUS U . 10.98 39.21 41.74
O VUS U . 15.47 41.87 41.53
C VUS U . 14.35 42.26 41.21
O1 VUS U . 13.65 43.14 41.86
C1 VUS U . 13.63 41.70 39.94
C3 VUS U . 12.13 40.17 38.84
C2 VUS U . 13.58 39.78 38.46
N VUS U . 14.48 40.68 39.26
C9 VUS U . 10.92 38.76 43.20
B VUS U . 9.75 37.69 43.42
O4 VUS U . 9.58 37.33 44.86
O3 VUS U . 9.99 36.38 42.78
O2 VUS U . 8.41 38.17 43.06
MN MN V . -10.41 -34.10 -44.63
MN MN W . -9.55 -31.10 -43.64
N1 VUS X . -14.80 -26.13 -43.74
C4 VUS X . -14.26 -25.75 -45.09
C5 VUS X . -14.63 -26.92 -45.98
C6 VUS X . -15.24 -28.07 -45.15
C7 VUS X . -14.68 -29.46 -45.48
C8 VUS X . -13.19 -29.73 -45.69
O VUS X . -17.06 -28.54 -47.46
C VUS X . -17.53 -28.80 -46.27
O1 VUS X . -18.43 -29.59 -46.05
C1 VUS X . -16.81 -28.00 -45.16
C3 VUS X . -14.94 -27.62 -43.70
C2 VUS X . -16.14 -28.09 -42.84
N VUS X . -17.19 -28.53 -43.82
C9 VUS X . -12.89 -31.13 -46.22
B VUS X . -11.40 -31.50 -45.85
O4 VUS X . -10.89 -32.60 -46.73
O3 VUS X . -11.25 -32.01 -44.49
O2 VUS X . -10.42 -30.41 -46.04
#